data_2K51
# 
_entry.id   2K51 
# 
_audit_conform.dict_name       mmcif_pdbx.dic 
_audit_conform.dict_version    5.397 
_audit_conform.dict_location   http://mmcif.pdb.org/dictionaries/ascii/mmcif_pdbx.dic 
# 
loop_
_database_2.database_id 
_database_2.database_code 
_database_2.pdbx_database_accession 
_database_2.pdbx_DOI 
PDB   2K51         pdb_00002k51 10.2210/pdb2k51/pdb 
RCSB  RCSB100684   ?            ?                   
WWPDB D_1000100684 ?            ?                   
# 
loop_
_pdbx_audit_revision_history.ordinal 
_pdbx_audit_revision_history.data_content_type 
_pdbx_audit_revision_history.major_revision 
_pdbx_audit_revision_history.minor_revision 
_pdbx_audit_revision_history.revision_date 
1 'Structure model' 1 0 2008-12-09 
2 'Structure model' 1 1 2011-07-13 
3 'Structure model' 1 2 2022-03-16 
4 'Structure model' 1 3 2024-10-16 
# 
_pdbx_audit_revision_details.ordinal             1 
_pdbx_audit_revision_details.revision_ordinal    1 
_pdbx_audit_revision_details.data_content_type   'Structure model' 
_pdbx_audit_revision_details.provider            repository 
_pdbx_audit_revision_details.type                'Initial release' 
_pdbx_audit_revision_details.description         ? 
_pdbx_audit_revision_details.details             ? 
# 
loop_
_pdbx_audit_revision_group.ordinal 
_pdbx_audit_revision_group.revision_ordinal 
_pdbx_audit_revision_group.data_content_type 
_pdbx_audit_revision_group.group 
1 2 'Structure model' 'Version format compliance' 
2 3 'Structure model' 'Data collection'           
3 3 'Structure model' 'Database references'       
4 3 'Structure model' 'Derived calculations'      
5 4 'Structure model' 'Data collection'           
6 4 'Structure model' 'Structure summary'         
# 
loop_
_pdbx_audit_revision_category.ordinal 
_pdbx_audit_revision_category.revision_ordinal 
_pdbx_audit_revision_category.data_content_type 
_pdbx_audit_revision_category.category 
1 3 'Structure model' database_2                
2 3 'Structure model' pdbx_nmr_software         
3 3 'Structure model' pdbx_struct_assembly      
4 3 'Structure model' pdbx_struct_oper_list     
5 4 'Structure model' chem_comp_atom            
6 4 'Structure model' chem_comp_bond            
7 4 'Structure model' pdbx_entry_details        
8 4 'Structure model' pdbx_modification_feature 
# 
loop_
_pdbx_audit_revision_item.ordinal 
_pdbx_audit_revision_item.revision_ordinal 
_pdbx_audit_revision_item.data_content_type 
_pdbx_audit_revision_item.item 
1 3 'Structure model' '_database_2.pdbx_DOI'                
2 3 'Structure model' '_database_2.pdbx_database_accession' 
3 3 'Structure model' '_pdbx_nmr_software.name'             
# 
_pdbx_database_status.deposit_site                    BMRB 
_pdbx_database_status.entry_id                        2K51 
_pdbx_database_status.process_site                    RCSB 
_pdbx_database_status.recvd_initial_deposition_date   2008-06-23 
_pdbx_database_status.SG_entry                        ? 
_pdbx_database_status.status_code                     REL 
_pdbx_database_status.status_code_mr                  REL 
_pdbx_database_status.status_code_sf                  ? 
_pdbx_database_status.pdb_format_compatible           Y 
_pdbx_database_status.status_code_cs                  ? 
_pdbx_database_status.status_code_nmr_data            ? 
_pdbx_database_status.methods_development_category    ? 
# 
loop_
_pdbx_database_related.content_type 
_pdbx_database_related.db_id 
_pdbx_database_related.db_name 
_pdbx_database_related.details 
unspecified 15806 BMRB 
'Entry containing experimentaL NMR restraints and 1H and 15N chemical shift assignments for the neurotrypsin kringle domain' 
unspecified 2K4R  PDB  'Entry containing the coordinates of ensemble of 29 structures of the neurotrypsin kringle domain' 
# 
_audit_author.name           'Ozhogina, O.A.' 
_audit_author.pdbx_ordinal   1 
# 
_citation.id                        primary 
_citation.title                     'NMR Solution Structure of the Neurotrypsin Kringle Domain' 
_citation.journal_abbrev            Biochemistry 
_citation.journal_volume            47 
_citation.page_first                12290 
_citation.page_last                 12298 
_citation.year                      2008 
_citation.journal_id_ASTM           BICHAW 
_citation.country                   US 
_citation.journal_id_ISSN           0006-2960 
_citation.journal_id_CSD            0033 
_citation.book_publisher            ? 
_citation.pdbx_database_id_PubMed   18956887 
_citation.pdbx_database_id_DOI      10.1021/bi800555z 
# 
loop_
_citation_author.citation_id 
_citation_author.name 
_citation_author.ordinal 
_citation_author.identifier_ORCID 
primary 'Ozhogina, O.A.' 1 ? 
primary 'Grishaev, A.'   2 ? 
primary 'Bominaar, E.L.' 3 ? 
primary 'Llinas, M.'     4 ? 
# 
_entity.id                         1 
_entity.type                       polymer 
_entity.src_method                 man 
_entity.pdbx_description           Neurotrypsin 
_entity.formula_weight             8542.461 
_entity.pdbx_number_of_molecules   1 
_entity.pdbx_ec                    3.4.21.- 
_entity.pdbx_mutation              ? 
_entity.pdbx_fragment              'KRINGLE DOMAIN, NT/K, sequence database residues 84-160' 
_entity.details                    
'FORMULA MASS: 8533 Da (NATURAL ABUNDANCE), 8635 Da (15N-ENRICHED), EXTINCTION COEFFICIENT (280 nm): 30855 M-1cm-1' 
# 
_entity_poly.entity_id                      1 
_entity_poly.type                           'polypeptide(L)' 
_entity_poly.nstd_linkage                   no 
_entity_poly.nstd_monomer                   no 
_entity_poly.pdbx_seq_one_letter_code       RCGAGEPWGNATNLGVPCLHWDEVPPFLERSPPASWAELRGQPHNFCRSPDGAGRPWCFYRNAQGKVDWGYCDCGQG 
_entity_poly.pdbx_seq_one_letter_code_can   RCGAGEPWGNATNLGVPCLHWDEVPPFLERSPPASWAELRGQPHNFCRSPDGAGRPWCFYRNAQGKVDWGYCDCGQG 
_entity_poly.pdbx_strand_id                 A 
_entity_poly.pdbx_target_identifier         ? 
# 
loop_
_entity_poly_seq.entity_id 
_entity_poly_seq.num 
_entity_poly_seq.mon_id 
_entity_poly_seq.hetero 
1 1  ARG n 
1 2  CYS n 
1 3  GLY n 
1 4  ALA n 
1 5  GLY n 
1 6  GLU n 
1 7  PRO n 
1 8  TRP n 
1 9  GLY n 
1 10 ASN n 
1 11 ALA n 
1 12 THR n 
1 13 ASN n 
1 14 LEU n 
1 15 GLY n 
1 16 VAL n 
1 17 PRO n 
1 18 CYS n 
1 19 LEU n 
1 20 HIS n 
1 21 TRP n 
1 22 ASP n 
1 23 GLU n 
1 24 VAL n 
1 25 PRO n 
1 26 PRO n 
1 27 PHE n 
1 28 LEU n 
1 29 GLU n 
1 30 ARG n 
1 31 SER n 
1 32 PRO n 
1 33 PRO n 
1 34 ALA n 
1 35 SER n 
1 36 TRP n 
1 37 ALA n 
1 38 GLU n 
1 39 LEU n 
1 40 ARG n 
1 41 GLY n 
1 42 GLN n 
1 43 PRO n 
1 44 HIS n 
1 45 ASN n 
1 46 PHE n 
1 47 CYS n 
1 48 ARG n 
1 49 SER n 
1 50 PRO n 
1 51 ASP n 
1 52 GLY n 
1 53 ALA n 
1 54 GLY n 
1 55 ARG n 
1 56 PRO n 
1 57 TRP n 
1 58 CYS n 
1 59 PHE n 
1 60 TYR n 
1 61 ARG n 
1 62 ASN n 
1 63 ALA n 
1 64 GLN n 
1 65 GLY n 
1 66 LYS n 
1 67 VAL n 
1 68 ASP n 
1 69 TRP n 
1 70 GLY n 
1 71 TYR n 
1 72 CYS n 
1 73 ASP n 
1 74 CYS n 
1 75 GLY n 
1 76 GLN n 
1 77 GLY n 
# 
_entity_src_gen.entity_id                          1 
_entity_src_gen.pdbx_src_id                        1 
_entity_src_gen.pdbx_alt_source_flag               sample 
_entity_src_gen.pdbx_seq_type                      ? 
_entity_src_gen.pdbx_beg_seq_num                   ? 
_entity_src_gen.pdbx_end_seq_num                   ? 
_entity_src_gen.gene_src_common_name               Rat 
_entity_src_gen.gene_src_genus                     ? 
_entity_src_gen.pdbx_gene_src_gene                 'Prss12, nt' 
_entity_src_gen.gene_src_species                   ? 
_entity_src_gen.gene_src_strain                    ? 
_entity_src_gen.gene_src_tissue                    ? 
_entity_src_gen.gene_src_tissue_fraction           ? 
_entity_src_gen.gene_src_details                   ? 
_entity_src_gen.pdbx_gene_src_fragment             ? 
_entity_src_gen.pdbx_gene_src_scientific_name      'Rattus norvegicus' 
_entity_src_gen.pdbx_gene_src_ncbi_taxonomy_id     10116 
_entity_src_gen.pdbx_gene_src_variant              ? 
_entity_src_gen.pdbx_gene_src_cell_line            ? 
_entity_src_gen.pdbx_gene_src_atcc                 ? 
_entity_src_gen.pdbx_gene_src_organ                ? 
_entity_src_gen.pdbx_gene_src_organelle            ? 
_entity_src_gen.pdbx_gene_src_cell                 ? 
_entity_src_gen.pdbx_gene_src_cellular_location    ? 
_entity_src_gen.host_org_common_name               ? 
_entity_src_gen.pdbx_host_org_scientific_name      'Escherichia coli' 
_entity_src_gen.pdbx_host_org_ncbi_taxonomy_id     562 
_entity_src_gen.host_org_genus                     ? 
_entity_src_gen.pdbx_host_org_gene                 ? 
_entity_src_gen.pdbx_host_org_organ                ? 
_entity_src_gen.host_org_species                   ? 
_entity_src_gen.pdbx_host_org_tissue               ? 
_entity_src_gen.pdbx_host_org_tissue_fraction      ? 
_entity_src_gen.pdbx_host_org_strain               JM-109 
_entity_src_gen.pdbx_host_org_variant              ? 
_entity_src_gen.pdbx_host_org_cell_line            ? 
_entity_src_gen.pdbx_host_org_atcc                 ? 
_entity_src_gen.pdbx_host_org_culture_collection   ? 
_entity_src_gen.pdbx_host_org_cell                 ? 
_entity_src_gen.pdbx_host_org_organelle            ? 
_entity_src_gen.pdbx_host_org_cellular_location    ? 
_entity_src_gen.pdbx_host_org_vector_type          plasmid 
_entity_src_gen.pdbx_host_org_vector               ? 
_entity_src_gen.host_org_details                   ? 
_entity_src_gen.expression_system_id               ? 
_entity_src_gen.plasmid_name                       pmed23 
_entity_src_gen.plasmid_details                    ? 
_entity_src_gen.pdbx_description                   ? 
# 
loop_
_chem_comp.id 
_chem_comp.type 
_chem_comp.mon_nstd_flag 
_chem_comp.name 
_chem_comp.pdbx_synonyms 
_chem_comp.formula 
_chem_comp.formula_weight 
ALA 'L-peptide linking' y ALANINE         ? 'C3 H7 N O2'     89.093  
ARG 'L-peptide linking' y ARGININE        ? 'C6 H15 N4 O2 1' 175.209 
ASN 'L-peptide linking' y ASPARAGINE      ? 'C4 H8 N2 O3'    132.118 
ASP 'L-peptide linking' y 'ASPARTIC ACID' ? 'C4 H7 N O4'     133.103 
CYS 'L-peptide linking' y CYSTEINE        ? 'C3 H7 N O2 S'   121.158 
GLN 'L-peptide linking' y GLUTAMINE       ? 'C5 H10 N2 O3'   146.144 
GLU 'L-peptide linking' y 'GLUTAMIC ACID' ? 'C5 H9 N O4'     147.129 
GLY 'peptide linking'   y GLYCINE         ? 'C2 H5 N O2'     75.067  
HIS 'L-peptide linking' y HISTIDINE       ? 'C6 H10 N3 O2 1' 156.162 
LEU 'L-peptide linking' y LEUCINE         ? 'C6 H13 N O2'    131.173 
LYS 'L-peptide linking' y LYSINE          ? 'C6 H15 N2 O2 1' 147.195 
PHE 'L-peptide linking' y PHENYLALANINE   ? 'C9 H11 N O2'    165.189 
PRO 'L-peptide linking' y PROLINE         ? 'C5 H9 N O2'     115.130 
SER 'L-peptide linking' y SERINE          ? 'C3 H7 N O3'     105.093 
THR 'L-peptide linking' y THREONINE       ? 'C4 H9 N O3'     119.119 
TRP 'L-peptide linking' y TRYPTOPHAN      ? 'C11 H12 N2 O2'  204.225 
TYR 'L-peptide linking' y TYROSINE        ? 'C9 H11 N O3'    181.189 
VAL 'L-peptide linking' y VALINE          ? 'C5 H11 N O2'    117.146 
# 
loop_
_pdbx_poly_seq_scheme.asym_id 
_pdbx_poly_seq_scheme.entity_id 
_pdbx_poly_seq_scheme.seq_id 
_pdbx_poly_seq_scheme.mon_id 
_pdbx_poly_seq_scheme.ndb_seq_num 
_pdbx_poly_seq_scheme.pdb_seq_num 
_pdbx_poly_seq_scheme.auth_seq_num 
_pdbx_poly_seq_scheme.pdb_mon_id 
_pdbx_poly_seq_scheme.auth_mon_id 
_pdbx_poly_seq_scheme.pdb_strand_id 
_pdbx_poly_seq_scheme.pdb_ins_code 
_pdbx_poly_seq_scheme.hetero 
A 1 1  ARG 1  1  1  ARG ARG A . n 
A 1 2  CYS 2  2  2  CYS CYS A . n 
A 1 3  GLY 3  3  3  GLY GLY A . n 
A 1 4  ALA 4  4  4  ALA ALA A . n 
A 1 5  GLY 5  5  5  GLY GLY A . n 
A 1 6  GLU 6  6  6  GLU GLU A . n 
A 1 7  PRO 7  7  7  PRO PRO A . n 
A 1 8  TRP 8  8  8  TRP TRP A . n 
A 1 9  GLY 9  9  9  GLY GLY A . n 
A 1 10 ASN 10 10 10 ASN ASN A . n 
A 1 11 ALA 11 11 11 ALA ALA A . n 
A 1 12 THR 12 12 12 THR THR A . n 
A 1 13 ASN 13 13 13 ASN ASN A . n 
A 1 14 LEU 14 14 14 LEU LEU A . n 
A 1 15 GLY 15 15 15 GLY GLY A . n 
A 1 16 VAL 16 16 16 VAL VAL A . n 
A 1 17 PRO 17 17 17 PRO PRO A . n 
A 1 18 CYS 18 18 18 CYS CYS A . n 
A 1 19 LEU 19 19 19 LEU LEU A . n 
A 1 20 HIS 20 20 20 HIS HIS A . n 
A 1 21 TRP 21 21 21 TRP TRP A . n 
A 1 22 ASP 22 22 22 ASP ASP A . n 
A 1 23 GLU 23 23 23 GLU GLU A . n 
A 1 24 VAL 24 24 24 VAL VAL A . n 
A 1 25 PRO 25 25 25 PRO PRO A . n 
A 1 26 PRO 26 26 26 PRO PRO A . n 
A 1 27 PHE 27 27 27 PHE PHE A . n 
A 1 28 LEU 28 28 28 LEU LEU A . n 
A 1 29 GLU 29 29 29 GLU GLU A . n 
A 1 30 ARG 30 30 30 ARG ARG A . n 
A 1 31 SER 31 31 31 SER SER A . n 
A 1 32 PRO 32 32 32 PRO PRO A . n 
A 1 33 PRO 33 33 33 PRO PRO A . n 
A 1 34 ALA 34 34 34 ALA ALA A . n 
A 1 35 SER 35 35 35 SER SER A . n 
A 1 36 TRP 36 36 36 TRP TRP A . n 
A 1 37 ALA 37 37 37 ALA ALA A . n 
A 1 38 GLU 38 38 38 GLU GLU A . n 
A 1 39 LEU 39 39 39 LEU LEU A . n 
A 1 40 ARG 40 40 40 ARG ARG A . n 
A 1 41 GLY 41 41 41 GLY GLY A . n 
A 1 42 GLN 42 42 42 GLN GLN A . n 
A 1 43 PRO 43 43 43 PRO PRO A . n 
A 1 44 HIS 44 44 44 HIS HIS A . n 
A 1 45 ASN 45 45 45 ASN ASN A . n 
A 1 46 PHE 46 46 46 PHE PHE A . n 
A 1 47 CYS 47 47 47 CYS CYS A . n 
A 1 48 ARG 48 48 48 ARG ARG A . n 
A 1 49 SER 49 49 49 SER SER A . n 
A 1 50 PRO 50 50 50 PRO PRO A . n 
A 1 51 ASP 51 51 51 ASP ASP A . n 
A 1 52 GLY 52 52 52 GLY GLY A . n 
A 1 53 ALA 53 53 53 ALA ALA A . n 
A 1 54 GLY 54 54 54 GLY GLY A . n 
A 1 55 ARG 55 55 55 ARG ARG A . n 
A 1 56 PRO 56 56 56 PRO PRO A . n 
A 1 57 TRP 57 57 57 TRP TRP A . n 
A 1 58 CYS 58 58 58 CYS CYS A . n 
A 1 59 PHE 59 59 59 PHE PHE A . n 
A 1 60 TYR 60 60 60 TYR TYR A . n 
A 1 61 ARG 61 61 61 ARG ARG A . n 
A 1 62 ASN 62 62 62 ASN ASN A . n 
A 1 63 ALA 63 63 63 ALA ALA A . n 
A 1 64 GLN 64 64 64 GLN GLN A . n 
A 1 65 GLY 65 65 65 GLY GLY A . n 
A 1 66 LYS 66 66 66 LYS LYS A . n 
A 1 67 VAL 67 67 67 VAL VAL A . n 
A 1 68 ASP 68 68 68 ASP ASP A . n 
A 1 69 TRP 69 69 69 TRP TRP A . n 
A 1 70 GLY 70 70 70 GLY GLY A . n 
A 1 71 TYR 71 71 71 TYR TYR A . n 
A 1 72 CYS 72 72 72 CYS CYS A . n 
A 1 73 ASP 73 73 73 ASP ASP A . n 
A 1 74 CYS 74 74 74 CYS CYS A . n 
A 1 75 GLY 75 75 75 GLY GLY A . n 
A 1 76 GLN 76 76 76 GLN GLN A . n 
A 1 77 GLY 77 77 77 GLY GLY A . n 
# 
_cell.entry_id           2K51 
_cell.length_a           1.000 
_cell.length_b           1.000 
_cell.length_c           1.000 
_cell.angle_alpha        90.00 
_cell.angle_beta         90.00 
_cell.angle_gamma        90.00 
_cell.Z_PDB              1 
_cell.pdbx_unique_axis   ? 
# 
_symmetry.entry_id                         2K51 
_symmetry.space_group_name_H-M             'P 1' 
_symmetry.pdbx_full_space_group_name_H-M   ? 
_symmetry.cell_setting                     ? 
_symmetry.Int_Tables_number                1 
# 
_exptl.entry_id          2K51 
_exptl.method            'SOLUTION NMR' 
_exptl.crystals_number   ? 
# 
_struct.entry_id                  2K51 
_struct.title                     'NMR Solution Structure of the Neurotrypsin Kringle Domain' 
_struct.pdbx_model_details        ? 
_struct.pdbx_CASP_flag            ? 
_struct.pdbx_model_type_details   ? 
# 
_struct_keywords.entry_id        2K51 
_struct_keywords.pdbx_keywords   HYDROLASE 
_struct_keywords.text            
'NEUROTRYPSIN, KRINGLE DOMAIN, DISULFIDE-RICH PROTEIN FOLD, SERINE ENDOPEPTIDASE, HYDROLASE, EXTRACELLULAR PROTEOLYSIS' 
# 
_struct_asym.id                            A 
_struct_asym.pdbx_blank_PDB_chainid_flag   N 
_struct_asym.pdbx_modified                 N 
_struct_asym.entity_id                     1 
_struct_asym.details                       ? 
# 
_struct_ref.id                         1 
_struct_ref.db_name                    UNP 
_struct_ref.db_code                    Q99JC8_RAT 
_struct_ref.pdbx_db_accession          Q99JC8 
_struct_ref.entity_id                  1 
_struct_ref.pdbx_seq_one_letter_code   RCGAGEPWGNATNLGVPCLHWDEVPPFLERSPPASWAELRGQPHNFCRSPDGAGRPWCFYRNAQGKVDWGYCDCGQG 
_struct_ref.pdbx_align_begin           84 
_struct_ref.pdbx_db_isoform            ? 
# 
_struct_ref_seq.align_id                      1 
_struct_ref_seq.ref_id                        1 
_struct_ref_seq.pdbx_PDB_id_code              2K51 
_struct_ref_seq.pdbx_strand_id                A 
_struct_ref_seq.seq_align_beg                 1 
_struct_ref_seq.pdbx_seq_align_beg_ins_code   ? 
_struct_ref_seq.seq_align_end                 77 
_struct_ref_seq.pdbx_seq_align_end_ins_code   ? 
_struct_ref_seq.pdbx_db_accession             Q99JC8 
_struct_ref_seq.db_align_beg                  84 
_struct_ref_seq.pdbx_db_align_beg_ins_code    ? 
_struct_ref_seq.db_align_end                  160 
_struct_ref_seq.pdbx_db_align_end_ins_code    ? 
_struct_ref_seq.pdbx_auth_seq_align_beg       1 
_struct_ref_seq.pdbx_auth_seq_align_end       77 
# 
_pdbx_struct_assembly.id                   1 
_pdbx_struct_assembly.details              author_defined_assembly 
_pdbx_struct_assembly.method_details       ? 
_pdbx_struct_assembly.oligomeric_details   monomeric 
_pdbx_struct_assembly.oligomeric_count     1 
# 
_pdbx_struct_assembly_gen.assembly_id       1 
_pdbx_struct_assembly_gen.oper_expression   1 
_pdbx_struct_assembly_gen.asym_id_list      A 
# 
_pdbx_struct_oper_list.id                   1 
_pdbx_struct_oper_list.type                 'identity operation' 
_pdbx_struct_oper_list.name                 1_555 
_pdbx_struct_oper_list.symmetry_operation   x,y,z 
_pdbx_struct_oper_list.matrix[1][1]         1.0000000000 
_pdbx_struct_oper_list.matrix[1][2]         0.0000000000 
_pdbx_struct_oper_list.matrix[1][3]         0.0000000000 
_pdbx_struct_oper_list.vector[1]            0.0000000000 
_pdbx_struct_oper_list.matrix[2][1]         0.0000000000 
_pdbx_struct_oper_list.matrix[2][2]         1.0000000000 
_pdbx_struct_oper_list.matrix[2][3]         0.0000000000 
_pdbx_struct_oper_list.vector[2]            0.0000000000 
_pdbx_struct_oper_list.matrix[3][1]         0.0000000000 
_pdbx_struct_oper_list.matrix[3][2]         0.0000000000 
_pdbx_struct_oper_list.matrix[3][3]         1.0000000000 
_pdbx_struct_oper_list.vector[3]            0.0000000000 
# 
_struct_biol.id        1 
_struct_biol.details   ? 
# 
loop_
_struct_conf.conf_type_id 
_struct_conf.id 
_struct_conf.pdbx_PDB_helix_id 
_struct_conf.beg_label_comp_id 
_struct_conf.beg_label_asym_id 
_struct_conf.beg_label_seq_id 
_struct_conf.pdbx_beg_PDB_ins_code 
_struct_conf.end_label_comp_id 
_struct_conf.end_label_asym_id 
_struct_conf.end_label_seq_id 
_struct_conf.pdbx_end_PDB_ins_code 
_struct_conf.beg_auth_comp_id 
_struct_conf.beg_auth_asym_id 
_struct_conf.beg_auth_seq_id 
_struct_conf.end_auth_comp_id 
_struct_conf.end_auth_asym_id 
_struct_conf.end_auth_seq_id 
_struct_conf.pdbx_PDB_helix_class 
_struct_conf.details 
_struct_conf.pdbx_PDB_helix_length 
HELX_P HELX_P1 1 PRO A 17 ? HIS A 20 ? PRO A 17 HIS A 20 4 ? 4 
HELX_P HELX_P2 2 VAL A 24 ? PRO A 26 ? VAL A 24 PRO A 26 3 ? 3 
HELX_P HELX_P3 3 SER A 31 ? PRO A 33 ? SER A 31 PRO A 33 3 ? 3 
HELX_P HELX_P4 4 ALA A 37 ? LEU A 39 ? ALA A 37 LEU A 39 3 ? 3 
# 
_struct_conf_type.id          HELX_P 
_struct_conf_type.criteria    ? 
_struct_conf_type.reference   ? 
# 
loop_
_struct_conn.id 
_struct_conn.conn_type_id 
_struct_conn.pdbx_leaving_atom_flag 
_struct_conn.pdbx_PDB_id 
_struct_conn.ptnr1_label_asym_id 
_struct_conn.ptnr1_label_comp_id 
_struct_conn.ptnr1_label_seq_id 
_struct_conn.ptnr1_label_atom_id 
_struct_conn.pdbx_ptnr1_label_alt_id 
_struct_conn.pdbx_ptnr1_PDB_ins_code 
_struct_conn.pdbx_ptnr1_standard_comp_id 
_struct_conn.ptnr1_symmetry 
_struct_conn.ptnr2_label_asym_id 
_struct_conn.ptnr2_label_comp_id 
_struct_conn.ptnr2_label_seq_id 
_struct_conn.ptnr2_label_atom_id 
_struct_conn.pdbx_ptnr2_label_alt_id 
_struct_conn.pdbx_ptnr2_PDB_ins_code 
_struct_conn.ptnr1_auth_asym_id 
_struct_conn.ptnr1_auth_comp_id 
_struct_conn.ptnr1_auth_seq_id 
_struct_conn.ptnr2_auth_asym_id 
_struct_conn.ptnr2_auth_comp_id 
_struct_conn.ptnr2_auth_seq_id 
_struct_conn.ptnr2_symmetry 
_struct_conn.pdbx_ptnr3_label_atom_id 
_struct_conn.pdbx_ptnr3_label_seq_id 
_struct_conn.pdbx_ptnr3_label_comp_id 
_struct_conn.pdbx_ptnr3_label_asym_id 
_struct_conn.pdbx_ptnr3_label_alt_id 
_struct_conn.pdbx_ptnr3_PDB_ins_code 
_struct_conn.details 
_struct_conn.pdbx_dist_value 
_struct_conn.pdbx_value_order 
_struct_conn.pdbx_role 
disulf1 disulf ? ? A CYS 2  SG ? ? ? 1_555 A CYS 74 SG ? ? A CYS 2  A CYS 74 1_555 ? ? ? ? ? ? ? 2.029 ? ? 
disulf2 disulf ? ? A CYS 18 SG ? ? ? 1_555 A CYS 58 SG ? ? A CYS 18 A CYS 58 1_555 ? ? ? ? ? ? ? 2.035 ? ? 
disulf3 disulf ? ? A CYS 47 SG ? ? ? 1_555 A CYS 72 SG ? ? A CYS 47 A CYS 72 1_555 ? ? ? ? ? ? ? 2.033 ? ? 
# 
_struct_conn_type.id          disulf 
_struct_conn_type.criteria    ? 
_struct_conn_type.reference   ? 
# 
loop_
_pdbx_modification_feature.ordinal 
_pdbx_modification_feature.label_comp_id 
_pdbx_modification_feature.label_asym_id 
_pdbx_modification_feature.label_seq_id 
_pdbx_modification_feature.label_alt_id 
_pdbx_modification_feature.modified_residue_label_comp_id 
_pdbx_modification_feature.modified_residue_label_asym_id 
_pdbx_modification_feature.modified_residue_label_seq_id 
_pdbx_modification_feature.modified_residue_label_alt_id 
_pdbx_modification_feature.auth_comp_id 
_pdbx_modification_feature.auth_asym_id 
_pdbx_modification_feature.auth_seq_id 
_pdbx_modification_feature.PDB_ins_code 
_pdbx_modification_feature.symmetry 
_pdbx_modification_feature.modified_residue_auth_comp_id 
_pdbx_modification_feature.modified_residue_auth_asym_id 
_pdbx_modification_feature.modified_residue_auth_seq_id 
_pdbx_modification_feature.modified_residue_PDB_ins_code 
_pdbx_modification_feature.modified_residue_symmetry 
_pdbx_modification_feature.comp_id_linking_atom 
_pdbx_modification_feature.modified_residue_id_linking_atom 
_pdbx_modification_feature.modified_residue_id 
_pdbx_modification_feature.ref_pcm_id 
_pdbx_modification_feature.ref_comp_id 
_pdbx_modification_feature.type 
_pdbx_modification_feature.category 
1 CYS A 2  ? CYS A 74 ? CYS A 2  ? 1_555 CYS A 74 ? 1_555 SG SG . . . None 'Disulfide bridge' 
2 CYS A 18 ? CYS A 58 ? CYS A 18 ? 1_555 CYS A 58 ? 1_555 SG SG . . . None 'Disulfide bridge' 
3 CYS A 47 ? CYS A 72 ? CYS A 47 ? 1_555 CYS A 72 ? 1_555 SG SG . . . None 'Disulfide bridge' 
# 
loop_
_struct_sheet.id 
_struct_sheet.type 
_struct_sheet.number_strands 
_struct_sheet.details 
A ? 2 ? 
B ? 2 ? 
C ? 2 ? 
D ? 2 ? 
# 
loop_
_struct_sheet_order.sheet_id 
_struct_sheet_order.range_id_1 
_struct_sheet_order.range_id_2 
_struct_sheet_order.offset 
_struct_sheet_order.sense 
A 1 2 ? anti-parallel 
B 1 2 ? anti-parallel 
C 1 2 ? anti-parallel 
D 1 2 ? anti-parallel 
# 
loop_
_struct_sheet_range.sheet_id 
_struct_sheet_range.id 
_struct_sheet_range.beg_label_comp_id 
_struct_sheet_range.beg_label_asym_id 
_struct_sheet_range.beg_label_seq_id 
_struct_sheet_range.pdbx_beg_PDB_ins_code 
_struct_sheet_range.end_label_comp_id 
_struct_sheet_range.end_label_asym_id 
_struct_sheet_range.end_label_seq_id 
_struct_sheet_range.pdbx_end_PDB_ins_code 
_struct_sheet_range.beg_auth_comp_id 
_struct_sheet_range.beg_auth_asym_id 
_struct_sheet_range.beg_auth_seq_id 
_struct_sheet_range.end_auth_comp_id 
_struct_sheet_range.end_auth_asym_id 
_struct_sheet_range.end_auth_seq_id 
A 1 ASN A 10 ? THR A 12 ? ASN A 10 THR A 12 
A 2 VAL A 16 ? CYS A 18 ? VAL A 16 CYS A 18 
B 1 PRO A 17 ? LEU A 19 ? PRO A 17 LEU A 19 
B 2 PHE A 59 ? ARG A 61 ? PHE A 59 ARG A 61 
C 1 ARG A 48 ? ARG A 48 ? ARG A 48 ARG A 48 
C 2 TRP A 57 ? TRP A 57 ? TRP A 57 TRP A 57 
D 1 TRP A 57 ? ASN A 62 ? TRP A 57 ASN A 62 
D 2 LYS A 66 ? TYR A 71 ? LYS A 66 TYR A 71 
# 
_pdbx_entry_details.entry_id                   2K51 
_pdbx_entry_details.compound_details           ? 
_pdbx_entry_details.source_details             ? 
_pdbx_entry_details.nonpolymer_details         ? 
_pdbx_entry_details.sequence_details           ? 
_pdbx_entry_details.has_ligand_of_interest     ? 
_pdbx_entry_details.has_protein_modification   Y 
# 
loop_
_pdbx_validate_torsion.id 
_pdbx_validate_torsion.PDB_model_num 
_pdbx_validate_torsion.auth_comp_id 
_pdbx_validate_torsion.auth_asym_id 
_pdbx_validate_torsion.auth_seq_id 
_pdbx_validate_torsion.PDB_ins_code 
_pdbx_validate_torsion.label_alt_id 
_pdbx_validate_torsion.phi 
_pdbx_validate_torsion.psi 
1 1 CYS A 2  ? ? -156.24 -31.00 
2 1 PHE A 46 ? ? 166.02  144.88 
3 1 SER A 49 ? ? -161.57 102.09 
4 1 ALA A 53 ? ? -154.32 25.93  
5 1 ASP A 73 ? ? -129.11 -68.02 
6 1 CYS A 74 ? ? 170.04  73.92  
# 
loop_
_pdbx_database_remark.id 
_pdbx_database_remark.text 
650 
;HELIX 
DETERMINATION METHOD: AUTHOR 
;
700 
;SHEET 
DETERMINATION METHOD: AUTHOR 
;
# 
_pdbx_nmr_ensemble.entry_id                                      2K51 
_pdbx_nmr_ensemble.conformers_calculated_total_number            70 
_pdbx_nmr_ensemble.conformers_submitted_total_number             1 
_pdbx_nmr_ensemble.conformer_selection_criteria                  
'STRUCTURE WITH THE LOWEST RMSD TO THE MEAN COORDINATES OF THE ENSEMBLE' 
_pdbx_nmr_ensemble.average_constraints_per_residue               ? 
_pdbx_nmr_ensemble.average_constraint_violations_per_residue     ? 
_pdbx_nmr_ensemble.maximum_distance_constraint_violation         ? 
_pdbx_nmr_ensemble.average_distance_constraint_violation         ? 
_pdbx_nmr_ensemble.maximum_upper_distance_constraint_violation   ? 
_pdbx_nmr_ensemble.maximum_lower_distance_constraint_violation   ? 
_pdbx_nmr_ensemble.distance_constraint_violation_method          ? 
_pdbx_nmr_ensemble.maximum_torsion_angle_constraint_violation    ? 
_pdbx_nmr_ensemble.average_torsion_angle_constraint_violation    ? 
_pdbx_nmr_ensemble.torsion_angle_constraint_violation_method     ? 
# 
_pdbx_nmr_representative.entry_id             2K51 
_pdbx_nmr_representative.conformer_id         1 
_pdbx_nmr_representative.selection_criteria   'conformer with the lowest rmsd to the mean coordinates of the ensemble' 
# 
_pdbx_nmr_sample_details.solution_id      1 
_pdbx_nmr_sample_details.contents         '1 MM [U-100% 15N] NT/K, 0.02% sodium azide, 90% H2O/10% D2O' 
_pdbx_nmr_sample_details.solvent_system   ? 
# 
_pdbx_nmr_exptl_sample.component             Neurotrypsin 
_pdbx_nmr_exptl_sample.concentration         1 
_pdbx_nmr_exptl_sample.concentration_units   mM 
_pdbx_nmr_exptl_sample.isotopic_labeling     '[U-100% 15N]' 
_pdbx_nmr_exptl_sample.solution_id           1 
# 
_pdbx_nmr_exptl_sample_conditions.conditions_id       1 
_pdbx_nmr_exptl_sample_conditions.temperature         300 
_pdbx_nmr_exptl_sample_conditions.pressure_units      ? 
_pdbx_nmr_exptl_sample_conditions.pressure            AMBIENT 
_pdbx_nmr_exptl_sample_conditions.pH                  5.2 
_pdbx_nmr_exptl_sample_conditions.ionic_strength      'no salt' 
_pdbx_nmr_exptl_sample_conditions.temperature_units   K 
# 
loop_
_pdbx_nmr_exptl.experiment_id 
_pdbx_nmr_exptl.conditions_id 
_pdbx_nmr_exptl.type 
_pdbx_nmr_exptl.solution_id 
1  1 '2D 1H-15N HSQC'         1 
2  1 '2D [1H-15N]-HMBC'       1 
3  1 '2D 1H-13C HSQC'         1 
4  1 '2D 1H-1H COSY'          1 
5  1 '2D 1H-1H TOCSY'         1 
6  1 '2D 1H-1H NOESY'         1 
7  1 '3D TOCSY-[1H-15N]-HSQC' 1 
8  1 '3D NOESY-[1H-15N]-HSQC' 1 
9  1 '3D HNHA'                1 
10 1 '3D HNHB'                1 
# 
_pdbx_nmr_details.entry_id   2K51 
_pdbx_nmr_details.text       
;CHEMICAL SHIFT REFERENCE: 1,4-DIOXANE, 3.75 PPM, SPECTRA USED FOR NOESY ASSIGNMENT AND STRUCTURE CALCULATIONS WERE: 2D [1H-1H]-NOESY (MIXING TIME OF 100 MS) AND 3D NOESY-[1H-15N]-HSQC (MIXING TIME OF 200 MS).
;
# 
_pdbx_nmr_constraints.disulfide_bond_constraints_total_count        3 
_pdbx_nmr_constraints.entry_id                                      2K51 
_pdbx_nmr_constraints.hydrogen_bond_constraints_total_count         24 
_pdbx_nmr_constraints.NA_alpha-angle_constraints_total_count        ? 
_pdbx_nmr_constraints.NA_beta-angle_constraints_total_count         ? 
_pdbx_nmr_constraints.NA_chi-angle_constraints_total_count          ? 
_pdbx_nmr_constraints.NA_delta-angle_constraints_total_count        ? 
_pdbx_nmr_constraints.NA_epsilon-angle_constraints_total_count      ? 
_pdbx_nmr_constraints.NA_gamma-angle_constraints_total_count        ? 
_pdbx_nmr_constraints.NA_other-angle_constraints_total_count        ? 
_pdbx_nmr_constraints.NA_sugar_pucker_constraints_total_count       ? 
_pdbx_nmr_constraints.NOE_constraints_total                         1342 
_pdbx_nmr_constraints.NOE_interentity_total_count                   ? 
_pdbx_nmr_constraints.NOE_interproton_distance_evaluation           ? 
_pdbx_nmr_constraints.NOE_intraresidue_total_count                  613 
_pdbx_nmr_constraints.NOE_long_range_total_count                    295 
_pdbx_nmr_constraints.NOE_medium_range_total_count                  119 
_pdbx_nmr_constraints.NOE_motional_averaging_correction             ? 
_pdbx_nmr_constraints.NOE_pseudoatom_corrections                    ? 
_pdbx_nmr_constraints.NOE_sequential_total_count                    313 
_pdbx_nmr_constraints.protein_chi_angle_constraints_total_count     48 
_pdbx_nmr_constraints.protein_other_angle_constraints_total_count   0 
_pdbx_nmr_constraints.protein_phi_angle_constraints_total_count     40 
_pdbx_nmr_constraints.protein_psi_angle_constraints_total_count     9 
# 
_pdbx_nmr_refine.entry_id           2K51 
_pdbx_nmr_refine.method             'simulated annealing' 
_pdbx_nmr_refine.details            
;THE AUTOMATED NOESY ASSIGNMENT AND STRUCTURE CALCULATIONS CARRIED OUT BY BACUS/CNS. FINAL STRUCTURE REFINEMENT IN AN EXPLICIT SHELL OF WATER WAS PERFORMED USING ARIA/CNS, ON THE BASIS OF FIXED UNAMBIGUOUS DISTANCE RESTRAINTS AND STRUCTURES OBTAINED WITH BACUS/CNS, AND RESTRAINTS ON DIHEDRAL ANGLES AND HYDROGEN BONDS. NOTE THAT RESIDUES 1 - 7 AT THE N-TERMINUS AND RESIDUES 73 - 77 AT THE C-TERMINUS ARE DISORDERED.
;
_pdbx_nmr_refine.software_ordinal   1 
# 
loop_
_pdbx_nmr_software.classification 
_pdbx_nmr_software.name 
_pdbx_nmr_software.version 
_pdbx_nmr_software.authors 
_pdbx_nmr_software.ordinal 
refinement           ARIA/CNS          2.0 'LINGE, J., NILGES, M., HABECK, M., RIEPING, W.' 1 
'structure solution' ARIA/CNS          2.0 'LINGE, J., NILGES, M., HABECK, M., RIEPING, W.' 2 
'structure solution' BACUS             ?   ?                                                3 
'structure solution' CNS               1.1 ?                                                4 
'structure solution' 'CcpNmr Analysis' 1.4 ?                                                5 
# 
loop_
_chem_comp_atom.comp_id 
_chem_comp_atom.atom_id 
_chem_comp_atom.type_symbol 
_chem_comp_atom.pdbx_aromatic_flag 
_chem_comp_atom.pdbx_stereo_config 
_chem_comp_atom.pdbx_ordinal 
ALA N    N N N 1   
ALA CA   C N S 2   
ALA C    C N N 3   
ALA O    O N N 4   
ALA CB   C N N 5   
ALA OXT  O N N 6   
ALA H    H N N 7   
ALA H2   H N N 8   
ALA HA   H N N 9   
ALA HB1  H N N 10  
ALA HB2  H N N 11  
ALA HB3  H N N 12  
ALA HXT  H N N 13  
ARG N    N N N 14  
ARG CA   C N S 15  
ARG C    C N N 16  
ARG O    O N N 17  
ARG CB   C N N 18  
ARG CG   C N N 19  
ARG CD   C N N 20  
ARG NE   N N N 21  
ARG CZ   C N N 22  
ARG NH1  N N N 23  
ARG NH2  N N N 24  
ARG OXT  O N N 25  
ARG H    H N N 26  
ARG H2   H N N 27  
ARG HA   H N N 28  
ARG HB2  H N N 29  
ARG HB3  H N N 30  
ARG HG2  H N N 31  
ARG HG3  H N N 32  
ARG HD2  H N N 33  
ARG HD3  H N N 34  
ARG HE   H N N 35  
ARG HH11 H N N 36  
ARG HH12 H N N 37  
ARG HH21 H N N 38  
ARG HH22 H N N 39  
ARG HXT  H N N 40  
ASN N    N N N 41  
ASN CA   C N S 42  
ASN C    C N N 43  
ASN O    O N N 44  
ASN CB   C N N 45  
ASN CG   C N N 46  
ASN OD1  O N N 47  
ASN ND2  N N N 48  
ASN OXT  O N N 49  
ASN H    H N N 50  
ASN H2   H N N 51  
ASN HA   H N N 52  
ASN HB2  H N N 53  
ASN HB3  H N N 54  
ASN HD21 H N N 55  
ASN HD22 H N N 56  
ASN HXT  H N N 57  
ASP N    N N N 58  
ASP CA   C N S 59  
ASP C    C N N 60  
ASP O    O N N 61  
ASP CB   C N N 62  
ASP CG   C N N 63  
ASP OD1  O N N 64  
ASP OD2  O N N 65  
ASP OXT  O N N 66  
ASP H    H N N 67  
ASP H2   H N N 68  
ASP HA   H N N 69  
ASP HB2  H N N 70  
ASP HB3  H N N 71  
ASP HD2  H N N 72  
ASP HXT  H N N 73  
CYS N    N N N 74  
CYS CA   C N R 75  
CYS C    C N N 76  
CYS O    O N N 77  
CYS CB   C N N 78  
CYS SG   S N N 79  
CYS OXT  O N N 80  
CYS H    H N N 81  
CYS H2   H N N 82  
CYS HA   H N N 83  
CYS HB2  H N N 84  
CYS HB3  H N N 85  
CYS HG   H N N 86  
CYS HXT  H N N 87  
GLN N    N N N 88  
GLN CA   C N S 89  
GLN C    C N N 90  
GLN O    O N N 91  
GLN CB   C N N 92  
GLN CG   C N N 93  
GLN CD   C N N 94  
GLN OE1  O N N 95  
GLN NE2  N N N 96  
GLN OXT  O N N 97  
GLN H    H N N 98  
GLN H2   H N N 99  
GLN HA   H N N 100 
GLN HB2  H N N 101 
GLN HB3  H N N 102 
GLN HG2  H N N 103 
GLN HG3  H N N 104 
GLN HE21 H N N 105 
GLN HE22 H N N 106 
GLN HXT  H N N 107 
GLU N    N N N 108 
GLU CA   C N S 109 
GLU C    C N N 110 
GLU O    O N N 111 
GLU CB   C N N 112 
GLU CG   C N N 113 
GLU CD   C N N 114 
GLU OE1  O N N 115 
GLU OE2  O N N 116 
GLU OXT  O N N 117 
GLU H    H N N 118 
GLU H2   H N N 119 
GLU HA   H N N 120 
GLU HB2  H N N 121 
GLU HB3  H N N 122 
GLU HG2  H N N 123 
GLU HG3  H N N 124 
GLU HE2  H N N 125 
GLU HXT  H N N 126 
GLY N    N N N 127 
GLY CA   C N N 128 
GLY C    C N N 129 
GLY O    O N N 130 
GLY OXT  O N N 131 
GLY H    H N N 132 
GLY H2   H N N 133 
GLY HA2  H N N 134 
GLY HA3  H N N 135 
GLY HXT  H N N 136 
HIS N    N N N 137 
HIS CA   C N S 138 
HIS C    C N N 139 
HIS O    O N N 140 
HIS CB   C N N 141 
HIS CG   C Y N 142 
HIS ND1  N Y N 143 
HIS CD2  C Y N 144 
HIS CE1  C Y N 145 
HIS NE2  N Y N 146 
HIS OXT  O N N 147 
HIS H    H N N 148 
HIS H2   H N N 149 
HIS HA   H N N 150 
HIS HB2  H N N 151 
HIS HB3  H N N 152 
HIS HD1  H N N 153 
HIS HD2  H N N 154 
HIS HE1  H N N 155 
HIS HE2  H N N 156 
HIS HXT  H N N 157 
LEU N    N N N 158 
LEU CA   C N S 159 
LEU C    C N N 160 
LEU O    O N N 161 
LEU CB   C N N 162 
LEU CG   C N N 163 
LEU CD1  C N N 164 
LEU CD2  C N N 165 
LEU OXT  O N N 166 
LEU H    H N N 167 
LEU H2   H N N 168 
LEU HA   H N N 169 
LEU HB2  H N N 170 
LEU HB3  H N N 171 
LEU HG   H N N 172 
LEU HD11 H N N 173 
LEU HD12 H N N 174 
LEU HD13 H N N 175 
LEU HD21 H N N 176 
LEU HD22 H N N 177 
LEU HD23 H N N 178 
LEU HXT  H N N 179 
LYS N    N N N 180 
LYS CA   C N S 181 
LYS C    C N N 182 
LYS O    O N N 183 
LYS CB   C N N 184 
LYS CG   C N N 185 
LYS CD   C N N 186 
LYS CE   C N N 187 
LYS NZ   N N N 188 
LYS OXT  O N N 189 
LYS H    H N N 190 
LYS H2   H N N 191 
LYS HA   H N N 192 
LYS HB2  H N N 193 
LYS HB3  H N N 194 
LYS HG2  H N N 195 
LYS HG3  H N N 196 
LYS HD2  H N N 197 
LYS HD3  H N N 198 
LYS HE2  H N N 199 
LYS HE3  H N N 200 
LYS HZ1  H N N 201 
LYS HZ2  H N N 202 
LYS HZ3  H N N 203 
LYS HXT  H N N 204 
PHE N    N N N 205 
PHE CA   C N S 206 
PHE C    C N N 207 
PHE O    O N N 208 
PHE CB   C N N 209 
PHE CG   C Y N 210 
PHE CD1  C Y N 211 
PHE CD2  C Y N 212 
PHE CE1  C Y N 213 
PHE CE2  C Y N 214 
PHE CZ   C Y N 215 
PHE OXT  O N N 216 
PHE H    H N N 217 
PHE H2   H N N 218 
PHE HA   H N N 219 
PHE HB2  H N N 220 
PHE HB3  H N N 221 
PHE HD1  H N N 222 
PHE HD2  H N N 223 
PHE HE1  H N N 224 
PHE HE2  H N N 225 
PHE HZ   H N N 226 
PHE HXT  H N N 227 
PRO N    N N N 228 
PRO CA   C N S 229 
PRO C    C N N 230 
PRO O    O N N 231 
PRO CB   C N N 232 
PRO CG   C N N 233 
PRO CD   C N N 234 
PRO OXT  O N N 235 
PRO H    H N N 236 
PRO HA   H N N 237 
PRO HB2  H N N 238 
PRO HB3  H N N 239 
PRO HG2  H N N 240 
PRO HG3  H N N 241 
PRO HD2  H N N 242 
PRO HD3  H N N 243 
PRO HXT  H N N 244 
SER N    N N N 245 
SER CA   C N S 246 
SER C    C N N 247 
SER O    O N N 248 
SER CB   C N N 249 
SER OG   O N N 250 
SER OXT  O N N 251 
SER H    H N N 252 
SER H2   H N N 253 
SER HA   H N N 254 
SER HB2  H N N 255 
SER HB3  H N N 256 
SER HG   H N N 257 
SER HXT  H N N 258 
THR N    N N N 259 
THR CA   C N S 260 
THR C    C N N 261 
THR O    O N N 262 
THR CB   C N R 263 
THR OG1  O N N 264 
THR CG2  C N N 265 
THR OXT  O N N 266 
THR H    H N N 267 
THR H2   H N N 268 
THR HA   H N N 269 
THR HB   H N N 270 
THR HG1  H N N 271 
THR HG21 H N N 272 
THR HG22 H N N 273 
THR HG23 H N N 274 
THR HXT  H N N 275 
TRP N    N N N 276 
TRP CA   C N S 277 
TRP C    C N N 278 
TRP O    O N N 279 
TRP CB   C N N 280 
TRP CG   C Y N 281 
TRP CD1  C Y N 282 
TRP CD2  C Y N 283 
TRP NE1  N Y N 284 
TRP CE2  C Y N 285 
TRP CE3  C Y N 286 
TRP CZ2  C Y N 287 
TRP CZ3  C Y N 288 
TRP CH2  C Y N 289 
TRP OXT  O N N 290 
TRP H    H N N 291 
TRP H2   H N N 292 
TRP HA   H N N 293 
TRP HB2  H N N 294 
TRP HB3  H N N 295 
TRP HD1  H N N 296 
TRP HE1  H N N 297 
TRP HE3  H N N 298 
TRP HZ2  H N N 299 
TRP HZ3  H N N 300 
TRP HH2  H N N 301 
TRP HXT  H N N 302 
TYR N    N N N 303 
TYR CA   C N S 304 
TYR C    C N N 305 
TYR O    O N N 306 
TYR CB   C N N 307 
TYR CG   C Y N 308 
TYR CD1  C Y N 309 
TYR CD2  C Y N 310 
TYR CE1  C Y N 311 
TYR CE2  C Y N 312 
TYR CZ   C Y N 313 
TYR OH   O N N 314 
TYR OXT  O N N 315 
TYR H    H N N 316 
TYR H2   H N N 317 
TYR HA   H N N 318 
TYR HB2  H N N 319 
TYR HB3  H N N 320 
TYR HD1  H N N 321 
TYR HD2  H N N 322 
TYR HE1  H N N 323 
TYR HE2  H N N 324 
TYR HH   H N N 325 
TYR HXT  H N N 326 
VAL N    N N N 327 
VAL CA   C N S 328 
VAL C    C N N 329 
VAL O    O N N 330 
VAL CB   C N N 331 
VAL CG1  C N N 332 
VAL CG2  C N N 333 
VAL OXT  O N N 334 
VAL H    H N N 335 
VAL H2   H N N 336 
VAL HA   H N N 337 
VAL HB   H N N 338 
VAL HG11 H N N 339 
VAL HG12 H N N 340 
VAL HG13 H N N 341 
VAL HG21 H N N 342 
VAL HG22 H N N 343 
VAL HG23 H N N 344 
VAL HXT  H N N 345 
# 
loop_
_chem_comp_bond.comp_id 
_chem_comp_bond.atom_id_1 
_chem_comp_bond.atom_id_2 
_chem_comp_bond.value_order 
_chem_comp_bond.pdbx_aromatic_flag 
_chem_comp_bond.pdbx_stereo_config 
_chem_comp_bond.pdbx_ordinal 
ALA N   CA   sing N N 1   
ALA N   H    sing N N 2   
ALA N   H2   sing N N 3   
ALA CA  C    sing N N 4   
ALA CA  CB   sing N N 5   
ALA CA  HA   sing N N 6   
ALA C   O    doub N N 7   
ALA C   OXT  sing N N 8   
ALA CB  HB1  sing N N 9   
ALA CB  HB2  sing N N 10  
ALA CB  HB3  sing N N 11  
ALA OXT HXT  sing N N 12  
ARG N   CA   sing N N 13  
ARG N   H    sing N N 14  
ARG N   H2   sing N N 15  
ARG CA  C    sing N N 16  
ARG CA  CB   sing N N 17  
ARG CA  HA   sing N N 18  
ARG C   O    doub N N 19  
ARG C   OXT  sing N N 20  
ARG CB  CG   sing N N 21  
ARG CB  HB2  sing N N 22  
ARG CB  HB3  sing N N 23  
ARG CG  CD   sing N N 24  
ARG CG  HG2  sing N N 25  
ARG CG  HG3  sing N N 26  
ARG CD  NE   sing N N 27  
ARG CD  HD2  sing N N 28  
ARG CD  HD3  sing N N 29  
ARG NE  CZ   sing N N 30  
ARG NE  HE   sing N N 31  
ARG CZ  NH1  sing N N 32  
ARG CZ  NH2  doub N N 33  
ARG NH1 HH11 sing N N 34  
ARG NH1 HH12 sing N N 35  
ARG NH2 HH21 sing N N 36  
ARG NH2 HH22 sing N N 37  
ARG OXT HXT  sing N N 38  
ASN N   CA   sing N N 39  
ASN N   H    sing N N 40  
ASN N   H2   sing N N 41  
ASN CA  C    sing N N 42  
ASN CA  CB   sing N N 43  
ASN CA  HA   sing N N 44  
ASN C   O    doub N N 45  
ASN C   OXT  sing N N 46  
ASN CB  CG   sing N N 47  
ASN CB  HB2  sing N N 48  
ASN CB  HB3  sing N N 49  
ASN CG  OD1  doub N N 50  
ASN CG  ND2  sing N N 51  
ASN ND2 HD21 sing N N 52  
ASN ND2 HD22 sing N N 53  
ASN OXT HXT  sing N N 54  
ASP N   CA   sing N N 55  
ASP N   H    sing N N 56  
ASP N   H2   sing N N 57  
ASP CA  C    sing N N 58  
ASP CA  CB   sing N N 59  
ASP CA  HA   sing N N 60  
ASP C   O    doub N N 61  
ASP C   OXT  sing N N 62  
ASP CB  CG   sing N N 63  
ASP CB  HB2  sing N N 64  
ASP CB  HB3  sing N N 65  
ASP CG  OD1  doub N N 66  
ASP CG  OD2  sing N N 67  
ASP OD2 HD2  sing N N 68  
ASP OXT HXT  sing N N 69  
CYS N   CA   sing N N 70  
CYS N   H    sing N N 71  
CYS N   H2   sing N N 72  
CYS CA  C    sing N N 73  
CYS CA  CB   sing N N 74  
CYS CA  HA   sing N N 75  
CYS C   O    doub N N 76  
CYS C   OXT  sing N N 77  
CYS CB  SG   sing N N 78  
CYS CB  HB2  sing N N 79  
CYS CB  HB3  sing N N 80  
CYS SG  HG   sing N N 81  
CYS OXT HXT  sing N N 82  
GLN N   CA   sing N N 83  
GLN N   H    sing N N 84  
GLN N   H2   sing N N 85  
GLN CA  C    sing N N 86  
GLN CA  CB   sing N N 87  
GLN CA  HA   sing N N 88  
GLN C   O    doub N N 89  
GLN C   OXT  sing N N 90  
GLN CB  CG   sing N N 91  
GLN CB  HB2  sing N N 92  
GLN CB  HB3  sing N N 93  
GLN CG  CD   sing N N 94  
GLN CG  HG2  sing N N 95  
GLN CG  HG3  sing N N 96  
GLN CD  OE1  doub N N 97  
GLN CD  NE2  sing N N 98  
GLN NE2 HE21 sing N N 99  
GLN NE2 HE22 sing N N 100 
GLN OXT HXT  sing N N 101 
GLU N   CA   sing N N 102 
GLU N   H    sing N N 103 
GLU N   H2   sing N N 104 
GLU CA  C    sing N N 105 
GLU CA  CB   sing N N 106 
GLU CA  HA   sing N N 107 
GLU C   O    doub N N 108 
GLU C   OXT  sing N N 109 
GLU CB  CG   sing N N 110 
GLU CB  HB2  sing N N 111 
GLU CB  HB3  sing N N 112 
GLU CG  CD   sing N N 113 
GLU CG  HG2  sing N N 114 
GLU CG  HG3  sing N N 115 
GLU CD  OE1  doub N N 116 
GLU CD  OE2  sing N N 117 
GLU OE2 HE2  sing N N 118 
GLU OXT HXT  sing N N 119 
GLY N   CA   sing N N 120 
GLY N   H    sing N N 121 
GLY N   H2   sing N N 122 
GLY CA  C    sing N N 123 
GLY CA  HA2  sing N N 124 
GLY CA  HA3  sing N N 125 
GLY C   O    doub N N 126 
GLY C   OXT  sing N N 127 
GLY OXT HXT  sing N N 128 
HIS N   CA   sing N N 129 
HIS N   H    sing N N 130 
HIS N   H2   sing N N 131 
HIS CA  C    sing N N 132 
HIS CA  CB   sing N N 133 
HIS CA  HA   sing N N 134 
HIS C   O    doub N N 135 
HIS C   OXT  sing N N 136 
HIS CB  CG   sing N N 137 
HIS CB  HB2  sing N N 138 
HIS CB  HB3  sing N N 139 
HIS CG  ND1  sing Y N 140 
HIS CG  CD2  doub Y N 141 
HIS ND1 CE1  doub Y N 142 
HIS ND1 HD1  sing N N 143 
HIS CD2 NE2  sing Y N 144 
HIS CD2 HD2  sing N N 145 
HIS CE1 NE2  sing Y N 146 
HIS CE1 HE1  sing N N 147 
HIS NE2 HE2  sing N N 148 
HIS OXT HXT  sing N N 149 
LEU N   CA   sing N N 150 
LEU N   H    sing N N 151 
LEU N   H2   sing N N 152 
LEU CA  C    sing N N 153 
LEU CA  CB   sing N N 154 
LEU CA  HA   sing N N 155 
LEU C   O    doub N N 156 
LEU C   OXT  sing N N 157 
LEU CB  CG   sing N N 158 
LEU CB  HB2  sing N N 159 
LEU CB  HB3  sing N N 160 
LEU CG  CD1  sing N N 161 
LEU CG  CD2  sing N N 162 
LEU CG  HG   sing N N 163 
LEU CD1 HD11 sing N N 164 
LEU CD1 HD12 sing N N 165 
LEU CD1 HD13 sing N N 166 
LEU CD2 HD21 sing N N 167 
LEU CD2 HD22 sing N N 168 
LEU CD2 HD23 sing N N 169 
LEU OXT HXT  sing N N 170 
LYS N   CA   sing N N 171 
LYS N   H    sing N N 172 
LYS N   H2   sing N N 173 
LYS CA  C    sing N N 174 
LYS CA  CB   sing N N 175 
LYS CA  HA   sing N N 176 
LYS C   O    doub N N 177 
LYS C   OXT  sing N N 178 
LYS CB  CG   sing N N 179 
LYS CB  HB2  sing N N 180 
LYS CB  HB3  sing N N 181 
LYS CG  CD   sing N N 182 
LYS CG  HG2  sing N N 183 
LYS CG  HG3  sing N N 184 
LYS CD  CE   sing N N 185 
LYS CD  HD2  sing N N 186 
LYS CD  HD3  sing N N 187 
LYS CE  NZ   sing N N 188 
LYS CE  HE2  sing N N 189 
LYS CE  HE3  sing N N 190 
LYS NZ  HZ1  sing N N 191 
LYS NZ  HZ2  sing N N 192 
LYS NZ  HZ3  sing N N 193 
LYS OXT HXT  sing N N 194 
PHE N   CA   sing N N 195 
PHE N   H    sing N N 196 
PHE N   H2   sing N N 197 
PHE CA  C    sing N N 198 
PHE CA  CB   sing N N 199 
PHE CA  HA   sing N N 200 
PHE C   O    doub N N 201 
PHE C   OXT  sing N N 202 
PHE CB  CG   sing N N 203 
PHE CB  HB2  sing N N 204 
PHE CB  HB3  sing N N 205 
PHE CG  CD1  doub Y N 206 
PHE CG  CD2  sing Y N 207 
PHE CD1 CE1  sing Y N 208 
PHE CD1 HD1  sing N N 209 
PHE CD2 CE2  doub Y N 210 
PHE CD2 HD2  sing N N 211 
PHE CE1 CZ   doub Y N 212 
PHE CE1 HE1  sing N N 213 
PHE CE2 CZ   sing Y N 214 
PHE CE2 HE2  sing N N 215 
PHE CZ  HZ   sing N N 216 
PHE OXT HXT  sing N N 217 
PRO N   CA   sing N N 218 
PRO N   CD   sing N N 219 
PRO N   H    sing N N 220 
PRO CA  C    sing N N 221 
PRO CA  CB   sing N N 222 
PRO CA  HA   sing N N 223 
PRO C   O    doub N N 224 
PRO C   OXT  sing N N 225 
PRO CB  CG   sing N N 226 
PRO CB  HB2  sing N N 227 
PRO CB  HB3  sing N N 228 
PRO CG  CD   sing N N 229 
PRO CG  HG2  sing N N 230 
PRO CG  HG3  sing N N 231 
PRO CD  HD2  sing N N 232 
PRO CD  HD3  sing N N 233 
PRO OXT HXT  sing N N 234 
SER N   CA   sing N N 235 
SER N   H    sing N N 236 
SER N   H2   sing N N 237 
SER CA  C    sing N N 238 
SER CA  CB   sing N N 239 
SER CA  HA   sing N N 240 
SER C   O    doub N N 241 
SER C   OXT  sing N N 242 
SER CB  OG   sing N N 243 
SER CB  HB2  sing N N 244 
SER CB  HB3  sing N N 245 
SER OG  HG   sing N N 246 
SER OXT HXT  sing N N 247 
THR N   CA   sing N N 248 
THR N   H    sing N N 249 
THR N   H2   sing N N 250 
THR CA  C    sing N N 251 
THR CA  CB   sing N N 252 
THR CA  HA   sing N N 253 
THR C   O    doub N N 254 
THR C   OXT  sing N N 255 
THR CB  OG1  sing N N 256 
THR CB  CG2  sing N N 257 
THR CB  HB   sing N N 258 
THR OG1 HG1  sing N N 259 
THR CG2 HG21 sing N N 260 
THR CG2 HG22 sing N N 261 
THR CG2 HG23 sing N N 262 
THR OXT HXT  sing N N 263 
TRP N   CA   sing N N 264 
TRP N   H    sing N N 265 
TRP N   H2   sing N N 266 
TRP CA  C    sing N N 267 
TRP CA  CB   sing N N 268 
TRP CA  HA   sing N N 269 
TRP C   O    doub N N 270 
TRP C   OXT  sing N N 271 
TRP CB  CG   sing N N 272 
TRP CB  HB2  sing N N 273 
TRP CB  HB3  sing N N 274 
TRP CG  CD1  doub Y N 275 
TRP CG  CD2  sing Y N 276 
TRP CD1 NE1  sing Y N 277 
TRP CD1 HD1  sing N N 278 
TRP CD2 CE2  doub Y N 279 
TRP CD2 CE3  sing Y N 280 
TRP NE1 CE2  sing Y N 281 
TRP NE1 HE1  sing N N 282 
TRP CE2 CZ2  sing Y N 283 
TRP CE3 CZ3  doub Y N 284 
TRP CE3 HE3  sing N N 285 
TRP CZ2 CH2  doub Y N 286 
TRP CZ2 HZ2  sing N N 287 
TRP CZ3 CH2  sing Y N 288 
TRP CZ3 HZ3  sing N N 289 
TRP CH2 HH2  sing N N 290 
TRP OXT HXT  sing N N 291 
TYR N   CA   sing N N 292 
TYR N   H    sing N N 293 
TYR N   H2   sing N N 294 
TYR CA  C    sing N N 295 
TYR CA  CB   sing N N 296 
TYR CA  HA   sing N N 297 
TYR C   O    doub N N 298 
TYR C   OXT  sing N N 299 
TYR CB  CG   sing N N 300 
TYR CB  HB2  sing N N 301 
TYR CB  HB3  sing N N 302 
TYR CG  CD1  doub Y N 303 
TYR CG  CD2  sing Y N 304 
TYR CD1 CE1  sing Y N 305 
TYR CD1 HD1  sing N N 306 
TYR CD2 CE2  doub Y N 307 
TYR CD2 HD2  sing N N 308 
TYR CE1 CZ   doub Y N 309 
TYR CE1 HE1  sing N N 310 
TYR CE2 CZ   sing Y N 311 
TYR CE2 HE2  sing N N 312 
TYR CZ  OH   sing N N 313 
TYR OH  HH   sing N N 314 
TYR OXT HXT  sing N N 315 
VAL N   CA   sing N N 316 
VAL N   H    sing N N 317 
VAL N   H2   sing N N 318 
VAL CA  C    sing N N 319 
VAL CA  CB   sing N N 320 
VAL CA  HA   sing N N 321 
VAL C   O    doub N N 322 
VAL C   OXT  sing N N 323 
VAL CB  CG1  sing N N 324 
VAL CB  CG2  sing N N 325 
VAL CB  HB   sing N N 326 
VAL CG1 HG11 sing N N 327 
VAL CG1 HG12 sing N N 328 
VAL CG1 HG13 sing N N 329 
VAL CG2 HG21 sing N N 330 
VAL CG2 HG22 sing N N 331 
VAL CG2 HG23 sing N N 332 
VAL OXT HXT  sing N N 333 
# 
_pdbx_nmr_spectrometer.spectrometer_id   1 
_pdbx_nmr_spectrometer.model             'AVANCE DRX' 
_pdbx_nmr_spectrometer.manufacturer      Bruker 
_pdbx_nmr_spectrometer.field_strength    600 
_pdbx_nmr_spectrometer.type              ? 
# 
_atom_sites.entry_id                    2K51 
_atom_sites.fract_transf_matrix[1][1]   1.000000 
_atom_sites.fract_transf_matrix[1][2]   0.000000 
_atom_sites.fract_transf_matrix[1][3]   0.000000 
_atom_sites.fract_transf_matrix[2][1]   0.000000 
_atom_sites.fract_transf_matrix[2][2]   1.000000 
_atom_sites.fract_transf_matrix[2][3]   0.000000 
_atom_sites.fract_transf_matrix[3][1]   0.000000 
_atom_sites.fract_transf_matrix[3][2]   0.000000 
_atom_sites.fract_transf_matrix[3][3]   1.000000 
_atom_sites.fract_transf_vector[1]      0.00000 
_atom_sites.fract_transf_vector[2]      0.00000 
_atom_sites.fract_transf_vector[3]      0.00000 
# 
loop_
_atom_type.symbol 
C 
H 
N 
O 
S 
# 
loop_
_atom_site.group_PDB 
_atom_site.id 
_atom_site.type_symbol 
_atom_site.label_atom_id 
_atom_site.label_alt_id 
_atom_site.label_comp_id 
_atom_site.label_asym_id 
_atom_site.label_entity_id 
_atom_site.label_seq_id 
_atom_site.pdbx_PDB_ins_code 
_atom_site.Cartn_x 
_atom_site.Cartn_y 
_atom_site.Cartn_z 
_atom_site.occupancy 
_atom_site.B_iso_or_equiv 
_atom_site.pdbx_formal_charge 
_atom_site.auth_seq_id 
_atom_site.auth_comp_id 
_atom_site.auth_asym_id 
_atom_site.auth_atom_id 
_atom_site.pdbx_PDB_model_num 
ATOM 1    N N    . ARG A 1 1  ? 9.142   -8.845  -16.801 1.00 0.00 ? 1  ARG A N    1 
ATOM 2    C CA   . ARG A 1 1  ? 8.945   -7.470  -17.309 1.00 0.00 ? 1  ARG A CA   1 
ATOM 3    C C    . ARG A 1 1  ? 7.514   -7.018  -17.045 1.00 0.00 ? 1  ARG A C    1 
ATOM 4    O O    . ARG A 1 1  ? 6.574   -7.541  -17.645 1.00 0.00 ? 1  ARG A O    1 
ATOM 5    C CB   . ARG A 1 1  ? 9.235   -7.417  -18.812 1.00 0.00 ? 1  ARG A CB   1 
ATOM 6    C CG   . ARG A 1 1  ? 9.253   -6.013  -19.392 1.00 0.00 ? 1  ARG A CG   1 
ATOM 7    C CD   . ARG A 1 1  ? 10.437  -5.205  -18.880 1.00 0.00 ? 1  ARG A CD   1 
ATOM 8    N NE   . ARG A 1 1  ? 10.540  -3.912  -19.553 1.00 0.00 ? 1  ARG A NE   1 
ATOM 9    C CZ   . ARG A 1 1  ? 11.689  -3.265  -19.760 1.00 0.00 ? 1  ARG A CZ   1 
ATOM 10   N NH1  . ARG A 1 1  ? 12.829  -3.746  -19.279 1.00 0.00 ? 1  ARG A NH1  1 
ATOM 11   N NH2  . ARG A 1 1  ? 11.694  -2.128  -20.444 1.00 0.00 ? 1  ARG A NH2  1 
ATOM 12   H H1   . ARG A 1 1  ? 10.058  -9.220  -17.127 1.00 0.00 ? 1  ARG A H1   1 
ATOM 13   H H2   . ARG A 1 1  ? 8.381   -9.470  -17.146 1.00 0.00 ? 1  ARG A H2   1 
ATOM 14   H H3   . ARG A 1 1  ? 9.131   -8.851  -15.757 1.00 0.00 ? 1  ARG A H3   1 
ATOM 15   H HA   . ARG A 1 1  ? 9.624   -6.810  -16.791 1.00 0.00 ? 1  ARG A HA   1 
ATOM 16   H HB2  . ARG A 1 1  ? 10.199  -7.869  -18.995 1.00 0.00 ? 1  ARG A HB2  1 
ATOM 17   H HB3  . ARG A 1 1  ? 8.478   -7.988  -19.331 1.00 0.00 ? 1  ARG A HB3  1 
ATOM 18   H HG2  . ARG A 1 1  ? 9.317   -6.082  -20.468 1.00 0.00 ? 1  ARG A HG2  1 
ATOM 19   H HG3  . ARG A 1 1  ? 8.339   -5.511  -19.115 1.00 0.00 ? 1  ARG A HG3  1 
ATOM 20   H HD2  . ARG A 1 1  ? 10.316  -5.041  -17.820 1.00 0.00 ? 1  ARG A HD2  1 
ATOM 21   H HD3  . ARG A 1 1  ? 11.343  -5.766  -19.059 1.00 0.00 ? 1  ARG A HD3  1 
ATOM 22   H HE   . ARG A 1 1  ? 9.700   -3.511  -19.889 1.00 0.00 ? 1  ARG A HE   1 
ATOM 23   H HH11 . ARG A 1 1  ? 12.841  -4.606  -18.758 1.00 0.00 ? 1  ARG A HH11 1 
ATOM 24   H HH12 . ARG A 1 1  ? 13.693  -3.244  -19.427 1.00 0.00 ? 1  ARG A HH12 1 
ATOM 25   H HH21 . ARG A 1 1  ? 10.830  -1.749  -20.808 1.00 0.00 ? 1  ARG A HH21 1 
ATOM 26   H HH22 . ARG A 1 1  ? 12.561  -1.652  -20.626 1.00 0.00 ? 1  ARG A HH22 1 
ATOM 27   N N    . CYS A 1 2  ? 7.346   -6.064  -16.142 1.00 0.00 ? 2  CYS A N    1 
ATOM 28   C CA   . CYS A 1 2  ? 6.019   -5.554  -15.817 1.00 0.00 ? 2  CYS A CA   1 
ATOM 29   C C    . CYS A 1 2  ? 6.103   -4.143  -15.241 1.00 0.00 ? 2  CYS A C    1 
ATOM 30   O O    . CYS A 1 2  ? 5.204   -3.322  -15.429 1.00 0.00 ? 2  CYS A O    1 
ATOM 31   C CB   . CYS A 1 2  ? 5.323   -6.490  -14.822 1.00 0.00 ? 2  CYS A CB   1 
ATOM 32   S SG   . CYS A 1 2  ? 3.571   -6.093  -14.515 1.00 0.00 ? 2  CYS A SG   1 
ATOM 33   H H    . CYS A 1 2  ? 8.132   -5.697  -15.676 1.00 0.00 ? 2  CYS A H    1 
ATOM 34   H HA   . CYS A 1 2  ? 5.448   -5.521  -16.725 1.00 0.00 ? 2  CYS A HA   1 
ATOM 35   H HB2  . CYS A 1 2  ? 5.368   -7.500  -15.200 1.00 0.00 ? 2  CYS A HB2  1 
ATOM 36   H HB3  . CYS A 1 2  ? 5.842   -6.445  -13.875 1.00 0.00 ? 2  CYS A HB3  1 
ATOM 37   N N    . GLY A 1 3  ? 7.198   -3.869  -14.559 1.00 0.00 ? 3  GLY A N    1 
ATOM 38   C CA   . GLY A 1 3  ? 7.380   -2.585  -13.918 1.00 0.00 ? 3  GLY A CA   1 
ATOM 39   C C    . GLY A 1 3  ? 8.039   -2.732  -12.568 1.00 0.00 ? 3  GLY A C    1 
ATOM 40   O O    . GLY A 1 3  ? 7.392   -3.121  -11.597 1.00 0.00 ? 3  GLY A O    1 
ATOM 41   H H    . GLY A 1 3  ? 7.898   -4.554  -14.482 1.00 0.00 ? 3  GLY A H    1 
ATOM 42   H HA2  . GLY A 1 3  ? 7.998   -1.961  -14.546 1.00 0.00 ? 3  GLY A HA2  1 
ATOM 43   H HA3  . GLY A 1 3  ? 6.418   -2.113  -13.789 1.00 0.00 ? 3  GLY A HA3  1 
ATOM 44   N N    . ALA A 1 4  ? 9.333   -2.453  -12.505 1.00 0.00 ? 4  ALA A N    1 
ATOM 45   C CA   . ALA A 1 4  ? 10.080  -2.589  -11.264 1.00 0.00 ? 4  ALA A CA   1 
ATOM 46   C C    . ALA A 1 4  ? 9.664   -1.518  -10.266 1.00 0.00 ? 4  ALA A C    1 
ATOM 47   O O    . ALA A 1 4  ? 10.062  -0.357  -10.388 1.00 0.00 ? 4  ALA A O    1 
ATOM 48   C CB   . ALA A 1 4  ? 11.571  -2.509  -11.539 1.00 0.00 ? 4  ALA A CB   1 
ATOM 49   H H    . ALA A 1 4  ? 9.793   -2.137  -13.310 1.00 0.00 ? 4  ALA A H    1 
ATOM 50   H HA   . ALA A 1 4  ? 9.864   -3.562  -10.848 1.00 0.00 ? 4  ALA A HA   1 
ATOM 51   H HB1  . ALA A 1 4  ? 12.115  -2.657  -10.617 1.00 0.00 ? 4  ALA A HB1  1 
ATOM 52   H HB2  . ALA A 1 4  ? 11.811  -1.538  -11.945 1.00 0.00 ? 4  ALA A HB2  1 
ATOM 53   H HB3  . ALA A 1 4  ? 11.849  -3.276  -12.248 1.00 0.00 ? 4  ALA A HB3  1 
ATOM 54   N N    . GLY A 1 5  ? 8.865   -1.909  -9.284  1.00 0.00 ? 5  GLY A N    1 
ATOM 55   C CA   . GLY A 1 5  ? 8.325   -0.950  -8.348  1.00 0.00 ? 5  GLY A CA   1 
ATOM 56   C C    . GLY A 1 5  ? 7.306   -0.054  -9.014  1.00 0.00 ? 5  GLY A C    1 
ATOM 57   O O    . GLY A 1 5  ? 7.392   1.170   -8.920  1.00 0.00 ? 5  GLY A O    1 
ATOM 58   H H    . GLY A 1 5  ? 8.639   -2.864  -9.193  1.00 0.00 ? 5  GLY A H    1 
ATOM 59   H HA2  . GLY A 1 5  ? 7.854   -1.476  -7.531  1.00 0.00 ? 5  GLY A HA2  1 
ATOM 60   H HA3  . GLY A 1 5  ? 9.129   -0.341  -7.962  1.00 0.00 ? 5  GLY A HA3  1 
ATOM 61   N N    . GLU A 1 6  ? 6.351   -0.675  -9.695  1.00 0.00 ? 6  GLU A N    1 
ATOM 62   C CA   . GLU A 1 6  ? 5.335   0.043   -10.454 1.00 0.00 ? 6  GLU A CA   1 
ATOM 63   C C    . GLU A 1 6  ? 4.174   0.470   -9.554  1.00 0.00 ? 6  GLU A C    1 
ATOM 64   O O    . GLU A 1 6  ? 3.342   -0.353  -9.157  1.00 0.00 ? 6  GLU A O    1 
ATOM 65   C CB   . GLU A 1 6  ? 4.822   -0.853  -11.589 1.00 0.00 ? 6  GLU A CB   1 
ATOM 66   C CG   . GLU A 1 6  ? 3.710   -0.235  -12.423 1.00 0.00 ? 6  GLU A CG   1 
ATOM 67   C CD   . GLU A 1 6  ? 4.148   1.017   -13.150 1.00 0.00 ? 6  GLU A CD   1 
ATOM 68   O OE1  . GLU A 1 6  ? 4.875   0.898   -14.158 1.00 0.00 ? 6  GLU A OE1  1 
ATOM 69   O OE2  . GLU A 1 6  ? 3.747   2.121   -12.735 1.00 0.00 ? 6  GLU A OE2  1 
ATOM 70   H H    . GLU A 1 6  ? 6.331   -1.654  -9.692  1.00 0.00 ? 6  GLU A H    1 
ATOM 71   H HA   . GLU A 1 6  ? 5.796   0.920   -10.878 1.00 0.00 ? 6  GLU A HA   1 
ATOM 72   H HB2  . GLU A 1 6  ? 5.645   -1.083  -12.247 1.00 0.00 ? 6  GLU A HB2  1 
ATOM 73   H HB3  . GLU A 1 6  ? 4.450   -1.773  -11.163 1.00 0.00 ? 6  GLU A HB3  1 
ATOM 74   H HG2  . GLU A 1 6  ? 3.382   -0.959  -13.154 1.00 0.00 ? 6  GLU A HG2  1 
ATOM 75   H HG3  . GLU A 1 6  ? 2.885   0.013   -11.772 1.00 0.00 ? 6  GLU A HG3  1 
ATOM 76   N N    . PRO A 1 7  ? 4.097   1.770   -9.226  1.00 0.00 ? 7  PRO A N    1 
ATOM 77   C CA   . PRO A 1 7  ? 3.009   2.308   -8.427  1.00 0.00 ? 7  PRO A CA   1 
ATOM 78   C C    . PRO A 1 7  ? 1.763   2.492   -9.279  1.00 0.00 ? 7  PRO A C    1 
ATOM 79   O O    . PRO A 1 7  ? 1.651   3.456   -10.038 1.00 0.00 ? 7  PRO A O    1 
ATOM 80   C CB   . PRO A 1 7  ? 3.550   3.653   -7.949  1.00 0.00 ? 7  PRO A CB   1 
ATOM 81   C CG   . PRO A 1 7  ? 4.518   4.075   -9.002  1.00 0.00 ? 7  PRO A CG   1 
ATOM 82   C CD   . PRO A 1 7  ? 5.051   2.815   -9.637  1.00 0.00 ? 7  PRO A CD   1 
ATOM 83   H HA   . PRO A 1 7  ? 2.783   1.677   -7.581  1.00 0.00 ? 7  PRO A HA   1 
ATOM 84   H HB2  . PRO A 1 7  ? 2.738   4.358   -7.856  1.00 0.00 ? 7  PRO A HB2  1 
ATOM 85   H HB3  . PRO A 1 7  ? 4.038   3.528   -6.993  1.00 0.00 ? 7  PRO A HB3  1 
ATOM 86   H HG2  . PRO A 1 7  ? 4.011   4.679   -9.741  1.00 0.00 ? 7  PRO A HG2  1 
ATOM 87   H HG3  . PRO A 1 7  ? 5.325   4.635   -8.553  1.00 0.00 ? 7  PRO A HG3  1 
ATOM 88   H HD2  . PRO A 1 7  ? 5.066   2.916   -10.712 1.00 0.00 ? 7  PRO A HD2  1 
ATOM 89   H HD3  . PRO A 1 7  ? 6.041   2.599   -9.265  1.00 0.00 ? 7  PRO A HD3  1 
ATOM 90   N N    . TRP A 1 8  ? 0.819   1.573   -9.140  1.00 0.00 ? 8  TRP A N    1 
ATOM 91   C CA   . TRP A 1 8  ? -0.327  1.528   -10.036 1.00 0.00 ? 8  TRP A CA   1 
ATOM 92   C C    . TRP A 1 8  ? -1.371  2.562   -9.604  1.00 0.00 ? 8  TRP A C    1 
ATOM 93   O O    . TRP A 1 8  ? -2.463  2.648   -10.164 1.00 0.00 ? 8  TRP A O    1 
ATOM 94   C CB   . TRP A 1 8  ? -0.907  0.107   -10.065 1.00 0.00 ? 8  TRP A CB   1 
ATOM 95   C CG   . TRP A 1 8  ? -1.774  -0.177  -11.255 1.00 0.00 ? 8  TRP A CG   1 
ATOM 96   C CD1  . TRP A 1 8  ? -1.336  -0.456  -12.514 1.00 0.00 ? 8  TRP A CD1  1 
ATOM 97   C CD2  . TRP A 1 8  ? -3.204  -0.237  -11.305 1.00 0.00 ? 8  TRP A CD2  1 
ATOM 98   N NE1  . TRP A 1 8  ? -2.401  -0.683  -13.347 1.00 0.00 ? 8  TRP A NE1  1 
ATOM 99   C CE2  . TRP A 1 8  ? -3.558  -0.552  -12.629 1.00 0.00 ? 8  TRP A CE2  1 
ATOM 100  C CE3  . TRP A 1 8  ? -4.219  -0.053  -10.363 1.00 0.00 ? 8  TRP A CE3  1 
ATOM 101  C CZ2  . TRP A 1 8  ? -4.884  -0.690  -13.031 1.00 0.00 ? 8  TRP A CZ2  1 
ATOM 102  C CZ3  . TRP A 1 8  ? -5.532  -0.189  -10.764 1.00 0.00 ? 8  TRP A CZ3  1 
ATOM 103  C CH2  . TRP A 1 8  ? -5.856  -0.504  -12.088 1.00 0.00 ? 8  TRP A CH2  1 
ATOM 104  H H    . TRP A 1 8  ? 0.899   0.903   -8.426  1.00 0.00 ? 8  TRP A H    1 
ATOM 105  H HA   . TRP A 1 8  ? 0.021   1.786   -11.026 1.00 0.00 ? 8  TRP A HA   1 
ATOM 106  H HB2  . TRP A 1 8  ? -0.093  -0.603  -10.080 1.00 0.00 ? 8  TRP A HB2  1 
ATOM 107  H HB3  . TRP A 1 8  ? -1.499  -0.061  -9.176  1.00 0.00 ? 8  TRP A HB3  1 
ATOM 108  H HD1  . TRP A 1 8  ? -0.297  -0.489  -12.799 1.00 0.00 ? 8  TRP A HD1  1 
ATOM 109  H HE1  . TRP A 1 8  ? -2.339  -0.905  -14.309 1.00 0.00 ? 8  TRP A HE1  1 
ATOM 110  H HE3  . TRP A 1 8  ? -3.989  0.192   -9.335  1.00 0.00 ? 8  TRP A HE3  1 
ATOM 111  H HZ2  . TRP A 1 8  ? -5.149  -0.936  -14.050 1.00 0.00 ? 8  TRP A HZ2  1 
ATOM 112  H HZ3  . TRP A 1 8  ? -6.330  -0.049  -10.047 1.00 0.00 ? 8  TRP A HZ3  1 
ATOM 113  H HH2  . TRP A 1 8  ? -6.898  -0.599  -12.356 1.00 0.00 ? 8  TRP A HH2  1 
ATOM 114  N N    . GLY A 1 9  ? -1.010  3.354   -8.600  1.00 0.00 ? 9  GLY A N    1 
ATOM 115  C CA   . GLY A 1 9  ? -1.820  4.489   -8.211  1.00 0.00 ? 9  GLY A CA   1 
ATOM 116  C C    . GLY A 1 9  ? -2.494  4.301   -6.871  1.00 0.00 ? 9  GLY A C    1 
ATOM 117  O O    . GLY A 1 9  ? -1.827  4.221   -5.824  1.00 0.00 ? 9  GLY A O    1 
ATOM 118  H H    . GLY A 1 9  ? -0.184  3.160   -8.116  1.00 0.00 ? 9  GLY A H    1 
ATOM 119  H HA2  . GLY A 1 9  ? -1.192  5.365   -8.161  1.00 0.00 ? 9  GLY A HA2  1 
ATOM 120  H HA3  . GLY A 1 9  ? -2.579  4.648   -8.962  1.00 0.00 ? 9  GLY A HA3  1 
ATOM 121  N N    . ASN A 1 10 ? -3.820  4.253   -6.902  1.00 0.00 ? 10 ASN A N    1 
ATOM 122  C CA   . ASN A 1 10 ? -4.613  4.050   -5.701  1.00 0.00 ? 10 ASN A CA   1 
ATOM 123  C C    . ASN A 1 10 ? -5.142  2.640   -5.661  1.00 0.00 ? 10 ASN A C    1 
ATOM 124  O O    . ASN A 1 10 ? -6.177  2.366   -5.057  1.00 0.00 ? 10 ASN A O    1 
ATOM 125  C CB   . ASN A 1 10 ? -5.787  5.020   -5.622  1.00 0.00 ? 10 ASN A CB   1 
ATOM 126  C CG   . ASN A 1 10 ? -5.349  6.462   -5.531  1.00 0.00 ? 10 ASN A CG   1 
ATOM 127  O OD1  . ASN A 1 10 ? -6.062  7.375   -5.946  1.00 0.00 ? 10 ASN A OD1  1 
ATOM 128  N ND2  . ASN A 1 10 ? -4.159  6.673   -5.012  1.00 0.00 ? 10 ASN A ND2  1 
ATOM 129  H H    . ASN A 1 10 ? -4.283  4.359   -7.769  1.00 0.00 ? 10 ASN A H    1 
ATOM 130  H HA   . ASN A 1 10 ? -3.970  4.203   -4.848  1.00 0.00 ? 10 ASN A HA   1 
ATOM 131  H HB2  . ASN A 1 10 ? -6.407  4.904   -6.498  1.00 0.00 ? 10 ASN A HB2  1 
ATOM 132  H HB3  . ASN A 1 10 ? -6.364  4.783   -4.736  1.00 0.00 ? 10 ASN A HB3  1 
ATOM 133  H HD21 . ASN A 1 10 ? -3.630  5.895   -4.741  1.00 0.00 ? 10 ASN A HD21 1 
ATOM 134  H HD22 . ASN A 1 10 ? -3.871  7.598   -4.863  1.00 0.00 ? 10 ASN A HD22 1 
ATOM 135  N N    . ALA A 1 11 ? -4.444  1.760   -6.333  1.00 0.00 ? 11 ALA A N    1 
ATOM 136  C CA   . ALA A 1 11 ? -4.745  0.352   -6.286  1.00 0.00 ? 11 ALA A CA   1 
ATOM 137  C C    . ALA A 1 11 ? -3.490  -0.432  -6.590  1.00 0.00 ? 11 ALA A C    1 
ATOM 138  O O    . ALA A 1 11 ? -2.691  -0.026  -7.431  1.00 0.00 ? 11 ALA A O    1 
ATOM 139  C CB   . ALA A 1 11 ? -5.848  0.006   -7.272  1.00 0.00 ? 11 ALA A CB   1 
ATOM 140  H H    . ALA A 1 11 ? -3.692  2.068   -6.883  1.00 0.00 ? 11 ALA A H    1 
ATOM 141  H HA   . ALA A 1 11 ? -5.084  0.111   -5.290  1.00 0.00 ? 11 ALA A HA   1 
ATOM 142  H HB1  . ALA A 1 11 ? -6.101  -1.039  -7.176  1.00 0.00 ? 11 ALA A HB1  1 
ATOM 143  H HB2  . ALA A 1 11 ? -5.506  0.203   -8.278  1.00 0.00 ? 11 ALA A HB2  1 
ATOM 144  H HB3  . ALA A 1 11 ? -6.720  0.609   -7.064  1.00 0.00 ? 11 ALA A HB3  1 
ATOM 145  N N    . THR A 1 12 ? -3.301  -1.527  -5.884  1.00 0.00 ? 12 THR A N    1 
ATOM 146  C CA   . THR A 1 12 ? -2.219  -2.426  -6.190  1.00 0.00 ? 12 THR A CA   1 
ATOM 147  C C    . THR A 1 12 ? -2.450  -2.998  -7.576  1.00 0.00 ? 12 THR A C    1 
ATOM 148  O O    . THR A 1 12 ? -3.572  -3.351  -7.935  1.00 0.00 ? 12 THR A O    1 
ATOM 149  C CB   . THR A 1 12 ? -2.116  -3.562  -5.155  1.00 0.00 ? 12 THR A CB   1 
ATOM 150  O OG1  . THR A 1 12 ? -3.382  -4.216  -5.014  1.00 0.00 ? 12 THR A OG1  1 
ATOM 151  C CG2  . THR A 1 12 ? -1.661  -3.027  -3.806  1.00 0.00 ? 12 THR A CG2  1 
ATOM 152  H H    . THR A 1 12 ? -3.912  -1.740  -5.150  1.00 0.00 ? 12 THR A H    1 
ATOM 153  H HA   . THR A 1 12 ? -1.297  -1.862  -6.185  1.00 0.00 ? 12 THR A HA   1 
ATOM 154  H HB   . THR A 1 12 ? -1.388  -4.280  -5.505  1.00 0.00 ? 12 THR A HB   1 
ATOM 155  H HG1  . THR A 1 12 ? -3.994  -3.631  -4.550  1.00 0.00 ? 12 THR A HG1  1 
ATOM 156  H HG21 . THR A 1 12 ? -0.691  -2.566  -3.911  1.00 0.00 ? 12 THR A HG21 1 
ATOM 157  H HG22 . THR A 1 12 ? -1.601  -3.840  -3.096  1.00 0.00 ? 12 THR A HG22 1 
ATOM 158  H HG23 . THR A 1 12 ? -2.371  -2.294  -3.453  1.00 0.00 ? 12 THR A HG23 1 
ATOM 159  N N    . ASN A 1 13 ? -1.383  -3.038  -8.353  1.00 0.00 ? 13 ASN A N    1 
ATOM 160  C CA   . ASN A 1 13 ? -1.425  -3.456  -9.753  1.00 0.00 ? 13 ASN A CA   1 
ATOM 161  C C    . ASN A 1 13 ? -2.000  -4.856  -9.932  1.00 0.00 ? 13 ASN A C    1 
ATOM 162  O O    . ASN A 1 13 ? -2.589  -5.165  -10.964 1.00 0.00 ? 13 ASN A O    1 
ATOM 163  C CB   . ASN A 1 13 ? -0.016  -3.370  -10.321 1.00 0.00 ? 13 ASN A CB   1 
ATOM 164  C CG   . ASN A 1 13 ? 1.020   -3.971  -9.388  1.00 0.00 ? 13 ASN A CG   1 
ATOM 165  O OD1  . ASN A 1 13 ? 0.798   -5.002  -8.751  1.00 0.00 ? 13 ASN A OD1  1 
ATOM 166  N ND2  . ASN A 1 13 ? 2.143   -3.301  -9.254  1.00 0.00 ? 13 ASN A ND2  1 
ATOM 167  H H    . ASN A 1 13 ? -0.524  -2.767  -7.974  1.00 0.00 ? 13 ASN A H    1 
ATOM 168  H HA   . ASN A 1 13 ? -2.052  -2.757  -10.282 1.00 0.00 ? 13 ASN A HA   1 
ATOM 169  H HB2  . ASN A 1 13 ? 0.022   -3.897  -11.264 1.00 0.00 ? 13 ASN A HB2  1 
ATOM 170  H HB3  . ASN A 1 13 ? 0.233   -2.330  -10.484 1.00 0.00 ? 13 ASN A HB3  1 
ATOM 171  H HD21 . ASN A 1 13 ? 2.249   -2.460  -9.754  1.00 0.00 ? 13 ASN A HD21 1 
ATOM 172  H HD22 . ASN A 1 13 ? 2.848   -3.687  -8.674  1.00 0.00 ? 13 ASN A HD22 1 
ATOM 173  N N    . LEU A 1 14 ? -1.798  -5.699  -8.930  1.00 0.00 ? 14 LEU A N    1 
ATOM 174  C CA   . LEU A 1 14 ? -2.415  -7.016  -8.881  1.00 0.00 ? 14 LEU A CA   1 
ATOM 175  C C    . LEU A 1 14 ? -3.946  -6.915  -8.947  1.00 0.00 ? 14 LEU A C    1 
ATOM 176  O O    . LEU A 1 14 ? -4.623  -7.868  -9.330  1.00 0.00 ? 14 LEU A O    1 
ATOM 177  C CB   . LEU A 1 14 ? -1.978  -7.738  -7.603  1.00 0.00 ? 14 LEU A CB   1 
ATOM 178  C CG   . LEU A 1 14 ? -2.425  -9.200  -7.488  1.00 0.00 ? 14 LEU A CG   1 
ATOM 179  C CD1  . LEU A 1 14 ? -1.858  -10.025 -8.635  1.00 0.00 ? 14 LEU A CD1  1 
ATOM 180  C CD2  . LEU A 1 14 ? -2.002  -9.783  -6.147  1.00 0.00 ? 14 LEU A CD2  1 
ATOM 181  H H    . LEU A 1 14 ? -1.170  -5.444  -8.229  1.00 0.00 ? 14 LEU A H    1 
ATOM 182  H HA   . LEU A 1 14 ? -2.066  -7.576  -9.736  1.00 0.00 ? 14 LEU A HA   1 
ATOM 183  H HB2  . LEU A 1 14 ? -0.896  -7.706  -7.550  1.00 0.00 ? 14 LEU A HB2  1 
ATOM 184  H HB3  . LEU A 1 14 ? -2.375  -7.198  -6.755  1.00 0.00 ? 14 LEU A HB3  1 
ATOM 185  H HG   . LEU A 1 14 ? -3.502  -9.243  -7.547  1.00 0.00 ? 14 LEU A HG   1 
ATOM 186  H HD11 . LEU A 1 14 ? -2.179  -9.601  -9.576  1.00 0.00 ? 14 LEU A HD11 1 
ATOM 187  H HD12 . LEU A 1 14 ? -2.216  -11.042 -8.559  1.00 0.00 ? 14 LEU A HD12 1 
ATOM 188  H HD13 . LEU A 1 14 ? -0.780  -10.017 -8.586  1.00 0.00 ? 14 LEU A HD13 1 
ATOM 189  H HD21 . LEU A 1 14 ? -0.928  -9.732  -6.051  1.00 0.00 ? 14 LEU A HD21 1 
ATOM 190  H HD22 . LEU A 1 14 ? -2.321  -10.813 -6.086  1.00 0.00 ? 14 LEU A HD22 1 
ATOM 191  H HD23 . LEU A 1 14 ? -2.461  -9.219  -5.347  1.00 0.00 ? 14 LEU A HD23 1 
ATOM 192  N N    . GLY A 1 15 ? -4.485  -5.756  -8.580  1.00 0.00 ? 15 GLY A N    1 
ATOM 193  C CA   . GLY A 1 15 ? -5.896  -5.524  -8.723  1.00 0.00 ? 15 GLY A CA   1 
ATOM 194  C C    . GLY A 1 15 ? -6.646  -5.389  -7.407  1.00 0.00 ? 15 GLY A C    1 
ATOM 195  O O    . GLY A 1 15 ? -7.734  -5.951  -7.257  1.00 0.00 ? 15 GLY A O    1 
ATOM 196  H H    . GLY A 1 15 ? -3.914  -5.044  -8.240  1.00 0.00 ? 15 GLY A H    1 
ATOM 197  H HA2  . GLY A 1 15 ? -6.042  -4.623  -9.298  1.00 0.00 ? 15 GLY A HA2  1 
ATOM 198  H HA3  . GLY A 1 15 ? -6.301  -6.346  -9.266  1.00 0.00 ? 15 GLY A HA3  1 
ATOM 199  N N    . VAL A 1 16 ? -6.081  -4.652  -6.455  1.00 0.00 ? 16 VAL A N    1 
ATOM 200  C CA   . VAL A 1 16 ? -6.752  -4.418  -5.173  1.00 0.00 ? 16 VAL A CA   1 
ATOM 201  C C    . VAL A 1 16 ? -6.601  -2.949  -4.750  1.00 0.00 ? 16 VAL A C    1 
ATOM 202  O O    . VAL A 1 16 ? -5.485  -2.452  -4.612  1.00 0.00 ? 16 VAL A O    1 
ATOM 203  C CB   . VAL A 1 16 ? -6.194  -5.328  -4.055  1.00 0.00 ? 16 VAL A CB   1 
ATOM 204  C CG1  . VAL A 1 16 ? -7.009  -5.170  -2.784  1.00 0.00 ? 16 VAL A CG1  1 
ATOM 205  C CG2  . VAL A 1 16 ? -6.169  -6.788  -4.485  1.00 0.00 ? 16 VAL A CG2  1 
ATOM 206  H H    . VAL A 1 16 ? -5.199  -4.250  -6.617  1.00 0.00 ? 16 VAL A H    1 
ATOM 207  H HA   . VAL A 1 16 ? -7.801  -4.640  -5.302  1.00 0.00 ? 16 VAL A HA   1 
ATOM 208  H HB   . VAL A 1 16 ? -5.179  -5.021  -3.846  1.00 0.00 ? 16 VAL A HB   1 
ATOM 209  H HG11 . VAL A 1 16 ? -6.601  -5.807  -2.014  1.00 0.00 ? 16 VAL A HG11 1 
ATOM 210  H HG12 . VAL A 1 16 ? -8.034  -5.449  -2.977  1.00 0.00 ? 16 VAL A HG12 1 
ATOM 211  H HG13 . VAL A 1 16 ? -6.972  -4.141  -2.458  1.00 0.00 ? 16 VAL A HG13 1 
ATOM 212  H HG21 . VAL A 1 16 ? -5.538  -6.895  -5.355  1.00 0.00 ? 16 VAL A HG21 1 
ATOM 213  H HG22 . VAL A 1 16 ? -7.172  -7.108  -4.724  1.00 0.00 ? 16 VAL A HG22 1 
ATOM 214  H HG23 . VAL A 1 16 ? -5.779  -7.393  -3.681  1.00 0.00 ? 16 VAL A HG23 1 
ATOM 215  N N    . PRO A 1 17 ? -7.727  -2.248  -4.531  1.00 0.00 ? 17 PRO A N    1 
ATOM 216  C CA   . PRO A 1 17 ? -7.740  -0.794  -4.261  1.00 0.00 ? 17 PRO A CA   1 
ATOM 217  C C    . PRO A 1 17 ? -7.095  -0.380  -2.930  1.00 0.00 ? 17 PRO A C    1 
ATOM 218  O O    . PRO A 1 17 ? -7.321  -0.996  -1.880  1.00 0.00 ? 17 PRO A O    1 
ATOM 219  C CB   . PRO A 1 17 ? -9.233  -0.452  -4.250  1.00 0.00 ? 17 PRO A CB   1 
ATOM 220  C CG   . PRO A 1 17 ? -9.913  -1.732  -3.909  1.00 0.00 ? 17 PRO A CG   1 
ATOM 221  C CD   . PRO A 1 17 ? -9.085  -2.817  -4.533  1.00 0.00 ? 17 PRO A CD   1 
ATOM 222  H HA   . PRO A 1 17 ? -7.263  -0.249  -5.059  1.00 0.00 ? 17 PRO A HA   1 
ATOM 223  H HB2  . PRO A 1 17 ? -9.425  0.310   -3.509  1.00 0.00 ? 17 PRO A HB2  1 
ATOM 224  H HB3  . PRO A 1 17 ? -9.529  -0.097  -5.225  1.00 0.00 ? 17 PRO A HB3  1 
ATOM 225  H HG2  . PRO A 1 17 ? -9.945  -1.856  -2.835  1.00 0.00 ? 17 PRO A HG2  1 
ATOM 226  H HG3  . PRO A 1 17 ? -10.912 -1.740  -4.319  1.00 0.00 ? 17 PRO A HG3  1 
ATOM 227  H HD2  . PRO A 1 17 ? -9.128  -3.714  -3.936  1.00 0.00 ? 17 PRO A HD2  1 
ATOM 228  H HD3  . PRO A 1 17 ? -9.418  -3.012  -5.542  1.00 0.00 ? 17 PRO A HD3  1 
ATOM 229  N N    . CYS A 1 18 ? -6.311  0.696   -2.992  1.00 0.00 ? 18 CYS A N    1 
ATOM 230  C CA   . CYS A 1 18 ? -5.657  1.270   -1.823  1.00 0.00 ? 18 CYS A CA   1 
ATOM 231  C C    . CYS A 1 18 ? -6.661  2.079   -1.003  1.00 0.00 ? 18 CYS A C    1 
ATOM 232  O O    . CYS A 1 18 ? -7.496  2.796   -1.558  1.00 0.00 ? 18 CYS A O    1 
ATOM 233  C CB   . CYS A 1 18 ? -4.509  2.199   -2.255  1.00 0.00 ? 18 CYS A CB   1 
ATOM 234  S SG   . CYS A 1 18 ? -3.146  1.407   -3.184  1.00 0.00 ? 18 CYS A SG   1 
ATOM 235  H H    . CYS A 1 18 ? -6.180  1.139   -3.863  1.00 0.00 ? 18 CYS A H    1 
ATOM 236  H HA   . CYS A 1 18 ? -5.263  0.467   -1.220  1.00 0.00 ? 18 CYS A HA   1 
ATOM 237  H HB2  . CYS A 1 18 ? -4.918  2.968   -2.894  1.00 0.00 ? 18 CYS A HB2  1 
ATOM 238  H HB3  . CYS A 1 18 ? -4.089  2.670   -1.384  1.00 0.00 ? 18 CYS A HB3  1 
ATOM 239  N N    . LEU A 1 19 ? -6.569  1.959   0.308   1.00 0.00 ? 19 LEU A N    1 
ATOM 240  C CA   . LEU A 1 19 ? -7.380  2.741   1.229   1.00 0.00 ? 19 LEU A CA   1 
ATOM 241  C C    . LEU A 1 19 ? -6.599  4.002   1.620   1.00 0.00 ? 19 LEU A C    1 
ATOM 242  O O    . LEU A 1 19 ? -5.396  4.087   1.359   1.00 0.00 ? 19 LEU A O    1 
ATOM 243  C CB   . LEU A 1 19 ? -7.728  1.871   2.456   1.00 0.00 ? 19 LEU A CB   1 
ATOM 244  C CG   . LEU A 1 19 ? -8.504  2.559   3.581   1.00 0.00 ? 19 LEU A CG   1 
ATOM 245  C CD1  . LEU A 1 19 ? -9.902  2.938   3.120   1.00 0.00 ? 19 LEU A CD1  1 
ATOM 246  C CD2  . LEU A 1 19 ? -8.575  1.662   4.807   1.00 0.00 ? 19 LEU A CD2  1 
ATOM 247  H H    . LEU A 1 19 ? -5.911  1.328   0.680   1.00 0.00 ? 19 LEU A H    1 
ATOM 248  H HA   . LEU A 1 19 ? -8.288  3.032   0.721   1.00 0.00 ? 19 LEU A HA   1 
ATOM 249  H HB2  . LEU A 1 19 ? -8.320  1.037   2.110   1.00 0.00 ? 19 LEU A HB2  1 
ATOM 250  H HB3  . LEU A 1 19 ? -6.812  1.481   2.870   1.00 0.00 ? 19 LEU A HB3  1 
ATOM 251  H HG   . LEU A 1 19 ? -7.985  3.461   3.860   1.00 0.00 ? 19 LEU A HG   1 
ATOM 252  H HD11 . LEU A 1 19 ? -9.834  3.571   2.247   1.00 0.00 ? 19 LEU A HD11 1 
ATOM 253  H HD12 . LEU A 1 19 ? -10.411 3.470   3.911   1.00 0.00 ? 19 LEU A HD12 1 
ATOM 254  H HD13 . LEU A 1 19 ? -10.455 2.044   2.874   1.00 0.00 ? 19 LEU A HD13 1 
ATOM 255  H HD21 . LEU A 1 19 ? -7.576  1.451   5.160   1.00 0.00 ? 19 LEU A HD21 1 
ATOM 256  H HD22 . LEU A 1 19 ? -9.069  0.735   4.549   1.00 0.00 ? 19 LEU A HD22 1 
ATOM 257  H HD23 . LEU A 1 19 ? -9.134  2.161   5.587   1.00 0.00 ? 19 LEU A HD23 1 
ATOM 258  N N    . HIS A 1 20 ? -7.265  4.980   2.228   1.00 0.00 ? 20 HIS A N    1 
ATOM 259  C CA   . HIS A 1 20 ? -6.609  6.233   2.595   1.00 0.00 ? 20 HIS A CA   1 
ATOM 260  C C    . HIS A 1 20 ? -5.747  6.040   3.826   1.00 0.00 ? 20 HIS A C    1 
ATOM 261  O O    . HIS A 1 20 ? -6.128  5.351   4.770   1.00 0.00 ? 20 HIS A O    1 
ATOM 262  C CB   . HIS A 1 20 ? -7.636  7.336   2.876   1.00 0.00 ? 20 HIS A CB   1 
ATOM 263  C CG   . HIS A 1 20 ? -8.338  7.861   1.661   1.00 0.00 ? 20 HIS A CG   1 
ATOM 264  N ND1  . HIS A 1 20 ? -9.554  7.390   1.232   1.00 0.00 ? 20 HIS A ND1  1 
ATOM 265  C CD2  . HIS A 1 20 ? -7.991  8.838   0.795   1.00 0.00 ? 20 HIS A CD2  1 
ATOM 266  C CE1  . HIS A 1 20 ? -9.925  8.046   0.150   1.00 0.00 ? 20 HIS A CE1  1 
ATOM 267  N NE2  . HIS A 1 20 ? -8.993  8.936   -0.137  1.00 0.00 ? 20 HIS A NE2  1 
ATOM 268  H H    . HIS A 1 20 ? -8.214  4.863   2.420   1.00 0.00 ? 20 HIS A H    1 
ATOM 269  H HA   . HIS A 1 20 ? -5.981  6.538   1.777   1.00 0.00 ? 20 HIS A HA   1 
ATOM 270  H HB2  . HIS A 1 20 ? -8.387  6.950   3.547   1.00 0.00 ? 20 HIS A HB2  1 
ATOM 271  H HB3  . HIS A 1 20 ? -7.134  8.166   3.352   1.00 0.00 ? 20 HIS A HB3  1 
ATOM 272  H HD1  . HIS A 1 20 ? -10.088 6.687   1.676   1.00 0.00 ? 20 HIS A HD1  1 
ATOM 273  H HD2  . HIS A 1 20 ? -7.087  9.437   0.833   1.00 0.00 ? 20 HIS A HD2  1 
ATOM 274  H HE1  . HIS A 1 20 ? -10.834 7.881   -0.410  1.00 0.00 ? 20 HIS A HE1  1 
ATOM 275  H HE2  . HIS A 1 20 ? -9.119  9.701   -0.753  1.00 0.00 ? 20 HIS A HE2  1 
ATOM 276  N N    . TRP A 1 21 ? -4.584  6.680   3.794   1.00 0.00 ? 21 TRP A N    1 
ATOM 277  C CA   . TRP A 1 21 ? -3.563  6.511   4.819   1.00 0.00 ? 21 TRP A CA   1 
ATOM 278  C C    . TRP A 1 21 ? -4.037  7.025   6.174   1.00 0.00 ? 21 TRP A C    1 
ATOM 279  O O    . TRP A 1 21 ? -3.617  6.528   7.215   1.00 0.00 ? 21 TRP A O    1 
ATOM 280  C CB   . TRP A 1 21 ? -2.281  7.230   4.390   1.00 0.00 ? 21 TRP A CB   1 
ATOM 281  C CG   . TRP A 1 21 ? -1.649  6.647   3.169   1.00 0.00 ? 21 TRP A CG   1 
ATOM 282  C CD1  . TRP A 1 21 ? -1.716  7.134   1.900   1.00 0.00 ? 21 TRP A CD1  1 
ATOM 283  C CD2  . TRP A 1 21 ? -0.852  5.461   3.103   1.00 0.00 ? 21 TRP A CD2  1 
ATOM 284  N NE1  . TRP A 1 21 ? -1.001  6.330   1.055   1.00 0.00 ? 21 TRP A NE1  1 
ATOM 285  C CE2  . TRP A 1 21 ? -0.471  5.293   1.763   1.00 0.00 ? 21 TRP A CE2  1 
ATOM 286  C CE3  . TRP A 1 21 ? -0.420  4.521   4.043   1.00 0.00 ? 21 TRP A CE3  1 
ATOM 287  C CZ2  . TRP A 1 21 ? 0.317   4.230   1.336   1.00 0.00 ? 21 TRP A CZ2  1 
ATOM 288  C CZ3  . TRP A 1 21 ? 0.361   3.471   3.622   1.00 0.00 ? 21 TRP A CZ3  1 
ATOM 289  C CH2  . TRP A 1 21 ? 0.722   3.329   2.278   1.00 0.00 ? 21 TRP A CH2  1 
ATOM 290  H H    . TRP A 1 21 ? -4.408  7.296   3.052   1.00 0.00 ? 21 TRP A H    1 
ATOM 291  H HA   . TRP A 1 21 ? -3.356  5.455   4.904   1.00 0.00 ? 21 TRP A HA   1 
ATOM 292  H HB2  . TRP A 1 21 ? -2.504  8.265   4.184   1.00 0.00 ? 21 TRP A HB2  1 
ATOM 293  H HB3  . TRP A 1 21 ? -1.563  7.178   5.181   1.00 0.00 ? 21 TRP A HB3  1 
ATOM 294  H HD1  . TRP A 1 21 ? -2.250  8.030   1.620   1.00 0.00 ? 21 TRP A HD1  1 
ATOM 295  H HE1  . TRP A 1 21 ? -0.886  6.471   0.098   1.00 0.00 ? 21 TRP A HE1  1 
ATOM 296  H HE3  . TRP A 1 21 ? -0.682  4.604   5.085   1.00 0.00 ? 21 TRP A HE3  1 
ATOM 297  H HZ2  . TRP A 1 21 ? 0.598   4.109   0.292   1.00 0.00 ? 21 TRP A HZ2  1 
ATOM 298  H HZ3  . TRP A 1 21 ? 0.705   2.744   4.339   1.00 0.00 ? 21 TRP A HZ3  1 
ATOM 299  H HH2  . TRP A 1 21 ? 1.339   2.489   1.995   1.00 0.00 ? 21 TRP A HH2  1 
ATOM 300  N N    . ASP A 1 22 ? -4.912  8.020   6.158   1.00 0.00 ? 22 ASP A N    1 
ATOM 301  C CA   . ASP A 1 22 ? -5.491  8.551   7.392   1.00 0.00 ? 22 ASP A CA   1 
ATOM 302  C C    . ASP A 1 22 ? -6.715  7.731   7.811   1.00 0.00 ? 22 ASP A C    1 
ATOM 303  O O    . ASP A 1 22 ? -7.255  7.916   8.898   1.00 0.00 ? 22 ASP A O    1 
ATOM 304  C CB   . ASP A 1 22 ? -5.873  10.030  7.220   1.00 0.00 ? 22 ASP A CB   1 
ATOM 305  C CG   . ASP A 1 22 ? -6.399  10.666  8.496   1.00 0.00 ? 22 ASP A CG   1 
ATOM 306  O OD1  . ASP A 1 22 ? -5.692  10.627  9.525   1.00 0.00 ? 22 ASP A OD1  1 
ATOM 307  O OD2  . ASP A 1 22 ? -7.520  11.219  8.477   1.00 0.00 ? 22 ASP A OD2  1 
ATOM 308  H H    . ASP A 1 22 ? -5.158  8.421   5.300   1.00 0.00 ? 22 ASP A H    1 
ATOM 309  H HA   . ASP A 1 22 ? -4.738  8.471   8.165   1.00 0.00 ? 22 ASP A HA   1 
ATOM 310  H HB2  . ASP A 1 22 ? -5.003  10.582  6.901   1.00 0.00 ? 22 ASP A HB2  1 
ATOM 311  H HB3  . ASP A 1 22 ? -6.638  10.108  6.461   1.00 0.00 ? 22 ASP A HB3  1 
ATOM 312  N N    . GLU A 1 23 ? -7.139  6.806   6.955   1.00 0.00 ? 23 GLU A N    1 
ATOM 313  C CA   . GLU A 1 23 ? -8.301  5.974   7.251   1.00 0.00 ? 23 GLU A CA   1 
ATOM 314  C C    . GLU A 1 23 ? -7.876  4.587   7.707   1.00 0.00 ? 23 GLU A C    1 
ATOM 315  O O    . GLU A 1 23 ? -8.705  3.689   7.837   1.00 0.00 ? 23 GLU A O    1 
ATOM 316  C CB   . GLU A 1 23 ? -9.217  5.839   6.033   1.00 0.00 ? 23 GLU A CB   1 
ATOM 317  C CG   . GLU A 1 23 ? -9.747  7.161   5.512   1.00 0.00 ? 23 GLU A CG   1 
ATOM 318  C CD   . GLU A 1 23 ? -10.914 6.981   4.561   1.00 0.00 ? 23 GLU A CD   1 
ATOM 319  O OE1  . GLU A 1 23 ? -10.712 6.463   3.444   1.00 0.00 ? 23 GLU A OE1  1 
ATOM 320  O OE2  . GLU A 1 23 ? -12.042 7.371   4.924   1.00 0.00 ? 23 GLU A OE2  1 
ATOM 321  H H    . GLU A 1 23 ? -6.658  6.675   6.111   1.00 0.00 ? 23 GLU A H    1 
ATOM 322  H HA   . GLU A 1 23 ? -8.852  6.447   8.051   1.00 0.00 ? 23 GLU A HA   1 
ATOM 323  H HB2  . GLU A 1 23 ? -8.666  5.358   5.239   1.00 0.00 ? 23 GLU A HB2  1 
ATOM 324  H HB3  . GLU A 1 23 ? -10.059 5.219   6.300   1.00 0.00 ? 23 GLU A HB3  1 
ATOM 325  H HG2  . GLU A 1 23 ? -10.072 7.757   6.349   1.00 0.00 ? 23 GLU A HG2  1 
ATOM 326  H HG3  . GLU A 1 23 ? -8.952  7.675   4.990   1.00 0.00 ? 23 GLU A HG3  1 
ATOM 327  N N    . VAL A 1 24 ? -6.580  4.417   7.932   1.00 0.00 ? 24 VAL A N    1 
ATOM 328  C CA   . VAL A 1 24 ? -6.054  3.155   8.430   1.00 0.00 ? 24 VAL A CA   1 
ATOM 329  C C    . VAL A 1 24 ? -6.465  2.962   9.886   1.00 0.00 ? 24 VAL A C    1 
ATOM 330  O O    . VAL A 1 24 ? -6.109  3.765   10.753  1.00 0.00 ? 24 VAL A O    1 
ATOM 331  C CB   . VAL A 1 24 ? -4.517  3.093   8.311   1.00 0.00 ? 24 VAL A CB   1 
ATOM 332  C CG1  . VAL A 1 24 ? -3.980  1.796   8.900   1.00 0.00 ? 24 VAL A CG1  1 
ATOM 333  C CG2  . VAL A 1 24 ? -4.091  3.235   6.859   1.00 0.00 ? 24 VAL A CG2  1 
ATOM 334  H H    . VAL A 1 24 ? -5.963  5.159   7.765   1.00 0.00 ? 24 VAL A H    1 
ATOM 335  H HA   . VAL A 1 24 ? -6.478  2.358   7.836   1.00 0.00 ? 24 VAL A HA   1 
ATOM 336  H HB   . VAL A 1 24 ? -4.099  3.917   8.869   1.00 0.00 ? 24 VAL A HB   1 
ATOM 337  H HG11 . VAL A 1 24 ? -4.229  1.748   9.950   1.00 0.00 ? 24 VAL A HG11 1 
ATOM 338  H HG12 . VAL A 1 24 ? -2.906  1.766   8.782   1.00 0.00 ? 24 VAL A HG12 1 
ATOM 339  H HG13 . VAL A 1 24 ? -4.424  0.957   8.386   1.00 0.00 ? 24 VAL A HG13 1 
ATOM 340  H HG21 . VAL A 1 24 ? -4.429  4.187   6.477   1.00 0.00 ? 24 VAL A HG21 1 
ATOM 341  H HG22 . VAL A 1 24 ? -4.525  2.437   6.277   1.00 0.00 ? 24 VAL A HG22 1 
ATOM 342  H HG23 . VAL A 1 24 ? -3.013  3.183   6.794   1.00 0.00 ? 24 VAL A HG23 1 
ATOM 343  N N    . PRO A 1 25 ? -7.239  1.903   10.162  1.00 0.00 ? 25 PRO A N    1 
ATOM 344  C CA   . PRO A 1 25 ? -7.755  1.618   11.506  1.00 0.00 ? 25 PRO A CA   1 
ATOM 345  C C    . PRO A 1 25 ? -6.646  1.249   12.490  1.00 0.00 ? 25 PRO A C    1 
ATOM 346  O O    . PRO A 1 25 ? -5.612  0.693   12.105  1.00 0.00 ? 25 PRO A O    1 
ATOM 347  C CB   . PRO A 1 25 ? -8.690  0.426   11.271  1.00 0.00 ? 25 PRO A CB   1 
ATOM 348  C CG   . PRO A 1 25 ? -8.154  -0.227  10.054  1.00 0.00 ? 25 PRO A CG   1 
ATOM 349  C CD   . PRO A 1 25 ? -7.674  0.892   9.185   1.00 0.00 ? 25 PRO A CD   1 
ATOM 350  H HA   . PRO A 1 25 ? -8.317  2.446   11.895  1.00 0.00 ? 25 PRO A HA   1 
ATOM 351  H HB2  . PRO A 1 25 ? -8.658  -0.237  12.125  1.00 0.00 ? 25 PRO A HB2  1 
ATOM 352  H HB3  . PRO A 1 25 ? -9.698  0.779   11.119  1.00 0.00 ? 25 PRO A HB3  1 
ATOM 353  H HG2  . PRO A 1 25 ? -7.335  -0.869  10.323  1.00 0.00 ? 25 PRO A HG2  1 
ATOM 354  H HG3  . PRO A 1 25 ? -8.931  -0.785  9.555   1.00 0.00 ? 25 PRO A HG3  1 
ATOM 355  H HD2  . PRO A 1 25 ? -6.850  0.563   8.570   1.00 0.00 ? 25 PRO A HD2  1 
ATOM 356  H HD3  . PRO A 1 25 ? -8.479  1.268   8.570   1.00 0.00 ? 25 PRO A HD3  1 
ATOM 357  N N    . PRO A 1 26 ? -6.852  1.581   13.780  1.00 0.00 ? 26 PRO A N    1 
ATOM 358  C CA   . PRO A 1 26 ? -5.899  1.270   14.851  1.00 0.00 ? 26 PRO A CA   1 
ATOM 359  C C    . PRO A 1 26 ? -5.691  -0.229  15.006  1.00 0.00 ? 26 PRO A C    1 
ATOM 360  O O    . PRO A 1 26 ? -4.640  -0.680  15.465  1.00 0.00 ? 26 PRO A O    1 
ATOM 361  C CB   . PRO A 1 26 ? -6.552  1.854   16.110  1.00 0.00 ? 26 PRO A CB   1 
ATOM 362  C CG   . PRO A 1 26 ? -7.990  2.020   15.765  1.00 0.00 ? 26 PRO A CG   1 
ATOM 363  C CD   . PRO A 1 26 ? -8.031  2.302   14.290  1.00 0.00 ? 26 PRO A CD   1 
ATOM 364  H HA   . PRO A 1 26 ? -4.945  1.748   14.681  1.00 0.00 ? 26 PRO A HA   1 
ATOM 365  H HB2  . PRO A 1 26 ? -6.422  1.169   16.935  1.00 0.00 ? 26 PRO A HB2  1 
ATOM 366  H HB3  . PRO A 1 26 ? -6.094  2.802   16.349  1.00 0.00 ? 26 PRO A HB3  1 
ATOM 367  H HG2  . PRO A 1 26 ? -8.528  1.111   15.986  1.00 0.00 ? 26 PRO A HG2  1 
ATOM 368  H HG3  . PRO A 1 26 ? -8.407  2.850   16.316  1.00 0.00 ? 26 PRO A HG3  1 
ATOM 369  H HD2  . PRO A 1 26 ? -8.939  1.912   13.856  1.00 0.00 ? 26 PRO A HD2  1 
ATOM 370  H HD3  . PRO A 1 26 ? -7.946  3.361   14.104  1.00 0.00 ? 26 PRO A HD3  1 
ATOM 371  N N    . PHE A 1 27 ? -6.707  -0.998  14.637  1.00 0.00 ? 27 PHE A N    1 
ATOM 372  C CA   . PHE A 1 27 ? -6.589  -2.443  14.598  1.00 0.00 ? 27 PHE A CA   1 
ATOM 373  C C    . PHE A 1 27 ? -6.287  -2.877  13.180  1.00 0.00 ? 27 PHE A C    1 
ATOM 374  O O    . PHE A 1 27 ? -7.187  -3.060  12.357  1.00 0.00 ? 27 PHE A O    1 
ATOM 375  C CB   . PHE A 1 27 ? -7.865  -3.124  15.105  1.00 0.00 ? 27 PHE A CB   1 
ATOM 376  C CG   . PHE A 1 27 ? -8.160  -2.867  16.556  1.00 0.00 ? 27 PHE A CG   1 
ATOM 377  C CD1  . PHE A 1 27 ? -8.855  -1.735  16.945  1.00 0.00 ? 27 PHE A CD1  1 
ATOM 378  C CD2  . PHE A 1 27 ? -7.744  -3.760  17.528  1.00 0.00 ? 27 PHE A CD2  1 
ATOM 379  C CE1  . PHE A 1 27 ? -9.131  -1.498  18.277  1.00 0.00 ? 27 PHE A CE1  1 
ATOM 380  C CE2  . PHE A 1 27 ? -8.015  -3.531  18.863  1.00 0.00 ? 27 PHE A CE2  1 
ATOM 381  C CZ   . PHE A 1 27 ? -8.709  -2.396  19.237  1.00 0.00 ? 27 PHE A CZ   1 
ATOM 382  H H    . PHE A 1 27 ? -7.559  -0.578  14.375  1.00 0.00 ? 27 PHE A H    1 
ATOM 383  H HA   . PHE A 1 27 ? -5.753  -2.727  15.222  1.00 0.00 ? 27 PHE A HA   1 
ATOM 384  H HB2  . PHE A 1 27 ? -8.706  -2.768  14.531  1.00 0.00 ? 27 PHE A HB2  1 
ATOM 385  H HB3  . PHE A 1 27 ? -7.772  -4.192  14.970  1.00 0.00 ? 27 PHE A HB3  1 
ATOM 386  H HD1  . PHE A 1 27 ? -9.186  -1.032  16.195  1.00 0.00 ? 27 PHE A HD1  1 
ATOM 387  H HD2  . PHE A 1 27 ? -7.201  -4.646  17.235  1.00 0.00 ? 27 PHE A HD2  1 
ATOM 388  H HE1  . PHE A 1 27 ? -9.674  -0.611  18.568  1.00 0.00 ? 27 PHE A HE1  1 
ATOM 389  H HE2  . PHE A 1 27 ? -7.684  -4.235  19.611  1.00 0.00 ? 27 PHE A HE2  1 
ATOM 390  H HZ   . PHE A 1 27 ? -8.923  -2.215  20.279  1.00 0.00 ? 27 PHE A HZ   1 
ATOM 391  N N    . LEU A 1 28 ? -5.007  -3.023  12.910  1.00 0.00 ? 28 LEU A N    1 
ATOM 392  C CA   . LEU A 1 28 ? -4.535  -3.365  11.582  1.00 0.00 ? 28 LEU A CA   1 
ATOM 393  C C    . LEU A 1 28 ? -4.310  -4.859  11.502  1.00 0.00 ? 28 LEU A C    1 
ATOM 394  O O    . LEU A 1 28 ? -3.817  -5.479  12.445  1.00 0.00 ? 28 LEU A O    1 
ATOM 395  C CB   . LEU A 1 28 ? -3.242  -2.610  11.276  1.00 0.00 ? 28 LEU A CB   1 
ATOM 396  C CG   . LEU A 1 28 ? -2.802  -2.577  9.816   1.00 0.00 ? 28 LEU A CG   1 
ATOM 397  C CD1  . LEU A 1 28 ? -3.924  -2.052  8.930   1.00 0.00 ? 28 LEU A CD1  1 
ATOM 398  C CD2  . LEU A 1 28 ? -1.568  -1.702  9.677   1.00 0.00 ? 28 LEU A CD2  1 
ATOM 399  H H    . LEU A 1 28 ? -4.359  -2.909  13.637  1.00 0.00 ? 28 LEU A H    1 
ATOM 400  H HA   . LEU A 1 28 ? -5.292  -3.084  10.867  1.00 0.00 ? 28 LEU A HA   1 
ATOM 401  H HB2  . LEU A 1 28 ? -3.373  -1.601  11.590  1.00 0.00 ? 28 LEU A HB2  1 
ATOM 402  H HB3  . LEU A 1 28 ? -2.448  -3.050  11.856  1.00 0.00 ? 28 LEU A HB3  1 
ATOM 403  H HG   . LEU A 1 28 ? -2.549  -3.571  9.492   1.00 0.00 ? 28 LEU A HG   1 
ATOM 404  H HD11 . LEU A 1 28 ? -4.217  -1.066  9.264   1.00 0.00 ? 28 LEU A HD11 1 
ATOM 405  H HD12 . LEU A 1 28 ? -4.774  -2.719  8.991   1.00 0.00 ? 28 LEU A HD12 1 
ATOM 406  H HD13 . LEU A 1 28 ? -3.582  -1.997  7.908   1.00 0.00 ? 28 LEU A HD13 1 
ATOM 407  H HD21 . LEU A 1 28 ? -1.805  -0.696  9.987   1.00 0.00 ? 28 LEU A HD21 1 
ATOM 408  H HD22 . LEU A 1 28 ? -1.243  -1.694  8.647   1.00 0.00 ? 28 LEU A HD22 1 
ATOM 409  H HD23 . LEU A 1 28 ? -0.778  -2.094  10.300  1.00 0.00 ? 28 LEU A HD23 1 
ATOM 410  N N    . GLU A 1 29 ? -4.695  -5.422  10.381  1.00 0.00 ? 29 GLU A N    1 
ATOM 411  C CA   . GLU A 1 29 ? -4.684  -6.853  10.196  1.00 0.00 ? 29 GLU A CA   1 
ATOM 412  C C    . GLU A 1 29 ? -3.314  -7.349  9.763   1.00 0.00 ? 29 GLU A C    1 
ATOM 413  O O    . GLU A 1 29 ? -2.880  -8.433  10.154  1.00 0.00 ? 29 GLU A O    1 
ATOM 414  C CB   . GLU A 1 29 ? -5.765  -7.210  9.198   1.00 0.00 ? 29 GLU A CB   1 
ATOM 415  C CG   . GLU A 1 29 ? -7.148  -7.192  9.830   1.00 0.00 ? 29 GLU A CG   1 
ATOM 416  C CD   . GLU A 1 29 ? -8.280  -7.147  8.828   1.00 0.00 ? 29 GLU A CD   1 
ATOM 417  O OE1  . GLU A 1 29 ? -8.477  -6.089  8.195   1.00 0.00 ? 29 GLU A OE1  1 
ATOM 418  O OE2  . GLU A 1 29 ? -9.010  -8.154  8.708   1.00 0.00 ? 29 GLU A OE2  1 
ATOM 419  H H    . GLU A 1 29 ? -4.999  -4.855  9.643   1.00 0.00 ? 29 GLU A H    1 
ATOM 420  H HA   . GLU A 1 29 ? -4.930  -7.303  11.138  1.00 0.00 ? 29 GLU A HA   1 
ATOM 421  H HB2  . GLU A 1 29 ? -5.743  -6.485  8.403   1.00 0.00 ? 29 GLU A HB2  1 
ATOM 422  H HB3  . GLU A 1 29 ? -5.567  -8.183  8.793   1.00 0.00 ? 29 GLU A HB3  1 
ATOM 423  H HG2  . GLU A 1 29 ? -7.262  -8.080  10.432  1.00 0.00 ? 29 GLU A HG2  1 
ATOM 424  H HG3  . GLU A 1 29 ? -7.219  -6.322  10.467  1.00 0.00 ? 29 GLU A HG3  1 
ATOM 425  N N    . ARG A 1 30 ? -2.638  -6.562  8.951   1.00 0.00 ? 30 ARG A N    1 
ATOM 426  C CA   . ARG A 1 30 ? -1.246  -6.841  8.618   1.00 0.00 ? 30 ARG A CA   1 
ATOM 427  C C    . ARG A 1 30 ? -0.317  -5.839  9.268   1.00 0.00 ? 30 ARG A C    1 
ATOM 428  O O    . ARG A 1 30 ? -0.629  -4.658  9.361   1.00 0.00 ? 30 ARG A O    1 
ATOM 429  C CB   . ARG A 1 30 ? -0.998  -6.832  7.113   1.00 0.00 ? 30 ARG A CB   1 
ATOM 430  C CG   . ARG A 1 30 ? -0.920  -8.219  6.495   1.00 0.00 ? 30 ARG A CG   1 
ATOM 431  C CD   . ARG A 1 30 ? 0.034   -9.125  7.263   1.00 0.00 ? 30 ARG A CD   1 
ATOM 432  N NE   . ARG A 1 30 ? 1.312   -8.477  7.570   1.00 0.00 ? 30 ARG A NE   1 
ATOM 433  C CZ   . ARG A 1 30 ? 2.372   -9.119  8.068   1.00 0.00 ? 30 ARG A CZ   1 
ATOM 434  N NH1  . ARG A 1 30 ? 2.324   -10.426 8.278   1.00 0.00 ? 30 ARG A NH1  1 
ATOM 435  N NH2  . ARG A 1 30 ? 3.482   -8.449  8.354   1.00 0.00 ? 30 ARG A NH2  1 
ATOM 436  H H    . ARG A 1 30 ? -3.100  -5.791  8.539   1.00 0.00 ? 30 ARG A H    1 
ATOM 437  H HA   . ARG A 1 30 ? -1.013  -7.824  9.003   1.00 0.00 ? 30 ARG A HA   1 
ATOM 438  H HB2  . ARG A 1 30 ? -1.795  -6.290  6.629   1.00 0.00 ? 30 ARG A HB2  1 
ATOM 439  H HB3  . ARG A 1 30 ? -0.063  -6.326  6.926   1.00 0.00 ? 30 ARG A HB3  1 
ATOM 440  H HG2  . ARG A 1 30 ? -1.905  -8.660  6.507   1.00 0.00 ? 30 ARG A HG2  1 
ATOM 441  H HG3  . ARG A 1 30 ? -0.576  -8.127  5.476   1.00 0.00 ? 30 ARG A HG3  1 
ATOM 442  H HD2  . ARG A 1 30 ? -0.438  -9.418  8.188   1.00 0.00 ? 30 ARG A HD2  1 
ATOM 443  H HD3  . ARG A 1 30 ? 0.226   -10.006 6.666   1.00 0.00 ? 30 ARG A HD3  1 
ATOM 444  H HE   . ARG A 1 30 ? 1.377   -7.509  7.410   1.00 0.00 ? 30 ARG A HE   1 
ATOM 445  H HH11 . ARG A 1 30 ? 1.491   -10.945 8.065   1.00 0.00 ? 30 ARG A HH11 1 
ATOM 446  H HH12 . ARG A 1 30 ? 3.129   -10.908 8.647   1.00 0.00 ? 30 ARG A HH12 1 
ATOM 447  H HH21 . ARG A 1 30 ? 3.532   -7.458  8.198   1.00 0.00 ? 30 ARG A HH21 1 
ATOM 448  H HH22 . ARG A 1 30 ? 4.281   -8.931  8.729   1.00 0.00 ? 30 ARG A HH22 1 
ATOM 449  N N    . SER A 1 31 ? 0.833   -6.320  9.700   1.00 0.00 ? 31 SER A N    1 
ATOM 450  C CA   . SER A 1 31 ? 1.834   -5.463  10.303  1.00 0.00 ? 31 SER A CA   1 
ATOM 451  C C    . SER A 1 31 ? 2.788   -4.926  9.233   1.00 0.00 ? 31 SER A C    1 
ATOM 452  O O    . SER A 1 31 ? 3.333   -5.692  8.433   1.00 0.00 ? 31 SER A O    1 
ATOM 453  C CB   . SER A 1 31 ? 2.605   -6.232  11.382  1.00 0.00 ? 31 SER A CB   1 
ATOM 454  O OG   . SER A 1 31 ? 3.479   -5.379  12.098  1.00 0.00 ? 31 SER A OG   1 
ATOM 455  H H    . SER A 1 31 ? 1.010   -7.280  9.616   1.00 0.00 ? 31 SER A H    1 
ATOM 456  H HA   . SER A 1 31 ? 1.323   -4.636  10.759  1.00 0.00 ? 31 SER A HA   1 
ATOM 457  H HB2  . SER A 1 31 ? 1.903   -6.667  12.075  1.00 0.00 ? 31 SER A HB2  1 
ATOM 458  H HB3  . SER A 1 31 ? 3.186   -7.017  10.918  1.00 0.00 ? 31 SER A HB3  1 
ATOM 459  H HG   . SER A 1 31 ? 4.300   -5.854  12.303  1.00 0.00 ? 31 SER A HG   1 
ATOM 460  N N    . PRO A 1 32 ? 2.972   -3.598  9.184   1.00 0.00 ? 32 PRO A N    1 
ATOM 461  C CA   . PRO A 1 32 ? 3.881   -2.953  8.232   1.00 0.00 ? 32 PRO A CA   1 
ATOM 462  C C    . PRO A 1 32 ? 5.348   -3.168  8.610   1.00 0.00 ? 32 PRO A C    1 
ATOM 463  O O    . PRO A 1 32 ? 5.679   -3.367  9.780   1.00 0.00 ? 32 PRO A O    1 
ATOM 464  C CB   . PRO A 1 32 ? 3.504   -1.474  8.338   1.00 0.00 ? 32 PRO A CB   1 
ATOM 465  C CG   . PRO A 1 32 ? 2.977   -1.315  9.720   1.00 0.00 ? 32 PRO A CG   1 
ATOM 466  C CD   . PRO A 1 32 ? 2.302   -2.617  10.061  1.00 0.00 ? 32 PRO A CD   1 
ATOM 467  H HA   . PRO A 1 32 ? 3.713   -3.301  7.224   1.00 0.00 ? 32 PRO A HA   1 
ATOM 468  H HB2  . PRO A 1 32 ? 4.379   -0.863  8.175   1.00 0.00 ? 32 PRO A HB2  1 
ATOM 469  H HB3  . PRO A 1 32 ? 2.752   -1.239  7.600   1.00 0.00 ? 32 PRO A HB3  1 
ATOM 470  H HG2  . PRO A 1 32 ? 3.792   -1.124  10.402  1.00 0.00 ? 32 PRO A HG2  1 
ATOM 471  H HG3  . PRO A 1 32 ? 2.260   -0.503  9.747   1.00 0.00 ? 32 PRO A HG3  1 
ATOM 472  H HD2  . PRO A 1 32 ? 2.460   -2.861  11.101  1.00 0.00 ? 32 PRO A HD2  1 
ATOM 473  H HD3  . PRO A 1 32 ? 1.246   -2.562  9.842   1.00 0.00 ? 32 PRO A HD3  1 
ATOM 474  N N    . PRO A 1 33 ? 6.244   -3.148  7.600   1.00 0.00 ? 33 PRO A N    1 
ATOM 475  C CA   . PRO A 1 33 ? 7.680   -3.402  7.789   1.00 0.00 ? 33 PRO A CA   1 
ATOM 476  C C    . PRO A 1 33 ? 8.335   -2.396  8.727   1.00 0.00 ? 33 PRO A C    1 
ATOM 477  O O    . PRO A 1 33 ? 9.349   -2.688  9.360   1.00 0.00 ? 33 PRO A O    1 
ATOM 478  C CB   . PRO A 1 33 ? 8.269   -3.266  6.378   1.00 0.00 ? 33 PRO A CB   1 
ATOM 479  C CG   . PRO A 1 33 ? 7.113   -3.411  5.451   1.00 0.00 ? 33 PRO A CG   1 
ATOM 480  C CD   . PRO A 1 33 ? 5.921   -2.872  6.189   1.00 0.00 ? 33 PRO A CD   1 
ATOM 481  H HA   . PRO A 1 33 ? 7.857   -4.401  8.160   1.00 0.00 ? 33 PRO A HA   1 
ATOM 482  H HB2  . PRO A 1 33 ? 8.739   -2.298  6.276   1.00 0.00 ? 33 PRO A HB2  1 
ATOM 483  H HB3  . PRO A 1 33 ? 9.001   -4.043  6.216   1.00 0.00 ? 33 PRO A HB3  1 
ATOM 484  H HG2  . PRO A 1 33 ? 7.284   -2.837  4.552   1.00 0.00 ? 33 PRO A HG2  1 
ATOM 485  H HG3  . PRO A 1 33 ? 6.962   -4.455  5.211   1.00 0.00 ? 33 PRO A HG3  1 
ATOM 486  H HD2  . PRO A 1 33 ? 5.821   -1.810  6.015   1.00 0.00 ? 33 PRO A HD2  1 
ATOM 487  H HD3  . PRO A 1 33 ? 5.025   -3.391  5.888   1.00 0.00 ? 33 PRO A HD3  1 
ATOM 488  N N    . ALA A 1 34 ? 7.744   -1.214  8.801   1.00 0.00 ? 34 ALA A N    1 
ATOM 489  C CA   . ALA A 1 34 ? 8.211   -0.156  9.677   1.00 0.00 ? 34 ALA A CA   1 
ATOM 490  C C    . ALA A 1 34 ? 7.100   0.856   9.872   1.00 0.00 ? 34 ALA A C    1 
ATOM 491  O O    . ALA A 1 34 ? 6.000   0.669   9.343   1.00 0.00 ? 34 ALA A O    1 
ATOM 492  C CB   . ALA A 1 34 ? 9.452   0.513   9.099   1.00 0.00 ? 34 ALA A CB   1 
ATOM 493  H H    . ALA A 1 34 ? 6.951   -1.051  8.252   1.00 0.00 ? 34 ALA A H    1 
ATOM 494  H HA   . ALA A 1 34 ? 8.468   -0.592  10.633  1.00 0.00 ? 34 ALA A HA   1 
ATOM 495  H HB1  . ALA A 1 34 ? 9.210   0.948   8.140   1.00 0.00 ? 34 ALA A HB1  1 
ATOM 496  H HB2  . ALA A 1 34 ? 10.233  -0.220  8.976   1.00 0.00 ? 34 ALA A HB2  1 
ATOM 497  H HB3  . ALA A 1 34 ? 9.787   1.288   9.771   1.00 0.00 ? 34 ALA A HB3  1 
ATOM 498  N N    . SER A 1 35 ? 7.368   1.913   10.623  1.00 0.00 ? 35 SER A N    1 
ATOM 499  C CA   . SER A 1 35 ? 6.409   2.995   10.765  1.00 0.00 ? 35 SER A CA   1 
ATOM 500  C C    . SER A 1 35 ? 6.190   3.657   9.409   1.00 0.00 ? 35 SER A C    1 
ATOM 501  O O    . SER A 1 35 ? 7.144   3.904   8.667   1.00 0.00 ? 35 SER A O    1 
ATOM 502  C CB   . SER A 1 35 ? 6.897   4.026   11.792  1.00 0.00 ? 35 SER A CB   1 
ATOM 503  O OG   . SER A 1 35 ? 5.989   5.114   11.907  1.00 0.00 ? 35 SER A OG   1 
ATOM 504  H H    . SER A 1 35 ? 8.236   1.972   11.088  1.00 0.00 ? 35 SER A H    1 
ATOM 505  H HA   . SER A 1 35 ? 5.475   2.570   11.102  1.00 0.00 ? 35 SER A HA   1 
ATOM 506  H HB2  . SER A 1 35 ? 6.990   3.551   12.755  1.00 0.00 ? 35 SER A HB2  1 
ATOM 507  H HB3  . SER A 1 35 ? 7.859   4.406   11.486  1.00 0.00 ? 35 SER A HB3  1 
ATOM 508  H HG   . SER A 1 35 ? 5.448   5.005   12.707  1.00 0.00 ? 35 SER A HG   1 
ATOM 509  N N    . TRP A 1 36 ? 4.940   3.924   9.074   1.00 0.00 ? 36 TRP A N    1 
ATOM 510  C CA   . TRP A 1 36 ? 4.622   4.520   7.790   1.00 0.00 ? 36 TRP A CA   1 
ATOM 511  C C    . TRP A 1 36 ? 4.124   5.947   7.952   1.00 0.00 ? 36 TRP A C    1 
ATOM 512  O O    . TRP A 1 36 ? 3.582   6.534   7.014   1.00 0.00 ? 36 TRP A O    1 
ATOM 513  C CB   . TRP A 1 36 ? 3.584   3.686   7.041   1.00 0.00 ? 36 TRP A CB   1 
ATOM 514  C CG   . TRP A 1 36 ? 2.372   3.341   7.853   1.00 0.00 ? 36 TRP A CG   1 
ATOM 515  C CD1  . TRP A 1 36 ? 2.169   2.201   8.577   1.00 0.00 ? 36 TRP A CD1  1 
ATOM 516  C CD2  . TRP A 1 36 ? 1.194   4.138   8.017   1.00 0.00 ? 36 TRP A CD2  1 
ATOM 517  N NE1  . TRP A 1 36 ? 0.938   2.241   9.183   1.00 0.00 ? 36 TRP A NE1  1 
ATOM 518  C CE2  . TRP A 1 36 ? 0.318   3.418   8.852   1.00 0.00 ? 36 TRP A CE2  1 
ATOM 519  C CE3  . TRP A 1 36 ? 0.794   5.392   7.537   1.00 0.00 ? 36 TRP A CE3  1 
ATOM 520  C CZ2  . TRP A 1 36 ? -0.929  3.906   9.218   1.00 0.00 ? 36 TRP A CZ2  1 
ATOM 521  C CZ3  . TRP A 1 36 ? -0.445  5.875   7.902   1.00 0.00 ? 36 TRP A CZ3  1 
ATOM 522  C CH2  . TRP A 1 36 ? -1.296  5.134   8.736   1.00 0.00 ? 36 TRP A CH2  1 
ATOM 523  H H    . TRP A 1 36 ? 4.218   3.717   9.704   1.00 0.00 ? 36 TRP A H    1 
ATOM 524  H HA   . TRP A 1 36 ? 5.532   4.538   7.210   1.00 0.00 ? 36 TRP A HA   1 
ATOM 525  H HB2  . TRP A 1 36 ? 3.253   4.250   6.183   1.00 0.00 ? 36 TRP A HB2  1 
ATOM 526  H HB3  . TRP A 1 36 ? 4.040   2.766   6.706   1.00 0.00 ? 36 TRP A HB3  1 
ATOM 527  H HD1  . TRP A 1 36 ? 2.882   1.392   8.656   1.00 0.00 ? 36 TRP A HD1  1 
ATOM 528  H HE1  . TRP A 1 36 ? 0.560   1.539   9.756   1.00 0.00 ? 36 TRP A HE1  1 
ATOM 529  H HE3  . TRP A 1 36 ? 1.439   5.981   6.896   1.00 0.00 ? 36 TRP A HE3  1 
ATOM 530  H HZ2  . TRP A 1 36 ? -1.598  3.343   9.858   1.00 0.00 ? 36 TRP A HZ2  1 
ATOM 531  H HZ3  . TRP A 1 36 ? -0.770  6.842   7.543   1.00 0.00 ? 36 TRP A HZ3  1 
ATOM 532  H HH2  . TRP A 1 36 ? -2.257  5.553   8.996   1.00 0.00 ? 36 TRP A HH2  1 
ATOM 533  N N    . ALA A 1 37 ? 4.321   6.507   9.137   1.00 0.00 ? 37 ALA A N    1 
ATOM 534  C CA   . ALA A 1 37 ? 3.893   7.871   9.413   1.00 0.00 ? 37 ALA A CA   1 
ATOM 535  C C    . ALA A 1 37 ? 4.513   8.840   8.414   1.00 0.00 ? 37 ALA A C    1 
ATOM 536  O O    . ALA A 1 37 ? 3.875   9.802   7.978   1.00 0.00 ? 37 ALA A O    1 
ATOM 537  C CB   . ALA A 1 37 ? 4.264   8.258   10.837  1.00 0.00 ? 37 ALA A CB   1 
ATOM 538  H H    . ALA A 1 37 ? 4.770   5.994   9.841   1.00 0.00 ? 37 ALA A H    1 
ATOM 539  H HA   . ALA A 1 37 ? 2.817   7.911   9.319   1.00 0.00 ? 37 ALA A HA   1 
ATOM 540  H HB1  . ALA A 1 37 ? 3.801   7.568   11.528  1.00 0.00 ? 37 ALA A HB1  1 
ATOM 541  H HB2  . ALA A 1 37 ? 3.915   9.260   11.041  1.00 0.00 ? 37 ALA A HB2  1 
ATOM 542  H HB3  . ALA A 1 37 ? 5.337   8.220   10.953  1.00 0.00 ? 37 ALA A HB3  1 
ATOM 543  N N    . GLU A 1 38 ? 5.745   8.553   8.018   1.00 0.00 ? 38 GLU A N    1 
ATOM 544  C CA   . GLU A 1 38 ? 6.468   9.420   7.110   1.00 0.00 ? 38 GLU A CA   1 
ATOM 545  C C    . GLU A 1 38 ? 6.240   9.043   5.651   1.00 0.00 ? 38 GLU A C    1 
ATOM 546  O O    . GLU A 1 38 ? 6.981   9.483   4.774   1.00 0.00 ? 38 GLU A O    1 
ATOM 547  C CB   . GLU A 1 38 ? 7.960   9.398   7.428   1.00 0.00 ? 38 GLU A CB   1 
ATOM 548  C CG   . GLU A 1 38 ? 8.303   9.965   8.793   1.00 0.00 ? 38 GLU A CG   1 
ATOM 549  C CD   . GLU A 1 38 ? 9.763   9.773   9.148   1.00 0.00 ? 38 GLU A CD   1 
ATOM 550  O OE1  . GLU A 1 38 ? 10.592  9.626   8.224   1.00 0.00 ? 38 GLU A OE1  1 
ATOM 551  O OE2  . GLU A 1 38 ? 10.092  9.774   10.352  1.00 0.00 ? 38 GLU A OE2  1 
ATOM 552  H H    . GLU A 1 38 ? 6.184   7.734   8.353   1.00 0.00 ? 38 GLU A H    1 
ATOM 553  H HA   . GLU A 1 38 ? 6.093   10.421  7.261   1.00 0.00 ? 38 GLU A HA   1 
ATOM 554  H HB2  . GLU A 1 38 ? 8.311   8.377   7.388   1.00 0.00 ? 38 GLU A HB2  1 
ATOM 555  H HB3  . GLU A 1 38 ? 8.483   9.978   6.682   1.00 0.00 ? 38 GLU A HB3  1 
ATOM 556  H HG2  . GLU A 1 38 ? 8.082   11.023  8.795   1.00 0.00 ? 38 GLU A HG2  1 
ATOM 557  H HG3  . GLU A 1 38 ? 7.696   9.470   9.538   1.00 0.00 ? 38 GLU A HG3  1 
ATOM 558  N N    . LEU A 1 39 ? 5.221   8.231   5.374   1.00 0.00 ? 39 LEU A N    1 
ATOM 559  C CA   . LEU A 1 39 ? 4.791   8.053   3.995   1.00 0.00 ? 39 LEU A CA   1 
ATOM 560  C C    . LEU A 1 39 ? 4.118   9.332   3.531   1.00 0.00 ? 39 LEU A C    1 
ATOM 561  O O    . LEU A 1 39 ? 4.096   9.652   2.341   1.00 0.00 ? 39 LEU A O    1 
ATOM 562  C CB   . LEU A 1 39 ? 3.842   6.867   3.842   1.00 0.00 ? 39 LEU A CB   1 
ATOM 563  C CG   . LEU A 1 39 ? 4.477   5.498   4.098   1.00 0.00 ? 39 LEU A CG   1 
ATOM 564  C CD1  . LEU A 1 39 ? 3.517   4.383   3.732   1.00 0.00 ? 39 LEU A CD1  1 
ATOM 565  C CD2  . LEU A 1 39 ? 5.771   5.349   3.322   1.00 0.00 ? 39 LEU A CD2  1 
ATOM 566  H H    . LEU A 1 39 ? 4.770   7.737   6.099   1.00 0.00 ? 39 LEU A H    1 
ATOM 567  H HA   . LEU A 1 39 ? 5.672   7.886   3.394   1.00 0.00 ? 39 LEU A HA   1 
ATOM 568  H HB2  . LEU A 1 39 ? 3.027   6.998   4.541   1.00 0.00 ? 39 LEU A HB2  1 
ATOM 569  H HB3  . LEU A 1 39 ? 3.439   6.879   2.840   1.00 0.00 ? 39 LEU A HB3  1 
ATOM 570  H HG   . LEU A 1 39 ? 4.704   5.407   5.150   1.00 0.00 ? 39 LEU A HG   1 
ATOM 571  H HD11 . LEU A 1 39 ? 2.588   4.517   4.265   1.00 0.00 ? 39 LEU A HD11 1 
ATOM 572  H HD12 . LEU A 1 39 ? 3.954   3.432   3.999   1.00 0.00 ? 39 LEU A HD12 1 
ATOM 573  H HD13 . LEU A 1 39 ? 3.327   4.406   2.669   1.00 0.00 ? 39 LEU A HD13 1 
ATOM 574  H HD21 . LEU A 1 39 ? 6.203   4.381   3.528   1.00 0.00 ? 39 LEU A HD21 1 
ATOM 575  H HD22 . LEU A 1 39 ? 6.463   6.121   3.623   1.00 0.00 ? 39 LEU A HD22 1 
ATOM 576  H HD23 . LEU A 1 39 ? 5.570   5.436   2.264   1.00 0.00 ? 39 LEU A HD23 1 
ATOM 577  N N    . ARG A 1 40 ? 3.550   10.033  4.515   1.00 0.00 ? 40 ARG A N    1 
ATOM 578  C CA   . ARG A 1 40 ? 3.086   11.408  4.364   1.00 0.00 ? 40 ARG A CA   1 
ATOM 579  C C    . ARG A 1 40 ? 2.038   11.550  3.271   1.00 0.00 ? 40 ARG A C    1 
ATOM 580  O O    . ARG A 1 40 ? 1.963   12.572  2.591   1.00 0.00 ? 40 ARG A O    1 
ATOM 581  C CB   . ARG A 1 40 ? 4.269   12.349  4.097   1.00 0.00 ? 40 ARG A CB   1 
ATOM 582  C CG   . ARG A 1 40 ? 5.284   12.419  5.234   1.00 0.00 ? 40 ARG A CG   1 
ATOM 583  C CD   . ARG A 1 40 ? 4.646   12.871  6.541   1.00 0.00 ? 40 ARG A CD   1 
ATOM 584  N NE   . ARG A 1 40 ? 5.620   12.978  7.628   1.00 0.00 ? 40 ARG A NE   1 
ATOM 585  C CZ   . ARG A 1 40 ? 5.313   12.837  8.919   1.00 0.00 ? 40 ARG A CZ   1 
ATOM 586  N NH1  . ARG A 1 40 ? 4.073   12.535  9.276   1.00 0.00 ? 40 ARG A NH1  1 
ATOM 587  N NH2  . ARG A 1 40 ? 6.248   12.982  9.850   1.00 0.00 ? 40 ARG A NH2  1 
ATOM 588  H H    . ARG A 1 40 ? 3.431   9.594   5.386   1.00 0.00 ? 40 ARG A H    1 
ATOM 589  H HA   . ARG A 1 40 ? 2.628   11.690  5.297   1.00 0.00 ? 40 ARG A HA   1 
ATOM 590  H HB2  . ARG A 1 40 ? 4.782   12.010  3.212   1.00 0.00 ? 40 ARG A HB2  1 
ATOM 591  H HB3  . ARG A 1 40 ? 3.887   13.343  3.923   1.00 0.00 ? 40 ARG A HB3  1 
ATOM 592  H HG2  . ARG A 1 40 ? 5.715   11.440  5.379   1.00 0.00 ? 40 ARG A HG2  1 
ATOM 593  H HG3  . ARG A 1 40 ? 6.061   13.118  4.964   1.00 0.00 ? 40 ARG A HG3  1 
ATOM 594  H HD2  . ARG A 1 40 ? 4.188   13.837  6.387   1.00 0.00 ? 40 ARG A HD2  1 
ATOM 595  H HD3  . ARG A 1 40 ? 3.887   12.156  6.822   1.00 0.00 ? 40 ARG A HD3  1 
ATOM 596  H HE   . ARG A 1 40 ? 6.558   13.183  7.380   1.00 0.00 ? 40 ARG A HE   1 
ATOM 597  H HH11 . ARG A 1 40 ? 3.368   12.412  8.582   1.00 0.00 ? 40 ARG A HH11 1 
ATOM 598  H HH12 . ARG A 1 40 ? 3.833   12.427  10.255  1.00 0.00 ? 40 ARG A HH12 1 
ATOM 599  H HH21 . ARG A 1 40 ? 7.200   13.197  9.589   1.00 0.00 ? 40 ARG A HH21 1 
ATOM 600  H HH22 . ARG A 1 40 ? 6.013   12.890  10.828  1.00 0.00 ? 40 ARG A HH22 1 
ATOM 601  N N    . GLY A 1 41 ? 1.219   10.527  3.128   1.00 0.00 ? 41 GLY A N    1 
ATOM 602  C CA   . GLY A 1 41 ? 0.091   10.609  2.229   1.00 0.00 ? 41 GLY A CA   1 
ATOM 603  C C    . GLY A 1 41 ? -1.214  10.573  2.986   1.00 0.00 ? 41 GLY A C    1 
ATOM 604  O O    . GLY A 1 41 ? -2.223  10.117  2.462   1.00 0.00 ? 41 GLY A O    1 
ATOM 605  H H    . GLY A 1 41 ? 1.389   9.706   3.632   1.00 0.00 ? 41 GLY A H    1 
ATOM 606  H HA2  . GLY A 1 41 ? 0.152   11.532  1.674   1.00 0.00 ? 41 GLY A HA2  1 
ATOM 607  H HA3  . GLY A 1 41 ? 0.124   9.777   1.541   1.00 0.00 ? 41 GLY A HA3  1 
ATOM 608  N N    . GLN A 1 42 ? -1.186  11.109  4.207   1.00 0.00 ? 42 GLN A N    1 
ATOM 609  C CA   . GLN A 1 42 ? -2.304  11.009  5.152   1.00 0.00 ? 42 GLN A CA   1 
ATOM 610  C C    . GLN A 1 42 ? -3.659  11.362  4.516   1.00 0.00 ? 42 GLN A C    1 
ATOM 611  O O    . GLN A 1 42 ? -4.559  10.524  4.491   1.00 0.00 ? 42 GLN A O    1 
ATOM 612  C CB   . GLN A 1 42 ? -2.055  11.903  6.376   1.00 0.00 ? 42 GLN A CB   1 
ATOM 613  C CG   . GLN A 1 42 ? -0.866  11.495  7.231   1.00 0.00 ? 42 GLN A CG   1 
ATOM 614  C CD   . GLN A 1 42 ? -1.076  10.169  7.922   1.00 0.00 ? 42 GLN A CD   1 
ATOM 615  O OE1  . GLN A 1 42 ? -1.662  10.104  9.001   1.00 0.00 ? 42 GLN A OE1  1 
ATOM 616  N NE2  . GLN A 1 42 ? -0.549  9.113   7.335   1.00 0.00 ? 42 GLN A NE2  1 
ATOM 617  H H    . GLN A 1 42 ? -0.389  11.621  4.474   1.00 0.00 ? 42 GLN A H    1 
ATOM 618  H HA   . GLN A 1 42 ? -2.347  9.983   5.485   1.00 0.00 ? 42 GLN A HA   1 
ATOM 619  H HB2  . GLN A 1 42 ? -1.892  12.916  6.038   1.00 0.00 ? 42 GLN A HB2  1 
ATOM 620  H HB3  . GLN A 1 42 ? -2.937  11.885  6.999   1.00 0.00 ? 42 GLN A HB3  1 
ATOM 621  H HG2  . GLN A 1 42 ? 0.007   11.420  6.599   1.00 0.00 ? 42 GLN A HG2  1 
ATOM 622  H HG3  . GLN A 1 42 ? -0.699  12.251  7.980   1.00 0.00 ? 42 GLN A HG3  1 
ATOM 623  H HE21 . GLN A 1 42 ? -0.050  9.249   6.507   1.00 0.00 ? 42 GLN A HE21 1 
ATOM 624  H HE22 . GLN A 1 42 ? -0.695  8.234   7.750   1.00 0.00 ? 42 GLN A HE22 1 
ATOM 625  N N    . PRO A 1 43 ? -3.825  12.591  3.968   1.00 0.00 ? 43 PRO A N    1 
ATOM 626  C CA   . PRO A 1 43 ? -5.123  13.064  3.455   1.00 0.00 ? 43 PRO A CA   1 
ATOM 627  C C    . PRO A 1 43 ? -5.697  12.191  2.339   1.00 0.00 ? 43 PRO A C    1 
ATOM 628  O O    . PRO A 1 43 ? -6.903  12.201  2.095   1.00 0.00 ? 43 PRO A O    1 
ATOM 629  C CB   . PRO A 1 43 ? -4.817  14.466  2.912   1.00 0.00 ? 43 PRO A CB   1 
ATOM 630  C CG   . PRO A 1 43 ? -3.342  14.496  2.720   1.00 0.00 ? 43 PRO A CG   1 
ATOM 631  C CD   . PRO A 1 43 ? -2.778  13.619  3.796   1.00 0.00 ? 43 PRO A CD   1 
ATOM 632  H HA   . PRO A 1 43 ? -5.848  13.142  4.249   1.00 0.00 ? 43 PRO A HA   1 
ATOM 633  H HB2  . PRO A 1 43 ? -5.341  14.613  1.980   1.00 0.00 ? 43 PRO A HB2  1 
ATOM 634  H HB3  . PRO A 1 43 ? -5.136  15.208  3.630   1.00 0.00 ? 43 PRO A HB3  1 
ATOM 635  H HG2  . PRO A 1 43 ? -3.089  14.103  1.745   1.00 0.00 ? 43 PRO A HG2  1 
ATOM 636  H HG3  . PRO A 1 43 ? -2.977  15.506  2.828   1.00 0.00 ? 43 PRO A HG3  1 
ATOM 637  H HD2  . PRO A 1 43 ? -1.848  13.174  3.472   1.00 0.00 ? 43 PRO A HD2  1 
ATOM 638  H HD3  . PRO A 1 43 ? -2.637  14.180  4.706   1.00 0.00 ? 43 PRO A HD3  1 
ATOM 639  N N    . HIS A 1 44 ? -4.845  11.429  1.670   1.00 0.00 ? 44 HIS A N    1 
ATOM 640  C CA   . HIS A 1 44 ? -5.260  10.711  0.479   1.00 0.00 ? 44 HIS A CA   1 
ATOM 641  C C    . HIS A 1 44 ? -4.814  9.253   0.532   1.00 0.00 ? 44 HIS A C    1 
ATOM 642  O O    . HIS A 1 44 ? -4.413  8.745   1.578   1.00 0.00 ? 44 HIS A O    1 
ATOM 643  C CB   . HIS A 1 44 ? -4.706  11.402  -0.779  1.00 0.00 ? 44 HIS A CB   1 
ATOM 644  C CG   . HIS A 1 44 ? -3.214  11.347  -0.923  1.00 0.00 ? 44 HIS A CG   1 
ATOM 645  N ND1  . HIS A 1 44 ? -2.562  10.314  -1.553  1.00 0.00 ? 44 HIS A ND1  1 
ATOM 646  C CD2  . HIS A 1 44 ? -2.250  12.202  -0.513  1.00 0.00 ? 44 HIS A CD2  1 
ATOM 647  C CE1  . HIS A 1 44 ? -1.264  10.528  -1.519  1.00 0.00 ? 44 HIS A CE1  1 
ATOM 648  N NE2  . HIS A 1 44 ? -1.039  11.673  -0.899  1.00 0.00 ? 44 HIS A NE2  1 
ATOM 649  H H    . HIS A 1 44 ? -3.935  11.312  2.011   1.00 0.00 ? 44 HIS A H    1 
ATOM 650  H HA   . HIS A 1 44 ? -6.338  10.736  0.442   1.00 0.00 ? 44 HIS A HA   1 
ATOM 651  H HB2  . HIS A 1 44 ? -5.135  10.934  -1.652  1.00 0.00 ? 44 HIS A HB2  1 
ATOM 652  H HB3  . HIS A 1 44 ? -4.999  12.441  -0.761  1.00 0.00 ? 44 HIS A HB3  1 
ATOM 653  H HD1  . HIS A 1 44 ? -2.993  9.547   -1.995  1.00 0.00 ? 44 HIS A HD1  1 
ATOM 654  H HD2  . HIS A 1 44 ? -2.403  13.131  0.017   1.00 0.00 ? 44 HIS A HD2  1 
ATOM 655  H HE1  . HIS A 1 44 ? -0.507  9.860   -1.907  1.00 0.00 ? 44 HIS A HE1  1 
ATOM 656  H HE2  . HIS A 1 44 ? -0.217  12.209  -1.023  1.00 0.00 ? 44 HIS A HE2  1 
ATOM 657  N N    . ASN A 1 45 ? -4.948  8.576   -0.590  1.00 0.00 ? 45 ASN A N    1 
ATOM 658  C CA   . ASN A 1 45 ? -4.453  7.221   -0.742  1.00 0.00 ? 45 ASN A CA   1 
ATOM 659  C C    . ASN A 1 45 ? -3.520  7.191   -1.939  1.00 0.00 ? 45 ASN A C    1 
ATOM 660  O O    . ASN A 1 45 ? -3.671  8.016   -2.840  1.00 0.00 ? 45 ASN A O    1 
ATOM 661  C CB   . ASN A 1 45 ? -5.614  6.218   -0.904  1.00 0.00 ? 45 ASN A CB   1 
ATOM 662  C CG   . ASN A 1 45 ? -6.463  6.443   -2.145  1.00 0.00 ? 45 ASN A CG   1 
ATOM 663  O OD1  . ASN A 1 45 ? -6.523  7.543   -2.687  1.00 0.00 ? 45 ASN A OD1  1 
ATOM 664  N ND2  . ASN A 1 45 ? -7.154  5.403   -2.587  1.00 0.00 ? 45 ASN A ND2  1 
ATOM 665  H H    . ASN A 1 45 ? -5.395  9.006   -1.357  1.00 0.00 ? 45 ASN A H    1 
ATOM 666  H HA   . ASN A 1 45 ? -3.888  6.973   0.145   1.00 0.00 ? 45 ASN A HA   1 
ATOM 667  H HB2  . ASN A 1 45 ? -5.216  5.217   -0.945  1.00 0.00 ? 45 ASN A HB2  1 
ATOM 668  H HB3  . ASN A 1 45 ? -6.259  6.297   -0.042  1.00 0.00 ? 45 ASN A HB3  1 
ATOM 669  H HD21 . ASN A 1 45 ? -7.089  4.553   -2.094  1.00 0.00 ? 45 ASN A HD21 1 
ATOM 670  H HD22 . ASN A 1 45 ? -7.704  5.521   -3.388  1.00 0.00 ? 45 ASN A HD22 1 
ATOM 671  N N    . PHE A 1 46 ? -2.526  6.302   -1.912  1.00 0.00 ? 46 PHE A N    1 
ATOM 672  C CA   . PHE A 1 46 ? -1.543  6.171   -2.997  1.00 0.00 ? 46 PHE A CA   1 
ATOM 673  C C    . PHE A 1 46 ? -0.368  5.334   -2.516  1.00 0.00 ? 46 PHE A C    1 
ATOM 674  O O    . PHE A 1 46 ? -0.013  5.398   -1.346  1.00 0.00 ? 46 PHE A O    1 
ATOM 675  C CB   . PHE A 1 46 ? -1.017  7.544   -3.440  1.00 0.00 ? 46 PHE A CB   1 
ATOM 676  C CG   . PHE A 1 46 ? -0.278  7.522   -4.746  1.00 0.00 ? 46 PHE A CG   1 
ATOM 677  C CD1  . PHE A 1 46 ? -0.968  7.467   -5.946  1.00 0.00 ? 46 PHE A CD1  1 
ATOM 678  C CD2  . PHE A 1 46 ? 1.105   7.557   -4.778  1.00 0.00 ? 46 PHE A CD2  1 
ATOM 679  C CE1  . PHE A 1 46 ? -0.292  7.446   -7.150  1.00 0.00 ? 46 PHE A CE1  1 
ATOM 680  C CE2  . PHE A 1 46 ? 1.787   7.537   -5.975  1.00 0.00 ? 46 PHE A CE2  1 
ATOM 681  C CZ   . PHE A 1 46 ? 1.089   7.480   -7.163  1.00 0.00 ? 46 PHE A CZ   1 
ATOM 682  H H    . PHE A 1 46 ? -2.445  5.710   -1.136  1.00 0.00 ? 46 PHE A H    1 
ATOM 683  H HA   . PHE A 1 46 ? -2.017  5.678   -3.830  1.00 0.00 ? 46 PHE A HA   1 
ATOM 684  H HB2  . PHE A 1 46 ? -1.853  8.219   -3.544  1.00 0.00 ? 46 PHE A HB2  1 
ATOM 685  H HB3  . PHE A 1 46 ? -0.347  7.927   -2.682  1.00 0.00 ? 46 PHE A HB3  1 
ATOM 686  H HD1  . PHE A 1 46 ? -2.047  7.438   -5.933  1.00 0.00 ? 46 PHE A HD1  1 
ATOM 687  H HD2  . PHE A 1 46 ? 1.654   7.601   -3.849  1.00 0.00 ? 46 PHE A HD2  1 
ATOM 688  H HE1  . PHE A 1 46 ? -0.842  7.402   -8.080  1.00 0.00 ? 46 PHE A HE1  1 
ATOM 689  H HE2  . PHE A 1 46 ? 2.866   7.565   -5.985  1.00 0.00 ? 46 PHE A HE2  1 
ATOM 690  H HZ   . PHE A 1 46 ? 1.622   7.463   -8.102  1.00 0.00 ? 46 PHE A HZ   1 
ATOM 691  N N    . CYS A 1 47 ? 0.204   4.535   -3.412  1.00 0.00 ? 47 CYS A N    1 
ATOM 692  C CA   . CYS A 1 47 ? 1.435   3.792   -3.121  1.00 0.00 ? 47 CYS A CA   1 
ATOM 693  C C    . CYS A 1 47 ? 2.531   4.724   -2.585  1.00 0.00 ? 47 CYS A C    1 
ATOM 694  O O    . CYS A 1 47 ? 2.822   5.765   -3.174  1.00 0.00 ? 47 CYS A O    1 
ATOM 695  C CB   . CYS A 1 47 ? 1.941   3.089   -4.384  1.00 0.00 ? 47 CYS A CB   1 
ATOM 696  S SG   . CYS A 1 47 ? 0.728   1.978   -5.174  1.00 0.00 ? 47 CYS A SG   1 
ATOM 697  H H    . CYS A 1 47 ? -0.228  4.416   -4.284  1.00 0.00 ? 47 CYS A H    1 
ATOM 698  H HA   . CYS A 1 47 ? 1.208   3.049   -2.371  1.00 0.00 ? 47 CYS A HA   1 
ATOM 699  H HB2  . CYS A 1 47 ? 2.220   3.836   -5.113  1.00 0.00 ? 47 CYS A HB2  1 
ATOM 700  H HB3  . CYS A 1 47 ? 2.811   2.500   -4.134  1.00 0.00 ? 47 CYS A HB3  1 
ATOM 701  N N    . ARG A 1 48 ? 3.137   4.349   -1.468  1.00 0.00 ? 48 ARG A N    1 
ATOM 702  C CA   . ARG A 1 48 ? 4.156   5.176   -0.833  1.00 0.00 ? 48 ARG A CA   1 
ATOM 703  C C    . ARG A 1 48 ? 5.395   4.342   -0.514  1.00 0.00 ? 48 ARG A C    1 
ATOM 704  O O    . ARG A 1 48 ? 5.271   3.209   -0.053  1.00 0.00 ? 48 ARG A O    1 
ATOM 705  C CB   . ARG A 1 48 ? 3.592   5.784   0.453   1.00 0.00 ? 48 ARG A CB   1 
ATOM 706  C CG   . ARG A 1 48 ? 2.398   6.704   0.234   1.00 0.00 ? 48 ARG A CG   1 
ATOM 707  C CD   . ARG A 1 48 ? 2.816   8.102   -0.195  1.00 0.00 ? 48 ARG A CD   1 
ATOM 708  N NE   . ARG A 1 48 ? 3.714   8.101   -1.344  1.00 0.00 ? 48 ARG A NE   1 
ATOM 709  C CZ   . ARG A 1 48 ? 4.817   8.844   -1.404  1.00 0.00 ? 48 ARG A CZ   1 
ATOM 710  N NH1  . ARG A 1 48 ? 5.175   9.578   -0.352  1.00 0.00 ? 48 ARG A NH1  1 
ATOM 711  N NH2  . ARG A 1 48 ? 5.571   8.836   -2.498  1.00 0.00 ? 48 ARG A NH2  1 
ATOM 712  H H    . ARG A 1 48 ? 2.892   3.489   -1.049  1.00 0.00 ? 48 ARG A H    1 
ATOM 713  H HA   . ARG A 1 48 ? 4.426   5.968   -1.516  1.00 0.00 ? 48 ARG A HA   1 
ATOM 714  H HB2  . ARG A 1 48 ? 3.285   4.983   1.109   1.00 0.00 ? 48 ARG A HB2  1 
ATOM 715  H HB3  . ARG A 1 48 ? 4.370   6.353   0.938   1.00 0.00 ? 48 ARG A HB3  1 
ATOM 716  H HG2  . ARG A 1 48 ? 1.769   6.280   -0.534  1.00 0.00 ? 48 ARG A HG2  1 
ATOM 717  H HG3  . ARG A 1 48 ? 1.841   6.774   1.157   1.00 0.00 ? 48 ARG A HG3  1 
ATOM 718  H HD2  . ARG A 1 48 ? 1.929   8.664   -0.447  1.00 0.00 ? 48 ARG A HD2  1 
ATOM 719  H HD3  . ARG A 1 48 ? 3.315   8.581   0.636   1.00 0.00 ? 48 ARG A HD3  1 
ATOM 720  H HE   . ARG A 1 48 ? 3.470   7.533   -2.115  1.00 0.00 ? 48 ARG A HE   1 
ATOM 721  H HH11 . ARG A 1 48 ? 4.616   9.572   0.485   1.00 0.00 ? 48 ARG A HH11 1 
ATOM 722  H HH12 . ARG A 1 48 ? 6.017   10.140  -0.381  1.00 0.00 ? 48 ARG A HH12 1 
ATOM 723  H HH21 . ARG A 1 48 ? 5.316   8.263   -3.281  1.00 0.00 ? 48 ARG A HH21 1 
ATOM 724  H HH22 . ARG A 1 48 ? 6.395   9.417   -2.552  1.00 0.00 ? 48 ARG A HH22 1 
ATOM 725  N N    . SER A 1 49 ? 6.579   4.880   -0.798  1.00 0.00 ? 49 SER A N    1 
ATOM 726  C CA   . SER A 1 49 ? 7.824   4.192   -0.467  1.00 0.00 ? 49 SER A CA   1 
ATOM 727  C C    . SER A 1 49 ? 9.010   5.156   -0.462  1.00 0.00 ? 49 SER A C    1 
ATOM 728  O O    . SER A 1 49 ? 9.510   5.537   -1.524  1.00 0.00 ? 49 SER A O    1 
ATOM 729  C CB   . SER A 1 49 ? 8.087   3.064   -1.463  1.00 0.00 ? 49 SER A CB   1 
ATOM 730  O OG   . SER A 1 49 ? 9.167   2.242   -1.054  1.00 0.00 ? 49 SER A OG   1 
ATOM 731  H H    . SER A 1 49 ? 6.618   5.750   -1.247  1.00 0.00 ? 49 SER A H    1 
ATOM 732  H HA   . SER A 1 49 ? 7.716   3.768   0.521   1.00 0.00 ? 49 SER A HA   1 
ATOM 733  H HB2  . SER A 1 49 ? 7.202   2.451   -1.551  1.00 0.00 ? 49 SER A HB2  1 
ATOM 734  H HB3  . SER A 1 49 ? 8.322   3.490   -2.428  1.00 0.00 ? 49 SER A HB3  1 
ATOM 735  H HG   . SER A 1 49 ? 8.854   1.335   -0.964  1.00 0.00 ? 49 SER A HG   1 
ATOM 736  N N    . PRO A 1 50 ? 9.467   5.580   0.724   1.00 0.00 ? 50 PRO A N    1 
ATOM 737  C CA   . PRO A 1 50 ? 10.696  6.361   0.859   1.00 0.00 ? 50 PRO A CA   1 
ATOM 738  C C    . PRO A 1 50 ? 11.928  5.470   0.733   1.00 0.00 ? 50 PRO A C    1 
ATOM 739  O O    . PRO A 1 50 ? 12.856  5.766   -0.023  1.00 0.00 ? 50 PRO A O    1 
ATOM 740  C CB   . PRO A 1 50 ? 10.609  6.953   2.275   1.00 0.00 ? 50 PRO A CB   1 
ATOM 741  C CG   . PRO A 1 50 ? 9.262   6.568   2.805   1.00 0.00 ? 50 PRO A CG   1 
ATOM 742  C CD   . PRO A 1 50 ? 8.822   5.366   2.018   1.00 0.00 ? 50 PRO A CD   1 
ATOM 743  H HA   . PRO A 1 50 ? 10.746  7.155   0.129   1.00 0.00 ? 50 PRO A HA   1 
ATOM 744  H HB2  . PRO A 1 50 ? 11.400  6.542   2.885   1.00 0.00 ? 50 PRO A HB2  1 
ATOM 745  H HB3  . PRO A 1 50 ? 10.715  8.027   2.223   1.00 0.00 ? 50 PRO A HB3  1 
ATOM 746  H HG2  . PRO A 1 50 ? 9.340   6.320   3.853   1.00 0.00 ? 50 PRO A HG2  1 
ATOM 747  H HG3  . PRO A 1 50 ? 8.568   7.383   2.664   1.00 0.00 ? 50 PRO A HG3  1 
ATOM 748  H HD2  . PRO A 1 50 ? 9.171   4.456   2.483   1.00 0.00 ? 50 PRO A HD2  1 
ATOM 749  H HD3  . PRO A 1 50 ? 7.746   5.353   1.914   1.00 0.00 ? 50 PRO A HD3  1 
ATOM 750  N N    . ASP A 1 51 ? 11.905  4.355   1.454   1.00 0.00 ? 51 ASP A N    1 
ATOM 751  C CA   . ASP A 1 51 ? 13.003  3.417   1.488   1.00 0.00 ? 51 ASP A CA   1 
ATOM 752  C C    . ASP A 1 51 ? 12.450  2.005   1.564   1.00 0.00 ? 51 ASP A C    1 
ATOM 753  O O    . ASP A 1 51 ? 11.242  1.793   1.457   1.00 0.00 ? 51 ASP A O    1 
ATOM 754  C CB   . ASP A 1 51 ? 13.902  3.680   2.708   1.00 0.00 ? 51 ASP A CB   1 
ATOM 755  C CG   . ASP A 1 51 ? 14.676  4.978   2.624   1.00 0.00 ? 51 ASP A CG   1 
ATOM 756  O OD1  . ASP A 1 51 ? 15.806  4.962   2.090   1.00 0.00 ? 51 ASP A OD1  1 
ATOM 757  O OD2  . ASP A 1 51 ? 14.169  6.016   3.100   1.00 0.00 ? 51 ASP A OD2  1 
ATOM 758  H H    . ASP A 1 51 ? 11.112  4.144   1.974   1.00 0.00 ? 51 ASP A H    1 
ATOM 759  H HA   . ASP A 1 51 ? 13.576  3.525   0.578   1.00 0.00 ? 51 ASP A HA   1 
ATOM 760  H HB2  . ASP A 1 51 ? 13.283  3.719   3.593   1.00 0.00 ? 51 ASP A HB2  1 
ATOM 761  H HB3  . ASP A 1 51 ? 14.608  2.872   2.809   1.00 0.00 ? 51 ASP A HB3  1 
ATOM 762  N N    . GLY A 1 52 ? 13.337  1.056   1.756   1.00 0.00 ? 52 GLY A N    1 
ATOM 763  C CA   . GLY A 1 52 ? 12.947  -0.329  1.889   1.00 0.00 ? 52 GLY A CA   1 
ATOM 764  C C    . GLY A 1 52 ? 13.584  -1.185  0.824   1.00 0.00 ? 52 GLY A C    1 
ATOM 765  O O    . GLY A 1 52 ? 14.533  -1.919  1.090   1.00 0.00 ? 52 GLY A O    1 
ATOM 766  H H    . GLY A 1 52 ? 14.278  1.298   1.801   1.00 0.00 ? 52 GLY A H    1 
ATOM 767  H HA2  . GLY A 1 52 ? 13.250  -0.690  2.859   1.00 0.00 ? 52 GLY A HA2  1 
ATOM 768  H HA3  . GLY A 1 52 ? 11.874  -0.402  1.804   1.00 0.00 ? 52 GLY A HA3  1 
ATOM 769  N N    . ALA A 1 53 ? 13.071  -1.072  -0.388  1.00 0.00 ? 53 ALA A N    1 
ATOM 770  C CA   . ALA A 1 53 ? 13.597  -1.829  -1.516  1.00 0.00 ? 53 ALA A CA   1 
ATOM 771  C C    . ALA A 1 53 ? 13.312  -1.107  -2.824  1.00 0.00 ? 53 ALA A C    1 
ATOM 772  O O    . ALA A 1 53 ? 13.217  -1.731  -3.881  1.00 0.00 ? 53 ALA A O    1 
ATOM 773  C CB   . ALA A 1 53 ? 12.996  -3.227  -1.547  1.00 0.00 ? 53 ALA A CB   1 
ATOM 774  H H    . ALA A 1 53 ? 12.321  -0.461  -0.529  1.00 0.00 ? 53 ALA A H    1 
ATOM 775  H HA   . ALA A 1 53 ? 14.665  -1.921  -1.388  1.00 0.00 ? 53 ALA A HA   1 
ATOM 776  H HB1  . ALA A 1 53 ? 13.434  -3.787  -2.359  1.00 0.00 ? 53 ALA A HB1  1 
ATOM 777  H HB2  . ALA A 1 53 ? 11.930  -3.157  -1.692  1.00 0.00 ? 53 ALA A HB2  1 
ATOM 778  H HB3  . ALA A 1 53 ? 13.202  -3.726  -0.612  1.00 0.00 ? 53 ALA A HB3  1 
ATOM 779  N N    . GLY A 1 54 ? 13.168  0.215   -2.741  1.00 0.00 ? 54 GLY A N    1 
ATOM 780  C CA   . GLY A 1 54 ? 12.813  1.002   -3.909  1.00 0.00 ? 54 GLY A CA   1 
ATOM 781  C C    . GLY A 1 54 ? 11.533  0.507   -4.550  1.00 0.00 ? 54 GLY A C    1 
ATOM 782  O O    . GLY A 1 54 ? 11.436  0.400   -5.774  1.00 0.00 ? 54 GLY A O    1 
ATOM 783  H H    . GLY A 1 54 ? 13.324  0.659   -1.884  1.00 0.00 ? 54 GLY A H    1 
ATOM 784  H HA2  . GLY A 1 54 ? 12.683  2.033   -3.613  1.00 0.00 ? 54 GLY A HA2  1 
ATOM 785  H HA3  . GLY A 1 54 ? 13.614  0.941   -4.632  1.00 0.00 ? 54 GLY A HA3  1 
ATOM 786  N N    . ARG A 1 55 ? 10.549  0.206   -3.714  1.00 0.00 ? 55 ARG A N    1 
ATOM 787  C CA   . ARG A 1 55 ? 9.310   -0.397  -4.179  1.00 0.00 ? 55 ARG A CA   1 
ATOM 788  C C    . ARG A 1 55 ? 8.131   0.161   -3.392  1.00 0.00 ? 55 ARG A C    1 
ATOM 789  O O    . ARG A 1 55 ? 8.025   -0.063  -2.183  1.00 0.00 ? 55 ARG A O    1 
ATOM 790  C CB   . ARG A 1 55 ? 9.371   -1.920  -4.018  1.00 0.00 ? 55 ARG A CB   1 
ATOM 791  C CG   . ARG A 1 55 ? 8.497   -2.673  -5.008  1.00 0.00 ? 55 ARG A CG   1 
ATOM 792  C CD   . ARG A 1 55 ? 8.387   -4.152  -4.667  1.00 0.00 ? 55 ARG A CD   1 
ATOM 793  N NE   . ARG A 1 55 ? 9.679   -4.765  -4.342  1.00 0.00 ? 55 ARG A NE   1 
ATOM 794  C CZ   . ARG A 1 55 ? 10.386  -5.527  -5.181  1.00 0.00 ? 55 ARG A CZ   1 
ATOM 795  N NH1  . ARG A 1 55 ? 10.028  -5.644  -6.453  1.00 0.00 ? 55 ARG A NH1  1 
ATOM 796  N NH2  . ARG A 1 55 ? 11.474  -6.151  -4.748  1.00 0.00 ? 55 ARG A NH2  1 
ATOM 797  H H    . ARG A 1 55 ? 10.653  0.413   -2.759  1.00 0.00 ? 55 ARG A H    1 
ATOM 798  H HA   . ARG A 1 55 ? 9.185   -0.153  -5.223  1.00 0.00 ? 55 ARG A HA   1 
ATOM 799  H HB2  . ARG A 1 55 ? 10.394  -2.243  -4.151  1.00 0.00 ? 55 ARG A HB2  1 
ATOM 800  H HB3  . ARG A 1 55 ? 9.049   -2.178  -3.019  1.00 0.00 ? 55 ARG A HB3  1 
ATOM 801  H HG2  . ARG A 1 55 ? 7.509   -2.239  -5.000  1.00 0.00 ? 55 ARG A HG2  1 
ATOM 802  H HG3  . ARG A 1 55 ? 8.924   -2.574  -5.996  1.00 0.00 ? 55 ARG A HG3  1 
ATOM 803  H HD2  . ARG A 1 55 ? 7.728   -4.260  -3.818  1.00 0.00 ? 55 ARG A HD2  1 
ATOM 804  H HD3  . ARG A 1 55 ? 7.961   -4.668  -5.515  1.00 0.00 ? 55 ARG A HD3  1 
ATOM 805  H HE   . ARG A 1 55 ? 10.016  -4.642  -3.425  1.00 0.00 ? 55 ARG A HE   1 
ATOM 806  H HH11 . ARG A 1 55 ? 9.217   -5.161  -6.805  1.00 0.00 ? 55 ARG A HH11 1 
ATOM 807  H HH12 . ARG A 1 55 ? 10.576  -6.208  -7.080  1.00 0.00 ? 55 ARG A HH12 1 
ATOM 808  H HH21 . ARG A 1 55 ? 11.770  -6.052  -3.788  1.00 0.00 ? 55 ARG A HH21 1 
ATOM 809  H HH22 . ARG A 1 55 ? 12.001  -6.741  -5.372  1.00 0.00 ? 55 ARG A HH22 1 
ATOM 810  N N    . PRO A 1 56 ? 7.246   0.918   -4.059  1.00 0.00 ? 56 PRO A N    1 
ATOM 811  C CA   . PRO A 1 56 ? 6.085   1.542   -3.416  1.00 0.00 ? 56 PRO A CA   1 
ATOM 812  C C    . PRO A 1 56 ? 5.078   0.516   -2.910  1.00 0.00 ? 56 PRO A C    1 
ATOM 813  O O    . PRO A 1 56 ? 4.948   -0.563  -3.477  1.00 0.00 ? 56 PRO A O    1 
ATOM 814  C CB   . PRO A 1 56 ? 5.461   2.395   -4.530  1.00 0.00 ? 56 PRO A CB   1 
ATOM 815  C CG   . PRO A 1 56 ? 6.513   2.504   -5.582  1.00 0.00 ? 56 PRO A CG   1 
ATOM 816  C CD   . PRO A 1 56 ? 7.310   1.238   -5.493  1.00 0.00 ? 56 PRO A CD   1 
ATOM 817  H HA   . PRO A 1 56 ? 6.386   2.180   -2.598  1.00 0.00 ? 56 PRO A HA   1 
ATOM 818  H HB2  . PRO A 1 56 ? 4.577   1.901   -4.907  1.00 0.00 ? 56 PRO A HB2  1 
ATOM 819  H HB3  . PRO A 1 56 ? 5.196   3.365   -4.137  1.00 0.00 ? 56 PRO A HB3  1 
ATOM 820  H HG2  . PRO A 1 56 ? 6.053   2.592   -6.556  1.00 0.00 ? 56 PRO A HG2  1 
ATOM 821  H HG3  . PRO A 1 56 ? 7.143   3.359   -5.384  1.00 0.00 ? 56 PRO A HG3  1 
ATOM 822  H HD2  . PRO A 1 56 ? 6.851   0.460   -6.089  1.00 0.00 ? 56 PRO A HD2  1 
ATOM 823  H HD3  . PRO A 1 56 ? 8.329   1.407   -5.807  1.00 0.00 ? 56 PRO A HD3  1 
ATOM 824  N N    . TRP A 1 57 ? 4.376   0.854   -1.836  1.00 0.00 ? 57 TRP A N    1 
ATOM 825  C CA   . TRP A 1 57 ? 3.323   -0.004  -1.310  1.00 0.00 ? 57 TRP A CA   1 
ATOM 826  C C    . TRP A 1 57 ? 2.221   0.836   -0.674  1.00 0.00 ? 57 TRP A C    1 
ATOM 827  O O    . TRP A 1 57 ? 2.451   1.983   -0.291  1.00 0.00 ? 57 TRP A O    1 
ATOM 828  C CB   . TRP A 1 57 ? 3.897   -1.005  -0.293  1.00 0.00 ? 57 TRP A CB   1 
ATOM 829  C CG   . TRP A 1 57 ? 4.662   -0.375  0.836   1.00 0.00 ? 57 TRP A CG   1 
ATOM 830  C CD1  . TRP A 1 57 ? 5.958   0.058   0.810   1.00 0.00 ? 57 TRP A CD1  1 
ATOM 831  C CD2  . TRP A 1 57 ? 4.186   -0.130  2.166   1.00 0.00 ? 57 TRP A CD2  1 
ATOM 832  N NE1  . TRP A 1 57 ? 6.309   0.573   2.034   1.00 0.00 ? 57 TRP A NE1  1 
ATOM 833  C CE2  . TRP A 1 57 ? 5.238   0.468   2.883   1.00 0.00 ? 57 TRP A CE2  1 
ATOM 834  C CE3  . TRP A 1 57 ? 2.968   -0.351  2.818   1.00 0.00 ? 57 TRP A CE3  1 
ATOM 835  C CZ2  . TRP A 1 57 ? 5.111   0.842   4.219   1.00 0.00 ? 57 TRP A CZ2  1 
ATOM 836  C CZ3  . TRP A 1 57 ? 2.844   0.021   4.145   1.00 0.00 ? 57 TRP A CZ3  1 
ATOM 837  C CH2  . TRP A 1 57 ? 3.909   0.614   4.831   1.00 0.00 ? 57 TRP A CH2  1 
ATOM 838  H H    . TRP A 1 57 ? 4.583   1.695   -1.369  1.00 0.00 ? 57 TRP A H    1 
ATOM 839  H HA   . TRP A 1 57 ? 2.904   -0.552  -2.140  1.00 0.00 ? 57 TRP A HA   1 
ATOM 840  H HB2  . TRP A 1 57 ? 3.085   -1.570  0.136   1.00 0.00 ? 57 TRP A HB2  1 
ATOM 841  H HB3  . TRP A 1 57 ? 4.561   -1.683  -0.809  1.00 0.00 ? 57 TRP A HB3  1 
ATOM 842  H HD1  . TRP A 1 57 ? 6.599   0.006   -0.058  1.00 0.00 ? 57 TRP A HD1  1 
ATOM 843  H HE1  . TRP A 1 57 ? 7.182   0.953   2.259   1.00 0.00 ? 57 TRP A HE1  1 
ATOM 844  H HE3  . TRP A 1 57 ? 2.137   -0.809  2.306   1.00 0.00 ? 57 TRP A HE3  1 
ATOM 845  H HZ2  . TRP A 1 57 ? 5.922   1.302   4.761   1.00 0.00 ? 57 TRP A HZ2  1 
ATOM 846  H HZ3  . TRP A 1 57 ? 1.910   -0.144  4.662   1.00 0.00 ? 57 TRP A HZ3  1 
ATOM 847  H HH2  . TRP A 1 57 ? 3.766   0.887   5.868   1.00 0.00 ? 57 TRP A HH2  1 
ATOM 848  N N    . CYS A 1 58 ? 1.020   0.285   -0.594  1.00 0.00 ? 58 CYS A N    1 
ATOM 849  C CA   . CYS A 1 58 ? -0.073  0.966   0.075   1.00 0.00 ? 58 CYS A CA   1 
ATOM 850  C C    . CYS A 1 58 ? -0.820  -0.005  0.954   1.00 0.00 ? 58 CYS A C    1 
ATOM 851  O O    . CYS A 1 58 ? -0.603  -1.214  0.889   1.00 0.00 ? 58 CYS A O    1 
ATOM 852  C CB   . CYS A 1 58 ? -1.065  1.574   -0.923  1.00 0.00 ? 58 CYS A CB   1 
ATOM 853  S SG   . CYS A 1 58 ? -2.080  0.342   -1.817  1.00 0.00 ? 58 CYS A SG   1 
ATOM 854  H H    . CYS A 1 58 ? 0.865   -0.603  -0.990  1.00 0.00 ? 58 CYS A H    1 
ATOM 855  H HA   . CYS A 1 58 ? 0.342   1.752   0.686   1.00 0.00 ? 58 CYS A HA   1 
ATOM 856  H HB2  . CYS A 1 58 ? -1.739  2.217   -0.386  1.00 0.00 ? 58 CYS A HB2  1 
ATOM 857  H HB3  . CYS A 1 58 ? -0.527  2.158   -1.643  1.00 0.00 ? 58 CYS A HB3  1 
ATOM 858  N N    . PHE A 1 59 ? -1.696  0.531   1.776   1.00 0.00 ? 59 PHE A N    1 
ATOM 859  C CA   . PHE A 1 59 ? -2.640  -0.280  2.489   1.00 0.00 ? 59 PHE A CA   1 
ATOM 860  C C    . PHE A 1 59 ? -3.900  -0.375  1.666   1.00 0.00 ? 59 PHE A C    1 
ATOM 861  O O    . PHE A 1 59 ? -4.496  0.639   1.315   1.00 0.00 ? 59 PHE A O    1 
ATOM 862  C CB   . PHE A 1 59 ? -2.960  0.312   3.851   1.00 0.00 ? 59 PHE A CB   1 
ATOM 863  C CG   . PHE A 1 59 ? -1.897  0.088   4.885   1.00 0.00 ? 59 PHE A CG   1 
ATOM 864  C CD1  . PHE A 1 59 ? -1.749  -1.150  5.483   1.00 0.00 ? 59 PHE A CD1  1 
ATOM 865  C CD2  . PHE A 1 59 ? -1.051  1.113   5.261   1.00 0.00 ? 59 PHE A CD2  1 
ATOM 866  C CE1  . PHE A 1 59 ? -0.775  -1.362  6.437   1.00 0.00 ? 59 PHE A CE1  1 
ATOM 867  C CE2  . PHE A 1 59 ? -0.074  0.909   6.214   1.00 0.00 ? 59 PHE A CE2  1 
ATOM 868  C CZ   . PHE A 1 59 ? 0.066   -0.332  6.802   1.00 0.00 ? 59 PHE A CZ   1 
ATOM 869  H H    . PHE A 1 59 ? -1.721  1.498   1.887   1.00 0.00 ? 59 PHE A H    1 
ATOM 870  H HA   . PHE A 1 59 ? -2.215  -1.267  2.610   1.00 0.00 ? 59 PHE A HA   1 
ATOM 871  H HB2  . PHE A 1 59 ? -3.104  1.375   3.750   1.00 0.00 ? 59 PHE A HB2  1 
ATOM 872  H HB3  . PHE A 1 59 ? -3.864  -0.132  4.204   1.00 0.00 ? 59 PHE A HB3  1 
ATOM 873  H HD1  . PHE A 1 59 ? -2.406  -1.956  5.197   1.00 0.00 ? 59 PHE A HD1  1 
ATOM 874  H HD2  . PHE A 1 59 ? -1.164  2.084   4.803   1.00 0.00 ? 59 PHE A HD2  1 
ATOM 875  H HE1  . PHE A 1 59 ? -0.672  -2.333  6.896   1.00 0.00 ? 59 PHE A HE1  1 
ATOM 876  H HE2  . PHE A 1 59 ? 0.582   1.718   6.497   1.00 0.00 ? 59 PHE A HE2  1 
ATOM 877  H HZ   . PHE A 1 59 ? 0.831   -0.495  7.546   1.00 0.00 ? 59 PHE A HZ   1 
ATOM 878  N N    . TYR A 1 60 ? -4.285  -1.584  1.346   1.00 0.00 ? 60 TYR A N    1 
ATOM 879  C CA   . TYR A 1 60 ? -5.442  -1.820  0.518   1.00 0.00 ? 60 TYR A CA   1 
ATOM 880  C C    . TYR A 1 60 ? -6.576  -2.361  1.366   1.00 0.00 ? 60 TYR A C    1 
ATOM 881  O O    . TYR A 1 60 ? -6.346  -3.043  2.371   1.00 0.00 ? 60 TYR A O    1 
ATOM 882  C CB   . TYR A 1 60 ? -5.103  -2.803  -0.612  1.00 0.00 ? 60 TYR A CB   1 
ATOM 883  C CG   . TYR A 1 60 ? -4.651  -4.176  -0.142  1.00 0.00 ? 60 TYR A CG   1 
ATOM 884  C CD1  . TYR A 1 60 ? -5.575  -5.154  0.214   1.00 0.00 ? 60 TYR A CD1  1 
ATOM 885  C CD2  . TYR A 1 60 ? -3.302  -4.496  -0.065  1.00 0.00 ? 60 TYR A CD2  1 
ATOM 886  C CE1  . TYR A 1 60 ? -5.167  -6.404  0.632   1.00 0.00 ? 60 TYR A CE1  1 
ATOM 887  C CE2  . TYR A 1 60 ? -2.888  -5.747  0.353   1.00 0.00 ? 60 TYR A CE2  1 
ATOM 888  C CZ   . TYR A 1 60 ? -3.825  -6.695  0.700   1.00 0.00 ? 60 TYR A CZ   1 
ATOM 889  O OH   . TYR A 1 60 ? -3.417  -7.938  1.117   1.00 0.00 ? 60 TYR A OH   1 
ATOM 890  H H    . TYR A 1 60 ? -3.789  -2.355  1.704   1.00 0.00 ? 60 TYR A H    1 
ATOM 891  H HA   . TYR A 1 60 ? -5.745  -0.877  0.089   1.00 0.00 ? 60 TYR A HA   1 
ATOM 892  H HB2  . TYR A 1 60 ? -5.978  -2.941  -1.230  1.00 0.00 ? 60 TYR A HB2  1 
ATOM 893  H HB3  . TYR A 1 60 ? -4.309  -2.383  -1.213  1.00 0.00 ? 60 TYR A HB3  1 
ATOM 894  H HD1  . TYR A 1 60 ? -6.628  -4.925  0.162   1.00 0.00 ? 60 TYR A HD1  1 
ATOM 895  H HD2  . TYR A 1 60 ? -2.568  -3.750  -0.332  1.00 0.00 ? 60 TYR A HD2  1 
ATOM 896  H HE1  . TYR A 1 60 ? -5.900  -7.148  0.903   1.00 0.00 ? 60 TYR A HE1  1 
ATOM 897  H HE2  . TYR A 1 60 ? -1.835  -5.978  0.407   1.00 0.00 ? 60 TYR A HE2  1 
ATOM 898  H HH   . TYR A 1 60 ? -2.645  -7.847  1.685   1.00 0.00 ? 60 TYR A HH   1 
ATOM 899  N N    . ARG A 1 61 ? -7.794  -2.054  0.976   1.00 0.00 ? 61 ARG A N    1 
ATOM 900  C CA   . ARG A 1 61 ? -8.952  -2.625  1.634   1.00 0.00 ? 61 ARG A CA   1 
ATOM 901  C C    . ARG A 1 61 ? -9.708  -3.467  0.625   1.00 0.00 ? 61 ARG A C    1 
ATOM 902  O O    . ARG A 1 61 ? -10.041 -2.988  -0.459  1.00 0.00 ? 61 ARG A O    1 
ATOM 903  C CB   . ARG A 1 61 ? -9.874  -1.549  2.212   1.00 0.00 ? 61 ARG A CB   1 
ATOM 904  C CG   . ARG A 1 61 ? -10.986 -2.131  3.070   1.00 0.00 ? 61 ARG A CG   1 
ATOM 905  C CD   . ARG A 1 61 ? -11.873 -1.056  3.676   1.00 0.00 ? 61 ARG A CD   1 
ATOM 906  N NE   . ARG A 1 61 ? -12.725 -1.603  4.734   1.00 0.00 ? 61 ARG A NE   1 
ATOM 907  C CZ   . ARG A 1 61 ? -14.054 -1.700  4.659   1.00 0.00 ? 61 ARG A CZ   1 
ATOM 908  N NH1  . ARG A 1 61 ? -14.704 -1.226  3.600   1.00 0.00 ? 61 ARG A NH1  1 
ATOM 909  N NH2  . ARG A 1 61 ? -14.728 -2.253  5.662   1.00 0.00 ? 61 ARG A NH2  1 
ATOM 910  H H    . ARG A 1 61 ? -7.919  -1.452  0.199   1.00 0.00 ? 61 ARG A H    1 
ATOM 911  H HA   . ARG A 1 61 ? -8.597  -3.259  2.442   1.00 0.00 ? 61 ARG A HA   1 
ATOM 912  H HB2  . ARG A 1 61 ? -9.288  -0.880  2.823   1.00 0.00 ? 61 ARG A HB2  1 
ATOM 913  H HB3  . ARG A 1 61 ? -10.320 -0.993  1.401   1.00 0.00 ? 61 ARG A HB3  1 
ATOM 914  H HG2  . ARG A 1 61 ? -11.594 -2.778  2.457   1.00 0.00 ? 61 ARG A HG2  1 
ATOM 915  H HG3  . ARG A 1 61 ? -10.542 -2.706  3.869   1.00 0.00 ? 61 ARG A HG3  1 
ATOM 916  H HD2  . ARG A 1 61 ? -11.247 -0.279  4.089   1.00 0.00 ? 61 ARG A HD2  1 
ATOM 917  H HD3  . ARG A 1 61 ? -12.499 -0.642  2.899   1.00 0.00 ? 61 ARG A HD3  1 
ATOM 918  H HE   . ARG A 1 61 ? -12.275 -1.925  5.544   1.00 0.00 ? 61 ARG A HE   1 
ATOM 919  H HH11 . ARG A 1 61 ? -14.197 -0.781  2.847   1.00 0.00 ? 61 ARG A HH11 1 
ATOM 920  H HH12 . ARG A 1 61 ? -15.708 -1.311  3.541   1.00 0.00 ? 61 ARG A HH12 1 
ATOM 921  H HH21 . ARG A 1 61 ? -14.237 -2.594  6.475   1.00 0.00 ? 61 ARG A HH21 1 
ATOM 922  H HH22 . ARG A 1 61 ? -15.731 -2.344  5.615   1.00 0.00 ? 61 ARG A HH22 1 
ATOM 923  N N    . ASN A 1 62 ? -9.970  -4.709  0.964   1.00 0.00 ? 62 ASN A N    1 
ATOM 924  C CA   . ASN A 1 62 ? -10.630 -5.611  0.042   1.00 0.00 ? 62 ASN A CA   1 
ATOM 925  C C    . ASN A 1 62 ? -12.098 -5.699  0.357   1.00 0.00 ? 62 ASN A C    1 
ATOM 926  O O    . ASN A 1 62 ? -12.551 -5.263  1.420   1.00 0.00 ? 62 ASN A O    1 
ATOM 927  C CB   . ASN A 1 62 ? -10.017 -7.010  0.077   1.00 0.00 ? 62 ASN A CB   1 
ATOM 928  C CG   . ASN A 1 62 ? -9.656  -7.470  1.467   1.00 0.00 ? 62 ASN A CG   1 
ATOM 929  O OD1  . ASN A 1 62 ? -10.497 -7.976  2.210   1.00 0.00 ? 62 ASN A OD1  1 
ATOM 930  N ND2  . ASN A 1 62 ? -8.393  -7.310  1.816   1.00 0.00 ? 62 ASN A ND2  1 
ATOM 931  H H    . ASN A 1 62 ? -9.748  -5.020  1.869   1.00 0.00 ? 62 ASN A H    1 
ATOM 932  H HA   . ASN A 1 62 ? -10.514 -5.203  -0.953  1.00 0.00 ? 62 ASN A HA   1 
ATOM 933  H HB2  . ASN A 1 62 ? -10.725 -7.713  -0.335  1.00 0.00 ? 62 ASN A HB2  1 
ATOM 934  H HB3  . ASN A 1 62 ? -9.130  -7.016  -0.525  1.00 0.00 ? 62 ASN A HB3  1 
ATOM 935  H HD21 . ASN A 1 62 ? -7.780  -6.907  1.166   1.00 0.00 ? 62 ASN A HD21 1 
ATOM 936  H HD22 . ASN A 1 62 ? -8.118  -7.610  2.697   1.00 0.00 ? 62 ASN A HD22 1 
ATOM 937  N N    . ALA A 1 63 ? -12.831 -6.299  -0.558  1.00 0.00 ? 63 ALA A N    1 
ATOM 938  C CA   . ALA A 1 63 ? -14.277 -6.365  -0.453  1.00 0.00 ? 63 ALA A CA   1 
ATOM 939  C C    . ALA A 1 63 ? -14.705 -7.485  0.481   1.00 0.00 ? 63 ALA A C    1 
ATOM 940  O O    . ALA A 1 63 ? -15.855 -7.929  0.458   1.00 0.00 ? 63 ALA A O    1 
ATOM 941  C CB   . ALA A 1 63 ? -14.906 -6.538  -1.827  1.00 0.00 ? 63 ALA A CB   1 
ATOM 942  H H    . ALA A 1 63 ? -12.375 -6.723  -1.329  1.00 0.00 ? 63 ALA A H    1 
ATOM 943  H HA   . ALA A 1 63 ? -14.615 -5.425  -0.044  1.00 0.00 ? 63 ALA A HA   1 
ATOM 944  H HB1  . ALA A 1 63 ? -14.595 -5.728  -2.470  1.00 0.00 ? 63 ALA A HB1  1 
ATOM 945  H HB2  . ALA A 1 63 ? -15.984 -6.531  -1.734  1.00 0.00 ? 63 ALA A HB2  1 
ATOM 946  H HB3  . ALA A 1 63 ? -14.589 -7.477  -2.253  1.00 0.00 ? 63 ALA A HB3  1 
ATOM 947  N N    . GLN A 1 64 ? -13.764 -7.945  1.296   1.00 0.00 ? 64 GLN A N    1 
ATOM 948  C CA   . GLN A 1 64 ? -14.050 -8.927  2.322   1.00 0.00 ? 64 GLN A CA   1 
ATOM 949  C C    . GLN A 1 64 ? -13.884 -8.304  3.699   1.00 0.00 ? 64 GLN A C    1 
ATOM 950  O O    . GLN A 1 64 ? -14.071 -8.961  4.724   1.00 0.00 ? 64 GLN A O    1 
ATOM 951  C CB   . GLN A 1 64 ? -13.152 -10.151 2.162   1.00 0.00 ? 64 GLN A CB   1 
ATOM 952  C CG   . GLN A 1 64 ? -13.535 -11.004 0.964   1.00 0.00 ? 64 GLN A CG   1 
ATOM 953  C CD   . GLN A 1 64 ? -12.650 -12.219 0.785   1.00 0.00 ? 64 GLN A CD   1 
ATOM 954  O OE1  . GLN A 1 64 ? -13.109 -13.263 0.325   1.00 0.00 ? 64 GLN A OE1  1 
ATOM 955  N NE2  . GLN A 1 64 ? -11.377 -12.093 1.122   1.00 0.00 ? 64 GLN A NE2  1 
ATOM 956  H H    . GLN A 1 64 ? -12.849 -7.611  1.199   1.00 0.00 ? 64 GLN A H    1 
ATOM 957  H HA   . GLN A 1 64 ? -15.076 -9.229  2.202   1.00 0.00 ? 64 GLN A HA   1 
ATOM 958  H HB2  . GLN A 1 64 ? -12.132 -9.820  2.036   1.00 0.00 ? 64 GLN A HB2  1 
ATOM 959  H HB3  . GLN A 1 64 ? -13.223 -10.760 3.050   1.00 0.00 ? 64 GLN A HB3  1 
ATOM 960  H HG2  . GLN A 1 64 ? -14.552 -11.339 1.090   1.00 0.00 ? 64 GLN A HG2  1 
ATOM 961  H HG3  . GLN A 1 64 ? -13.466 -10.394 0.075   1.00 0.00 ? 64 GLN A HG3  1 
ATOM 962  H HE21 . GLN A 1 64 ? -11.071 -11.231 1.470   1.00 0.00 ? 64 GLN A HE21 1 
ATOM 963  H HE22 . GLN A 1 64 ? -10.784 -12.867 0.991   1.00 0.00 ? 64 GLN A HE22 1 
ATOM 964  N N    . GLY A 1 65 ? -13.519 -7.029  3.717   1.00 0.00 ? 65 GLY A N    1 
ATOM 965  C CA   . GLY A 1 65 ? -13.527 -6.275  4.947   1.00 0.00 ? 65 GLY A CA   1 
ATOM 966  C C    . GLY A 1 65 ? -12.153 -6.103  5.541   1.00 0.00 ? 65 GLY A C    1 
ATOM 967  O O    . GLY A 1 65 ? -12.002 -5.458  6.577   1.00 0.00 ? 65 GLY A O    1 
ATOM 968  H H    . GLY A 1 65 ? -13.226 -6.601  2.885   1.00 0.00 ? 65 GLY A H    1 
ATOM 969  H HA2  . GLY A 1 65 ? -13.946 -5.297  4.752   1.00 0.00 ? 65 GLY A HA2  1 
ATOM 970  H HA3  . GLY A 1 65 ? -14.155 -6.785  5.663   1.00 0.00 ? 65 GLY A HA3  1 
ATOM 971  N N    . LYS A 1 66 ? -11.138 -6.653  4.898   1.00 0.00 ? 66 LYS A N    1 
ATOM 972  C CA   . LYS A 1 66 ? -9.801  -6.580  5.460   1.00 0.00 ? 66 LYS A CA   1 
ATOM 973  C C    . LYS A 1 66 ? -9.024  -5.407  4.889   1.00 0.00 ? 66 LYS A C    1 
ATOM 974  O O    . LYS A 1 66 ? -9.253  -4.970  3.759   1.00 0.00 ? 66 LYS A O    1 
ATOM 975  C CB   . LYS A 1 66 ? -9.014  -7.869  5.243   1.00 0.00 ? 66 LYS A CB   1 
ATOM 976  C CG   . LYS A 1 66 ? -9.730  -9.123  5.719   1.00 0.00 ? 66 LYS A CG   1 
ATOM 977  C CD   . LYS A 1 66 ? -8.741  -10.207 6.111   1.00 0.00 ? 66 LYS A CD   1 
ATOM 978  C CE   . LYS A 1 66 ? -7.826  -10.593 4.961   1.00 0.00 ? 66 LYS A CE   1 
ATOM 979  N NZ   . LYS A 1 66 ? -6.769  -11.543 5.395   1.00 0.00 ? 66 LYS A NZ   1 
ATOM 980  H H    . LYS A 1 66 ? -11.289 -7.104  4.038   1.00 0.00 ? 66 LYS A H    1 
ATOM 981  H HA   . LYS A 1 66 ? -9.914  -6.424  6.521   1.00 0.00 ? 66 LYS A HA   1 
ATOM 982  H HB2  . LYS A 1 66 ? -8.809  -7.973  4.194   1.00 0.00 ? 66 LYS A HB2  1 
ATOM 983  H HB3  . LYS A 1 66 ? -8.078  -7.795  5.775   1.00 0.00 ? 66 LYS A HB3  1 
ATOM 984  H HG2  . LYS A 1 66 ? -10.338 -8.876  6.575   1.00 0.00 ? 66 LYS A HG2  1 
ATOM 985  H HG3  . LYS A 1 66 ? -10.358 -9.491  4.922   1.00 0.00 ? 66 LYS A HG3  1 
ATOM 986  H HD2  . LYS A 1 66 ? -8.135  -9.846  6.930   1.00 0.00 ? 66 LYS A HD2  1 
ATOM 987  H HD3  . LYS A 1 66 ? -9.289  -11.081 6.431   1.00 0.00 ? 66 LYS A HD3  1 
ATOM 988  H HE2  . LYS A 1 66 ? -8.418  -11.054 4.184   1.00 0.00 ? 66 LYS A HE2  1 
ATOM 989  H HE3  . LYS A 1 66 ? -7.358  -9.699  4.572   1.00 0.00 ? 66 LYS A HE3  1 
ATOM 990  H HZ1  . LYS A 1 66 ? -6.132  -11.079 6.079   1.00 0.00 ? 66 LYS A HZ1  1 
ATOM 991  H HZ2  . LYS A 1 66 ? -6.207  -11.857 4.572   1.00 0.00 ? 66 LYS A HZ2  1 
ATOM 992  H HZ3  . LYS A 1 66 ? -7.199  -12.375 5.850   1.00 0.00 ? 66 LYS A HZ3  1 
ATOM 993  N N    . VAL A 1 67 ? -8.107  -4.914  5.700   1.00 0.00 ? 67 VAL A N    1 
ATOM 994  C CA   . VAL A 1 67 ? -7.244  -3.801  5.348   1.00 0.00 ? 67 VAL A CA   1 
ATOM 995  C C    . VAL A 1 67 ? -5.796  -4.180  5.636   1.00 0.00 ? 67 VAL A C    1 
ATOM 996  O O    . VAL A 1 67 ? -5.349  -4.141  6.785   1.00 0.00 ? 67 VAL A O    1 
ATOM 997  C CB   . VAL A 1 67 ? -7.585  -2.519  6.142   1.00 0.00 ? 67 VAL A CB   1 
ATOM 998  C CG1  . VAL A 1 67 ? -6.746  -1.347  5.657   1.00 0.00 ? 67 VAL A CG1  1 
ATOM 999  C CG2  . VAL A 1 67 ? -9.071  -2.192  6.055   1.00 0.00 ? 67 VAL A CG2  1 
ATOM 1000 H H    . VAL A 1 67 ? -7.996  -5.333  6.575   1.00 0.00 ? 67 VAL A H    1 
ATOM 1001 H HA   . VAL A 1 67 ? -7.357  -3.600  4.291   1.00 0.00 ? 67 VAL A HA   1 
ATOM 1002 H HB   . VAL A 1 67 ? -7.341  -2.693  7.179   1.00 0.00 ? 67 VAL A HB   1 
ATOM 1003 H HG11 . VAL A 1 67 ? -5.701  -1.562  5.815   1.00 0.00 ? 67 VAL A HG11 1 
ATOM 1004 H HG12 . VAL A 1 67 ? -7.017  -0.456  6.205   1.00 0.00 ? 67 VAL A HG12 1 
ATOM 1005 H HG13 . VAL A 1 67 ? -6.926  -1.189  4.603   1.00 0.00 ? 67 VAL A HG13 1 
ATOM 1006 H HG21 . VAL A 1 67 ? -9.644  -3.014  6.461   1.00 0.00 ? 67 VAL A HG21 1 
ATOM 1007 H HG22 . VAL A 1 67 ? -9.347  -2.037  5.022   1.00 0.00 ? 67 VAL A HG22 1 
ATOM 1008 H HG23 . VAL A 1 67 ? -9.275  -1.297  6.622   1.00 0.00 ? 67 VAL A HG23 1 
ATOM 1009 N N    . ASP A 1 68 ? -5.080  -4.545  4.590   1.00 0.00 ? 68 ASP A N    1 
ATOM 1010 C CA   . ASP A 1 68 ? -3.696  -4.991  4.704   1.00 0.00 ? 68 ASP A CA   1 
ATOM 1011 C C    . ASP A 1 68 ? -2.848  -4.207  3.723   1.00 0.00 ? 68 ASP A C    1 
ATOM 1012 O O    . ASP A 1 68 ? -3.383  -3.520  2.869   1.00 0.00 ? 68 ASP A O    1 
ATOM 1013 C CB   . ASP A 1 68 ? -3.589  -6.485  4.404   1.00 0.00 ? 68 ASP A CB   1 
ATOM 1014 C CG   . ASP A 1 68 ? -4.135  -7.343  5.523   1.00 0.00 ? 68 ASP A CG   1 
ATOM 1015 O OD1  . ASP A 1 68 ? -4.087  -6.901  6.691   1.00 0.00 ? 68 ASP A OD1  1 
ATOM 1016 O OD2  . ASP A 1 68 ? -4.613  -8.463  5.237   1.00 0.00 ? 68 ASP A OD2  1 
ATOM 1017 H H    . ASP A 1 68 ? -5.486  -4.487  3.698   1.00 0.00 ? 68 ASP A H    1 
ATOM 1018 H HA   . ASP A 1 68 ? -3.360  -4.800  5.713   1.00 0.00 ? 68 ASP A HA   1 
ATOM 1019 H HB2  . ASP A 1 68 ? -4.143  -6.706  3.504   1.00 0.00 ? 68 ASP A HB2  1 
ATOM 1020 H HB3  . ASP A 1 68 ? -2.551  -6.743  4.253   1.00 0.00 ? 68 ASP A HB3  1 
ATOM 1021 N N    . TRP A 1 69 ? -1.535  -4.302  3.820   1.00 0.00 ? 69 TRP A N    1 
ATOM 1022 C CA   . TRP A 1 69 ? -0.680  -3.552  2.911   1.00 0.00 ? 69 TRP A CA   1 
ATOM 1023 C C    . TRP A 1 69 ? -0.133  -4.460  1.816   1.00 0.00 ? 69 TRP A C    1 
ATOM 1024 O O    . TRP A 1 69 ? 0.030   -5.664  2.021   1.00 0.00 ? 69 TRP A O    1 
ATOM 1025 C CB   . TRP A 1 69 ? 0.466   -2.859  3.660   1.00 0.00 ? 69 TRP A CB   1 
ATOM 1026 C CG   . TRP A 1 69 ? 1.451   -3.792  4.297   1.00 0.00 ? 69 TRP A CG   1 
ATOM 1027 C CD1  . TRP A 1 69 ? 1.382   -4.340  5.545   1.00 0.00 ? 69 TRP A CD1  1 
ATOM 1028 C CD2  . TRP A 1 69 ? 2.666   -4.268  3.715   1.00 0.00 ? 69 TRP A CD2  1 
ATOM 1029 N NE1  . TRP A 1 69 ? 2.480   -5.135  5.769   1.00 0.00 ? 69 TRP A NE1  1 
ATOM 1030 C CE2  . TRP A 1 69 ? 3.281   -5.109  4.659   1.00 0.00 ? 69 TRP A CE2  1 
ATOM 1031 C CE3  . TRP A 1 69 ? 3.291   -4.070  2.482   1.00 0.00 ? 69 TRP A CE3  1 
ATOM 1032 C CZ2  . TRP A 1 69 ? 4.490   -5.747  4.409   1.00 0.00 ? 69 TRP A CZ2  1 
ATOM 1033 C CZ3  . TRP A 1 69 ? 4.491   -4.702  2.236   1.00 0.00 ? 69 TRP A CZ3  1 
ATOM 1034 C CH2  . TRP A 1 69 ? 5.079   -5.535  3.195   1.00 0.00 ? 69 TRP A CH2  1 
ATOM 1035 H H    . TRP A 1 69 ? -1.135  -4.891  4.489   1.00 0.00 ? 69 TRP A H    1 
ATOM 1036 H HA   . TRP A 1 69 ? -1.300  -2.793  2.447   1.00 0.00 ? 69 TRP A HA   1 
ATOM 1037 H HB2  . TRP A 1 69 ? 1.009   -2.235  2.966   1.00 0.00 ? 69 TRP A HB2  1 
ATOM 1038 H HB3  . TRP A 1 69 ? 0.048   -2.237  4.438   1.00 0.00 ? 69 TRP A HB3  1 
ATOM 1039 H HD1  . TRP A 1 69 ? 0.578   -4.166  6.241   1.00 0.00 ? 69 TRP A HD1  1 
ATOM 1040 H HE1  . TRP A 1 69 ? 2.659   -5.642  6.590   1.00 0.00 ? 69 TRP A HE1  1 
ATOM 1041 H HE3  . TRP A 1 69 ? 2.852   -3.430  1.728   1.00 0.00 ? 69 TRP A HE3  1 
ATOM 1042 H HZ2  . TRP A 1 69 ? 4.957   -6.392  5.139   1.00 0.00 ? 69 TRP A HZ2  1 
ATOM 1043 H HZ3  . TRP A 1 69 ? 4.988   -4.559  1.288   1.00 0.00 ? 69 TRP A HZ3  1 
ATOM 1044 H HH2  . TRP A 1 69 ? 6.019   -6.009  2.959   1.00 0.00 ? 69 TRP A HH2  1 
ATOM 1045 N N    . GLY A 1 70 ? 0.137   -3.882  0.656   1.00 0.00 ? 70 GLY A N    1 
ATOM 1046 C CA   . GLY A 1 70 ? 0.637   -4.654  -0.460  1.00 0.00 ? 70 GLY A CA   1 
ATOM 1047 C C    . GLY A 1 70 ? 1.593   -3.861  -1.326  1.00 0.00 ? 70 GLY A C    1 
ATOM 1048 O O    . GLY A 1 70 ? 1.447   -2.643  -1.469  1.00 0.00 ? 70 GLY A O    1 
ATOM 1049 H H    . GLY A 1 70 ? -0.002  -2.912  0.554   1.00 0.00 ? 70 GLY A H    1 
ATOM 1050 H HA2  . GLY A 1 70 ? 1.150   -5.526  -0.080  1.00 0.00 ? 70 GLY A HA2  1 
ATOM 1051 H HA3  . GLY A 1 70 ? -0.198  -4.977  -1.065  1.00 0.00 ? 70 GLY A HA3  1 
ATOM 1052 N N    . TYR A 1 71 ? 2.576   -4.555  -1.897  1.00 0.00 ? 71 TYR A N    1 
ATOM 1053 C CA   . TYR A 1 71 ? 3.577   -3.922  -2.749  1.00 0.00 ? 71 TYR A CA   1 
ATOM 1054 C C    . TYR A 1 71 ? 3.004   -3.548  -4.110  1.00 0.00 ? 71 TYR A C    1 
ATOM 1055 O O    . TYR A 1 71 ? 2.387   -4.370  -4.794  1.00 0.00 ? 71 TYR A O    1 
ATOM 1056 C CB   . TYR A 1 71 ? 4.781   -4.847  -2.966  1.00 0.00 ? 71 TYR A CB   1 
ATOM 1057 C CG   . TYR A 1 71 ? 5.685   -5.012  -1.765  1.00 0.00 ? 71 TYR A CG   1 
ATOM 1058 C CD1  . TYR A 1 71 ? 6.527   -3.984  -1.360  1.00 0.00 ? 71 TYR A CD1  1 
ATOM 1059 C CD2  . TYR A 1 71 ? 5.719   -6.206  -1.057  1.00 0.00 ? 71 TYR A CD2  1 
ATOM 1060 C CE1  . TYR A 1 71 ? 7.377   -4.141  -0.282  1.00 0.00 ? 71 TYR A CE1  1 
ATOM 1061 C CE2  . TYR A 1 71 ? 6.562   -6.369  0.025   1.00 0.00 ? 71 TYR A CE2  1 
ATOM 1062 C CZ   . TYR A 1 71 ? 7.391   -5.335  0.408   1.00 0.00 ? 71 TYR A CZ   1 
ATOM 1063 O OH   . TYR A 1 71 ? 8.236   -5.496  1.481   1.00 0.00 ? 71 TYR A OH   1 
ATOM 1064 H H    . TYR A 1 71 ? 2.628   -5.517  -1.737  1.00 0.00 ? 71 TYR A H    1 
ATOM 1065 H HA   . TYR A 1 71 ? 3.913   -3.024  -2.256  1.00 0.00 ? 71 TYR A HA   1 
ATOM 1066 H HB2  . TYR A 1 71 ? 4.423   -5.826  -3.241  1.00 0.00 ? 71 TYR A HB2  1 
ATOM 1067 H HB3  . TYR A 1 71 ? 5.379   -4.454  -3.776  1.00 0.00 ? 71 TYR A HB3  1 
ATOM 1068 H HD1  . TYR A 1 71 ? 6.512   -3.050  -1.900  1.00 0.00 ? 71 TYR A HD1  1 
ATOM 1069 H HD2  . TYR A 1 71 ? 5.069   -7.015  -1.360  1.00 0.00 ? 71 TYR A HD2  1 
ATOM 1070 H HE1  . TYR A 1 71 ? 8.023   -3.330  0.018   1.00 0.00 ? 71 TYR A HE1  1 
ATOM 1071 H HE2  . TYR A 1 71 ? 6.572   -7.305  0.565   1.00 0.00 ? 71 TYR A HE2  1 
ATOM 1072 H HH   . TYR A 1 71 ? 8.655   -6.368  1.431   1.00 0.00 ? 71 TYR A HH   1 
ATOM 1073 N N    . CYS A 1 72 ? 3.235   -2.312  -4.501  1.00 0.00 ? 72 CYS A N    1 
ATOM 1074 C CA   . CYS A 1 72 ? 2.909   -1.851  -5.834  1.00 0.00 ? 72 CYS A CA   1 
ATOM 1075 C C    . CYS A 1 72 ? 4.095   -2.126  -6.749  1.00 0.00 ? 72 CYS A C    1 
ATOM 1076 O O    . CYS A 1 72 ? 4.949   -1.267  -6.964  1.00 0.00 ? 72 CYS A O    1 
ATOM 1077 C CB   . CYS A 1 72 ? 2.586   -0.359  -5.821  1.00 0.00 ? 72 CYS A CB   1 
ATOM 1078 S SG   . CYS A 1 72 ? 1.316   0.118   -4.600  1.00 0.00 ? 72 CYS A SG   1 
ATOM 1079 H H    . CYS A 1 72 ? 3.659   -1.683  -3.872  1.00 0.00 ? 72 CYS A H    1 
ATOM 1080 H HA   . CYS A 1 72 ? 2.049   -2.402  -6.187  1.00 0.00 ? 72 CYS A HA   1 
ATOM 1081 H HB2  . CYS A 1 72 ? 3.487   0.184   -5.593  1.00 0.00 ? 72 CYS A HB2  1 
ATOM 1082 H HB3  . CYS A 1 72 ? 2.232   -0.066  -6.799  1.00 0.00 ? 72 CYS A HB3  1 
ATOM 1083 N N    . ASP A 1 73 ? 4.166   -3.354  -7.229  1.00 0.00 ? 73 ASP A N    1 
ATOM 1084 C CA   . ASP A 1 73 ? 5.242   -3.780  -8.123  1.00 0.00 ? 73 ASP A CA   1 
ATOM 1085 C C    . ASP A 1 73 ? 4.673   -4.454  -9.369  1.00 0.00 ? 73 ASP A C    1 
ATOM 1086 O O    . ASP A 1 73 ? 4.744   -3.903  -10.463 1.00 0.00 ? 73 ASP A O    1 
ATOM 1087 C CB   . ASP A 1 73 ? 6.154   -4.746  -7.390  1.00 0.00 ? 73 ASP A CB   1 
ATOM 1088 C CG   . ASP A 1 73 ? 7.308   -5.222  -8.244  1.00 0.00 ? 73 ASP A CG   1 
ATOM 1089 O OD1  . ASP A 1 73 ? 8.349   -4.530  -8.279  1.00 0.00 ? 73 ASP A OD1  1 
ATOM 1090 O OD2  . ASP A 1 73 ? 7.190   -6.291  -8.867  1.00 0.00 ? 73 ASP A OD2  1 
ATOM 1091 H H    . ASP A 1 73 ? 3.484   -3.998  -6.960  1.00 0.00 ? 73 ASP A H    1 
ATOM 1092 H HA   . ASP A 1 73 ? 5.806   -2.908  -8.416  1.00 0.00 ? 73 ASP A HA   1 
ATOM 1093 H HB2  . ASP A 1 73 ? 6.552   -4.260  -6.513  1.00 0.00 ? 73 ASP A HB2  1 
ATOM 1094 H HB3  . ASP A 1 73 ? 5.569   -5.599  -7.088  1.00 0.00 ? 73 ASP A HB3  1 
ATOM 1095 N N    . CYS A 1 74 ? 4.076   -5.636  -9.166  1.00 0.00 ? 74 CYS A N    1 
ATOM 1096 C CA   . CYS A 1 74 ? 3.302   -6.344  -10.191 1.00 0.00 ? 74 CYS A CA   1 
ATOM 1097 C C    . CYS A 1 74 ? 2.986   -7.748  -9.694  1.00 0.00 ? 74 CYS A C    1 
ATOM 1098 O O    . CYS A 1 74 ? 3.575   -8.730  -10.144 1.00 0.00 ? 74 CYS A O    1 
ATOM 1099 C CB   . CYS A 1 74 ? 4.054   -6.419  -11.530 1.00 0.00 ? 74 CYS A CB   1 
ATOM 1100 S SG   . CYS A 1 74 ? 3.104   -7.199  -12.880 1.00 0.00 ? 74 CYS A SG   1 
ATOM 1101 H H    . CYS A 1 74 ? 4.178   -6.063  -8.294  1.00 0.00 ? 74 CYS A H    1 
ATOM 1102 H HA   . CYS A 1 74 ? 2.365   -5.808  -10.327 1.00 0.00 ? 74 CYS A HA   1 
ATOM 1103 H HB2  . CYS A 1 74 ? 4.310   -5.420  -11.848 1.00 0.00 ? 74 CYS A HB2  1 
ATOM 1104 H HB3  . CYS A 1 74 ? 4.960   -6.992  -11.393 1.00 0.00 ? 74 CYS A HB3  1 
ATOM 1105 N N    . GLY A 1 75 ? 2.051   -7.832  -8.753  1.00 0.00 ? 75 GLY A N    1 
ATOM 1106 C CA   . GLY A 1 75 ? 1.738   -9.107  -8.137  1.00 0.00 ? 75 GLY A CA   1 
ATOM 1107 C C    . GLY A 1 75 ? 2.912   -9.655  -7.353  1.00 0.00 ? 75 GLY A C    1 
ATOM 1108 O O    . GLY A 1 75 ? 3.530   -10.643 -7.749  1.00 0.00 ? 75 GLY A O    1 
ATOM 1109 H H    . GLY A 1 75 ? 1.566   -7.024  -8.485  1.00 0.00 ? 75 GLY A H    1 
ATOM 1110 H HA2  . GLY A 1 75 ? 0.897   -8.977  -7.472  1.00 0.00 ? 75 GLY A HA2  1 
ATOM 1111 H HA3  . GLY A 1 75 ? 1.471   -9.815  -8.910  1.00 0.00 ? 75 GLY A HA3  1 
ATOM 1112 N N    . GLN A 1 76 ? 3.223   -9.012  -6.237  1.00 0.00 ? 76 GLN A N    1 
ATOM 1113 C CA   . GLN A 1 76 ? 4.380   -9.389  -5.441  1.00 0.00 ? 76 GLN A CA   1 
ATOM 1114 C C    . GLN A 1 76 ? 4.045   -10.565 -4.530  1.00 0.00 ? 76 GLN A C    1 
ATOM 1115 O O    . GLN A 1 76 ? 3.310   -10.418 -3.551  1.00 0.00 ? 76 GLN A O    1 
ATOM 1116 C CB   . GLN A 1 76 ? 4.853   -8.199  -4.602  1.00 0.00 ? 76 GLN A CB   1 
ATOM 1117 C CG   . GLN A 1 76 ? 6.149   -8.461  -3.846  1.00 0.00 ? 76 GLN A CG   1 
ATOM 1118 C CD   . GLN A 1 76 ? 7.338   -8.642  -4.773  1.00 0.00 ? 76 GLN A CD   1 
ATOM 1119 O OE1  . GLN A 1 76 ? 7.394   -8.053  -5.852  1.00 0.00 ? 76 GLN A OE1  1 
ATOM 1120 N NE2  . GLN A 1 76 ? 8.291   -9.460  -4.363  1.00 0.00 ? 76 GLN A NE2  1 
ATOM 1121 H H    . GLN A 1 76 ? 2.658   -8.273  -5.937  1.00 0.00 ? 76 GLN A H    1 
ATOM 1122 H HA   . GLN A 1 76 ? 5.170   -9.682  -6.117  1.00 0.00 ? 76 GLN A HA   1 
ATOM 1123 H HB2  . GLN A 1 76 ? 5.006   -7.351  -5.254  1.00 0.00 ? 76 GLN A HB2  1 
ATOM 1124 H HB3  . GLN A 1 76 ? 4.087   -7.955  -3.881  1.00 0.00 ? 76 GLN A HB3  1 
ATOM 1125 H HG2  . GLN A 1 76 ? 6.348   -7.625  -3.193  1.00 0.00 ? 76 GLN A HG2  1 
ATOM 1126 H HG3  . GLN A 1 76 ? 6.032   -9.359  -3.257  1.00 0.00 ? 76 GLN A HG3  1 
ATOM 1127 H HE21 . GLN A 1 76 ? 8.179   -9.903  -3.487  1.00 0.00 ? 76 GLN A HE21 1 
ATOM 1128 H HE22 . GLN A 1 76 ? 9.063   -9.604  -4.947  1.00 0.00 ? 76 GLN A HE22 1 
ATOM 1129 N N    . GLY A 1 77 ? 4.579   -11.727 -4.868  1.00 0.00 ? 77 GLY A N    1 
ATOM 1130 C CA   . GLY A 1 77 ? 4.376   -12.904 -4.055  1.00 0.00 ? 77 GLY A CA   1 
ATOM 1131 C C    . GLY A 1 77 ? 5.534   -13.863 -4.183  1.00 0.00 ? 77 GLY A C    1 
ATOM 1132 O O    . GLY A 1 77 ? 5.847   -14.566 -3.203  1.00 0.00 ? 77 GLY A O    1 
ATOM 1133 O OXT  . GLY A 1 77 ? 6.146   -13.910 -5.271  1.00 0.00 ? 77 GLY A OXT  1 
ATOM 1134 H H    . GLY A 1 77 ? 5.123   -11.789 -5.680  1.00 0.00 ? 77 GLY A H    1 
ATOM 1135 H HA2  . GLY A 1 77 ? 4.274   -12.608 -3.020  1.00 0.00 ? 77 GLY A HA2  1 
ATOM 1136 H HA3  . GLY A 1 77 ? 3.470   -13.401 -4.372  1.00 0.00 ? 77 GLY A HA3  1 
# 
